data_6MLM
#
_entry.id   6MLM
#
_cell.length_a   1.0
_cell.length_b   1.0
_cell.length_c   1.0
_cell.angle_alpha   90.00
_cell.angle_beta   90.00
_cell.angle_gamma   90.00
#
_symmetry.space_group_name_H-M   'P 1'
#
loop_
_entity.id
_entity.type
_entity.pdbx_description
1 polymer 'Hemagglutinin HA1 chain'
2 polymer 'Hemagglutinin HA2 chain'
3 polymer 'Heavy chain Fv of H7.5 Fab'
4 polymer 'Light chain Fv of H7.5 Fab'
5 non-polymer 2-acetamido-2-deoxy-beta-D-glucopyranose
#
loop_
_entity_poly.entity_id
_entity_poly.type
_entity_poly.pdbx_seq_one_letter_code
_entity_poly.pdbx_strand_id
1 'polypeptide(L)'
;MNTQILAFIACVLTGVKGDKICLGHHAVANGTKVNTLTERGIEVVNATETVETTNIKKICTQGKRPTDLGQCGLLGTLIG
PPQCDQFLEFSSDLIIERREGTDICYPGRFTNEESLRQILRRSGGIGKESMGFTYSGIRTNGATSACTRSGSSFYAEMKW
LLSNSDNAAFPQMTKAYRNPRNKPALIIWGVHHSESVSEQTKLYGSGNKLITVRSSKYQQSFTPNPGARRIDFHWLLLDP
NDTVTFTFNGAFIAPDRTSFFRGESLGVQSDAPLDSSCRGDCFHSGGTIVSSLPFQNINSRTVGKCPRYVKQKSLLLATG
MRNVPEKP
;
A,B,H
2 'polypeptide(L)'
;KPRGLFGAIAGFIENGWEGLINGWYGFRHQNAQGEGTAADYKSTQSAIDQITGKLNRLIGKTNQQFELIDNEFNEIEQQI
GNVINWTRDAMTEIWSYNAELLVAMENQHTIDLADSEMSKLYERVKKQLRENAEEDGTGCFEIFHKCDDQCMESIRNNTY
DHTQYRTESLQNRIQIDPVKLSSGYKDIILWFSFGASCFLLLAIAMGLVFICIKNGNMQCTICI
;
C,D,J
3 'polypeptide(L)'
;VQLVQSGAEVKKPGASVKVSCKASGYTLTRYYFHWVRQAPGQGFEWMGIINPNGGGTSYAQKFGDRVIMTSDMSTSTIYM
ELSSLRSEDTAVYYCARDMPYYHDSGGPLFDLWGQGTLVTVSSASTKGPSVFPLAPSGGTAALGCLVKDYFPEPVTVSWN
SGALTSGVHTFPAVLQSSGLYSLSSVVTVPSSSLGTQTYICNVNHKPSNTKVDKKVEPK
;
E,F,K
4 'polypeptide(L)'
;EIVMTQSPSSLSASVGDRVTITCRPSQSISTFLNWYEQKPGKAPKLLIYDASSLQSGVPSRFSGSGSGTEFTLTISSLQP
EDFATYYCQQSFSTPYTFGQGTRLEIKRTVAAPSVFIFPPSDEQLKSGTASVVCLLNNFYPREAKVQWKVDNALQSGNSQ
ESVTEQDSKDSTYSLSSTLTLSKADYEKHKVYACEVTHQGLSSPVTKSFNRGE
;
I,G,L
#
# COMPACT_ATOMS: atom_id res chain seq x y z
N GLY A 18 32.26 -13.08 71.31
CA GLY A 18 33.45 -12.24 71.40
C GLY A 18 33.94 -11.85 70.02
N ASP A 19 33.70 -12.71 69.04
CA ASP A 19 34.11 -12.48 67.66
C ASP A 19 32.92 -12.72 66.73
N LYS A 20 32.89 -12.02 65.61
CA LYS A 20 31.77 -12.19 64.68
C LYS A 20 32.18 -12.43 63.23
N ILE A 21 31.35 -13.16 62.50
CA ILE A 21 31.48 -13.26 61.06
C ILE A 21 30.34 -12.50 60.42
N CYS A 22 30.61 -11.32 59.85
CA CYS A 22 29.53 -10.52 59.32
C CYS A 22 29.63 -10.33 57.80
N LEU A 23 28.62 -10.86 57.10
CA LEU A 23 28.62 -10.84 55.65
C LEU A 23 28.31 -9.45 55.13
N GLY A 24 29.28 -8.84 54.43
CA GLY A 24 29.13 -7.47 53.94
C GLY A 24 28.47 -7.43 52.57
N HIS A 25 27.93 -6.26 52.23
CA HIS A 25 27.27 -6.06 50.95
C HIS A 25 27.95 -4.99 50.08
N HIS A 26 29.22 -4.69 50.38
CA HIS A 26 29.94 -3.70 49.58
C HIS A 26 29.13 -2.41 49.43
N ALA A 27 28.62 -1.90 50.55
CA ALA A 27 27.70 -0.78 50.51
C ALA A 27 28.43 0.55 50.39
N VAL A 28 28.65 0.96 49.16
CA VAL A 28 29.34 2.22 48.86
C VAL A 28 28.43 3.41 49.13
N ALA A 29 29.02 4.61 49.15
CA ALA A 29 28.26 5.84 49.32
C ALA A 29 27.18 5.91 48.25
N ASN A 30 26.16 6.71 48.50
CA ASN A 30 24.96 6.69 47.68
C ASN A 30 25.30 6.50 46.20
N GLY A 31 24.61 5.53 45.59
CA GLY A 31 24.84 5.12 44.20
C GLY A 31 23.65 5.41 43.30
N THR A 32 23.27 4.41 42.50
CA THR A 32 22.17 4.58 41.54
C THR A 32 21.06 3.57 41.78
N LYS A 33 19.98 3.69 40.99
CA LYS A 33 18.79 2.89 41.20
C LYS A 33 18.37 2.11 39.95
N VAL A 34 17.76 0.95 40.16
CA VAL A 34 17.29 0.12 39.05
C VAL A 34 15.83 -0.29 39.18
N ASN A 35 15.25 -0.72 38.06
CA ASN A 35 13.89 -1.24 38.05
C ASN A 35 13.89 -2.77 38.06
N THR A 36 13.12 -3.35 38.98
CA THR A 36 13.05 -4.81 39.09
C THR A 36 11.63 -5.31 38.94
N LEU A 37 11.46 -6.63 39.10
CA LEU A 37 10.15 -7.25 39.00
C LEU A 37 9.31 -7.03 40.25
N THR A 38 9.92 -6.56 41.33
CA THR A 38 9.20 -6.41 42.59
C THR A 38 8.93 -4.94 42.89
N GLU A 39 9.97 -4.13 42.82
CA GLU A 39 9.86 -2.70 43.07
C GLU A 39 10.67 -1.92 42.05
N ARG A 40 10.31 -0.66 41.86
CA ARG A 40 11.07 0.22 40.99
C ARG A 40 11.87 1.21 41.80
N GLY A 41 13.07 1.54 41.31
CA GLY A 41 13.88 2.54 41.97
C GLY A 41 14.71 1.97 43.12
N ILE A 42 14.98 0.67 43.07
CA ILE A 42 15.78 0.05 44.13
C ILE A 42 17.24 0.47 43.99
N GLU A 43 17.82 1.00 45.06
CA GLU A 43 19.20 1.44 44.97
C GLU A 43 20.16 0.25 44.95
N VAL A 44 21.11 0.26 44.03
CA VAL A 44 22.08 -0.81 43.95
C VAL A 44 23.50 -0.27 43.98
N VAL A 45 24.40 -1.06 44.55
CA VAL A 45 25.78 -0.66 44.69
C VAL A 45 26.44 -0.53 43.37
N ASN A 46 26.24 -1.54 42.55
CA ASN A 46 26.98 -1.58 41.31
C ASN A 46 26.15 -2.07 40.13
N ALA A 47 26.11 -1.23 39.09
CA ALA A 47 25.26 -1.38 37.90
C ALA A 47 25.88 -0.72 36.67
N THR A 48 25.36 -1.09 35.50
CA THR A 48 25.79 -0.50 34.23
C THR A 48 24.57 -0.19 33.38
N GLU A 49 24.68 0.84 32.57
CA GLU A 49 23.57 1.14 31.68
C GLU A 49 23.67 0.31 30.42
N THR A 50 22.55 -0.27 30.00
CA THR A 50 22.51 -1.11 28.81
C THR A 50 22.04 -0.34 27.61
N VAL A 51 21.69 0.92 27.81
CA VAL A 51 21.26 1.79 26.72
C VAL A 51 22.22 2.94 26.54
N GLU A 52 23.01 2.92 25.47
CA GLU A 52 23.95 4.02 25.30
C GLU A 52 23.32 5.15 24.51
N THR A 53 23.61 6.37 24.94
CA THR A 53 23.09 7.57 24.29
C THR A 53 24.20 8.34 23.59
N THR A 54 25.40 7.77 23.58
CA THR A 54 26.53 8.42 22.95
C THR A 54 26.43 8.34 21.44
N ASN A 55 26.18 9.47 20.82
CA ASN A 55 26.07 9.57 19.38
C ASN A 55 27.35 10.12 18.79
N ILE A 56 28.09 9.27 18.10
CA ILE A 56 29.33 9.71 17.51
C ILE A 56 28.99 10.38 16.18
N LYS A 57 29.33 11.66 16.06
CA LYS A 57 28.82 12.47 14.96
C LYS A 57 29.62 12.36 13.68
N LYS A 58 30.49 11.36 13.60
CA LYS A 58 31.27 11.13 12.40
C LYS A 58 31.15 9.67 11.95
N ILE A 59 31.21 9.45 10.65
CA ILE A 59 31.04 8.12 10.06
C ILE A 59 32.32 7.30 10.08
N CYS A 60 32.21 6.09 10.62
CA CYS A 60 33.33 5.18 10.69
C CYS A 60 33.68 4.62 9.31
N THR A 61 34.97 4.61 8.99
CA THR A 61 35.40 4.14 7.68
C THR A 61 36.53 3.11 7.75
N GLN A 62 36.74 2.51 8.92
CA GLN A 62 37.78 1.49 9.05
C GLN A 62 37.36 0.17 8.43
N GLY A 63 37.48 0.12 7.10
CA GLY A 63 37.08 -1.00 6.24
C GLY A 63 37.23 -0.55 4.80
N LYS A 64 36.53 -1.18 3.87
CA LYS A 64 36.64 -0.68 2.51
C LYS A 64 35.93 0.67 2.48
N ARG A 65 36.71 1.71 2.23
CA ARG A 65 36.22 3.07 2.39
C ARG A 65 34.99 3.29 1.51
N PRO A 66 34.01 4.03 2.04
CA PRO A 66 32.71 4.25 1.45
C PRO A 66 32.73 5.07 0.20
N THR A 67 31.70 4.88 -0.61
CA THR A 67 31.46 5.79 -1.71
C THR A 67 30.64 6.95 -1.19
N ASP A 68 31.29 8.09 -0.99
CA ASP A 68 30.61 9.25 -0.44
C ASP A 68 30.04 10.02 -1.60
N LEU A 69 28.79 9.74 -1.88
CA LEU A 69 28.17 10.19 -3.11
C LEU A 69 28.02 11.71 -3.16
N GLY A 70 27.87 12.35 -2.01
CA GLY A 70 27.71 13.80 -2.03
C GLY A 70 26.47 14.19 -2.81
N GLN A 71 26.66 15.03 -3.84
CA GLN A 71 25.57 15.49 -4.68
C GLN A 71 24.95 14.36 -5.50
N CYS A 72 25.68 13.26 -5.63
CA CYS A 72 25.20 12.08 -6.34
C CYS A 72 24.27 11.26 -5.44
N GLY A 73 23.17 10.77 -6.00
CA GLY A 73 22.33 9.83 -5.25
C GLY A 73 22.78 8.39 -5.53
N LEU A 74 22.22 7.41 -4.81
CA LEU A 74 22.61 6.02 -5.03
C LEU A 74 22.16 5.49 -6.38
N LEU A 75 20.93 5.77 -6.76
CA LEU A 75 20.42 5.29 -8.06
C LEU A 75 21.13 5.99 -9.19
N GLY A 76 21.62 7.20 -8.92
CA GLY A 76 22.37 7.96 -9.91
C GLY A 76 23.59 7.18 -10.43
N THR A 77 24.10 6.25 -9.63
CA THR A 77 25.29 5.49 -10.01
C THR A 77 24.99 4.50 -11.13
N LEU A 78 23.72 4.25 -11.37
CA LEU A 78 23.30 3.35 -12.44
C LEU A 78 22.90 4.12 -13.69
N ILE A 79 22.77 5.43 -13.57
CA ILE A 79 22.26 6.26 -14.63
C ILE A 79 23.35 7.19 -15.20
N GLY A 80 24.01 7.89 -14.29
CA GLY A 80 25.10 8.81 -14.63
C GLY A 80 24.66 10.24 -14.90
N PRO A 81 24.10 10.93 -13.90
CA PRO A 81 24.12 12.37 -13.72
C PRO A 81 25.59 12.79 -13.67
N PRO A 82 25.92 14.00 -14.08
CA PRO A 82 27.27 14.53 -14.18
C PRO A 82 27.98 14.54 -12.82
N GLN A 83 27.21 14.57 -11.74
CA GLN A 83 27.79 14.54 -10.40
C GLN A 83 28.13 13.12 -9.98
N CYS A 84 27.68 12.15 -10.79
CA CYS A 84 27.86 10.74 -10.50
C CYS A 84 28.86 10.09 -11.45
N ASP A 85 29.41 10.88 -12.36
CA ASP A 85 30.27 10.33 -13.41
C ASP A 85 31.44 9.53 -12.85
N GLN A 86 31.99 9.98 -11.72
CA GLN A 86 33.13 9.31 -11.10
C GLN A 86 32.71 8.10 -10.25
N PHE A 87 31.41 7.92 -10.05
CA PHE A 87 30.92 6.84 -9.20
C PHE A 87 30.15 5.78 -9.98
N LEU A 88 30.29 5.80 -11.30
CA LEU A 88 29.57 4.87 -12.15
C LEU A 88 30.02 3.43 -11.96
N GLU A 89 31.25 3.24 -11.51
CA GLU A 89 31.75 1.90 -11.23
C GLU A 89 32.55 1.94 -9.93
N PHE A 90 32.11 1.17 -8.94
CA PHE A 90 32.70 1.28 -7.60
C PHE A 90 32.54 0.04 -6.74
N SER A 91 33.32 -0.04 -5.66
CA SER A 91 33.19 -1.12 -4.69
C SER A 91 33.55 -0.66 -3.28
N SER A 92 32.74 -1.07 -2.31
CA SER A 92 32.99 -0.75 -0.90
C SER A 92 32.10 -1.57 0.02
N ASP A 93 32.36 -1.48 1.33
CA ASP A 93 31.51 -2.14 2.31
C ASP A 93 30.54 -1.14 2.92
N LEU A 94 30.50 0.06 2.37
CA LEU A 94 29.70 1.13 2.92
C LEU A 94 29.34 2.15 1.84
N ILE A 95 28.09 2.55 1.79
CA ILE A 95 27.67 3.56 0.83
C ILE A 95 26.97 4.72 1.54
N ILE A 96 27.39 5.95 1.27
CA ILE A 96 26.81 7.09 1.96
C ILE A 96 26.00 8.01 1.07
N GLU A 97 24.72 8.20 1.42
CA GLU A 97 23.86 9.17 0.75
C GLU A 97 23.71 10.43 1.59
N ARG A 98 23.52 11.57 0.94
CA ARG A 98 23.36 12.84 1.64
C ARG A 98 22.12 13.60 1.16
N ARG A 99 21.63 14.53 1.98
CA ARG A 99 20.39 15.27 1.67
C ARG A 99 20.43 16.03 0.36
N GLU A 100 21.60 16.57 0.03
CA GLU A 100 21.75 17.35 -1.19
C GLU A 100 21.79 16.45 -2.42
N GLY A 101 21.91 15.15 -2.19
CA GLY A 101 22.10 14.22 -3.29
C GLY A 101 20.85 14.08 -4.15
N THR A 102 21.07 13.83 -5.44
CA THR A 102 19.98 13.55 -6.37
C THR A 102 20.38 12.48 -7.37
N ASP A 103 19.38 11.75 -7.87
CA ASP A 103 19.64 10.70 -8.84
C ASP A 103 19.39 11.17 -10.27
N ILE A 104 18.94 12.41 -10.42
CA ILE A 104 18.62 12.93 -11.74
C ILE A 104 19.14 14.34 -11.97
N CYS A 105 19.18 14.71 -13.25
CA CYS A 105 19.37 16.11 -13.64
C CYS A 105 18.14 16.57 -14.38
N TYR A 106 17.56 15.63 -15.11
CA TYR A 106 16.30 15.81 -15.84
C TYR A 106 15.24 15.03 -15.08
N PRO A 107 14.05 15.59 -14.82
CA PRO A 107 13.07 15.04 -13.92
C PRO A 107 12.79 13.58 -14.24
N GLY A 108 12.65 12.76 -13.20
CA GLY A 108 12.41 11.34 -13.37
C GLY A 108 12.23 10.62 -12.05
N ARG A 109 11.87 9.34 -12.14
CA ARG A 109 11.65 8.50 -10.97
C ARG A 109 11.81 7.04 -11.35
N PHE A 110 11.92 6.17 -10.35
CA PHE A 110 12.04 4.76 -10.64
C PHE A 110 10.82 3.99 -10.15
N THR A 111 10.44 2.95 -10.88
CA THR A 111 9.35 2.08 -10.45
C THR A 111 9.84 1.18 -9.33
N ASN A 112 9.07 1.06 -8.25
CA ASN A 112 9.52 0.29 -7.09
C ASN A 112 10.88 0.81 -6.65
N GLU A 113 10.98 2.14 -6.62
CA GLU A 113 12.23 2.83 -6.33
C GLU A 113 12.88 2.40 -5.04
N GLU A 114 12.08 2.20 -4.00
CA GLU A 114 12.64 1.84 -2.70
C GLU A 114 13.23 0.43 -2.71
N SER A 115 12.57 -0.49 -3.39
CA SER A 115 13.08 -1.85 -3.47
C SER A 115 14.42 -1.85 -4.19
N LEU A 116 14.46 -1.13 -5.31
CA LEU A 116 15.68 -1.05 -6.10
C LEU A 116 16.80 -0.38 -5.32
N ARG A 117 16.48 0.70 -4.65
CA ARG A 117 17.49 1.40 -3.88
C ARG A 117 18.08 0.48 -2.83
N GLN A 118 17.21 -0.30 -2.15
CA GLN A 118 17.67 -1.25 -1.13
C GLN A 118 18.57 -2.32 -1.72
N ILE A 119 18.27 -2.75 -2.94
CA ILE A 119 19.12 -3.74 -3.59
C ILE A 119 20.53 -3.19 -3.75
N LEU A 120 20.63 -1.95 -4.16
CA LEU A 120 21.92 -1.30 -4.30
C LEU A 120 22.61 -1.12 -2.96
N ARG A 121 21.83 -0.80 -1.94
CA ARG A 121 22.36 -0.57 -0.60
C ARG A 121 23.11 -1.78 -0.07
N ARG A 122 22.74 -2.96 -0.54
CA ARG A 122 23.38 -4.20 -0.09
C ARG A 122 24.18 -4.88 -1.20
N SER A 123 24.42 -4.18 -2.30
CA SER A 123 25.08 -4.78 -3.46
C SER A 123 26.58 -5.03 -3.31
N GLY A 124 27.27 -4.22 -2.53
CA GLY A 124 28.73 -4.36 -2.43
C GLY A 124 29.44 -3.48 -3.45
N GLY A 125 28.68 -2.87 -4.33
CA GLY A 125 29.28 -2.07 -5.38
C GLY A 125 28.83 -2.54 -6.73
N ILE A 126 29.03 -1.69 -7.73
CA ILE A 126 28.56 -1.99 -9.07
C ILE A 126 29.69 -2.11 -10.09
N GLY A 127 29.71 -3.25 -10.79
CA GLY A 127 30.58 -3.42 -11.94
C GLY A 127 29.75 -3.15 -13.19
N LYS A 128 30.37 -2.62 -14.23
CA LYS A 128 29.61 -2.34 -15.45
C LYS A 128 30.08 -3.18 -16.62
N GLU A 129 29.14 -3.58 -17.48
CA GLU A 129 29.47 -4.35 -18.67
C GLU A 129 28.56 -3.99 -19.84
N SER A 130 29.14 -3.82 -21.02
CA SER A 130 28.38 -3.39 -22.18
C SER A 130 27.29 -4.38 -22.60
N MET A 131 26.16 -3.83 -23.03
CA MET A 131 25.06 -4.63 -23.55
C MET A 131 25.41 -5.24 -24.91
N GLY A 132 26.37 -4.64 -25.61
CA GLY A 132 26.76 -5.11 -26.92
C GLY A 132 25.75 -4.74 -28.00
N PHE A 133 24.91 -3.74 -27.70
CA PHE A 133 23.85 -3.36 -28.63
C PHE A 133 24.32 -2.39 -29.70
N THR A 134 24.19 -2.79 -30.96
CA THR A 134 24.50 -1.95 -32.10
C THR A 134 23.24 -1.26 -32.59
N TYR A 135 23.29 0.05 -32.71
CA TYR A 135 22.11 0.80 -33.14
C TYR A 135 22.35 1.51 -34.47
N SER A 136 22.30 0.78 -35.57
CA SER A 136 22.53 1.40 -36.86
C SER A 136 21.33 2.25 -37.25
N GLY A 137 21.57 3.46 -37.73
CA GLY A 137 20.50 4.32 -38.23
C GLY A 137 19.74 5.04 -37.12
N ILE A 138 20.18 4.89 -35.87
CA ILE A 138 19.49 5.52 -34.74
C ILE A 138 20.36 6.58 -34.07
N ARG A 139 19.78 7.76 -33.79
CA ARG A 139 20.54 8.83 -33.18
C ARG A 139 20.70 8.65 -31.68
N THR A 140 21.94 8.70 -31.24
CA THR A 140 22.25 8.48 -29.83
C THR A 140 23.08 9.62 -29.27
N ASN A 141 22.96 10.79 -29.89
CA ASN A 141 23.74 11.97 -29.50
C ASN A 141 23.23 12.62 -28.23
N GLY A 142 24.07 13.48 -27.61
CA GLY A 142 23.67 14.22 -26.43
C GLY A 142 22.42 15.02 -26.69
N ALA A 143 21.50 15.06 -25.72
CA ALA A 143 20.24 15.75 -25.94
C ALA A 143 19.88 16.82 -24.91
N THR A 144 19.87 16.47 -23.63
CA THR A 144 19.33 17.38 -22.62
C THR A 144 20.34 18.37 -22.06
N SER A 145 19.87 19.59 -21.80
CA SER A 145 20.67 20.64 -21.18
C SER A 145 20.67 20.49 -19.66
N ALA A 146 19.81 19.63 -19.16
CA ALA A 146 19.63 19.50 -17.72
C ALA A 146 20.92 19.07 -17.03
N CYS A 147 21.76 18.34 -17.75
CA CYS A 147 23.01 17.80 -17.22
C CYS A 147 24.22 18.65 -17.60
N THR A 148 24.00 19.94 -17.87
CA THR A 148 25.05 20.85 -18.34
C THR A 148 26.34 20.83 -17.53
N ARG A 149 26.28 20.40 -16.27
CA ARG A 149 27.49 20.38 -15.45
C ARG A 149 28.68 19.69 -16.16
N SER A 150 28.40 18.63 -16.91
CA SER A 150 29.44 17.93 -17.68
C SER A 150 29.36 18.34 -19.15
N GLY A 151 28.48 19.27 -19.45
CA GLY A 151 28.18 19.71 -20.81
C GLY A 151 26.78 19.28 -21.20
N SER A 152 26.27 19.82 -22.31
CA SER A 152 24.89 19.50 -22.68
C SER A 152 24.78 18.11 -23.28
N SER A 153 24.41 17.15 -22.44
CA SER A 153 24.30 15.76 -22.85
C SER A 153 23.33 14.97 -21.98
N PHE A 154 22.97 13.78 -22.42
CA PHE A 154 22.11 12.91 -21.64
C PHE A 154 22.95 12.11 -20.66
N TYR A 155 22.28 11.33 -19.83
CA TYR A 155 22.93 10.56 -18.79
C TYR A 155 24.07 9.71 -19.33
N ALA A 156 25.15 9.65 -18.59
CA ALA A 156 26.41 9.11 -19.08
C ALA A 156 26.32 7.75 -19.74
N GLU A 157 25.47 6.86 -19.21
CA GLU A 157 25.46 5.49 -19.72
C GLU A 157 24.13 5.01 -20.34
N MET A 158 23.23 5.92 -20.69
CA MET A 158 21.96 5.48 -21.28
C MET A 158 21.52 6.33 -22.46
N LYS A 159 21.52 5.74 -23.64
CA LYS A 159 21.24 6.48 -24.88
C LYS A 159 19.75 6.72 -25.10
N TRP A 160 19.40 7.93 -25.51
CA TRP A 160 18.00 8.28 -25.74
C TRP A 160 17.38 7.59 -26.95
N LEU A 161 18.21 7.19 -27.92
CA LEU A 161 17.72 6.51 -29.12
C LEU A 161 16.63 7.32 -29.82
N LEU A 162 16.98 8.53 -30.22
CA LEU A 162 16.06 9.41 -30.92
C LEU A 162 16.05 9.05 -32.40
N SER A 163 15.02 9.46 -33.11
CA SER A 163 15.01 9.21 -34.54
C SER A 163 16.23 9.85 -35.18
N ASN A 164 16.69 9.30 -36.30
CA ASN A 164 17.90 9.81 -36.96
C ASN A 164 17.78 11.29 -37.28
N SER A 165 16.57 11.73 -37.55
CA SER A 165 16.30 13.14 -37.77
C SER A 165 14.95 13.52 -37.20
N ASP A 166 14.75 14.80 -36.93
CA ASP A 166 13.51 15.22 -36.31
C ASP A 166 12.30 14.86 -37.16
N ASN A 167 11.24 14.42 -36.49
CA ASN A 167 9.97 14.00 -37.09
C ASN A 167 10.06 12.66 -37.81
N ALA A 168 11.25 12.10 -37.96
CA ALA A 168 11.41 10.83 -38.66
C ALA A 168 10.84 9.69 -37.83
N ALA A 169 10.30 8.69 -38.51
CA ALA A 169 9.74 7.53 -37.84
C ALA A 169 10.81 6.78 -37.07
N PHE A 170 10.47 6.27 -35.91
CA PHE A 170 11.37 5.38 -35.18
C PHE A 170 11.21 3.96 -35.74
N PRO A 171 12.31 3.22 -35.98
CA PRO A 171 12.33 1.83 -36.44
C PRO A 171 11.83 0.91 -35.35
N GLN A 172 11.18 -0.18 -35.74
CA GLN A 172 10.76 -1.16 -34.74
C GLN A 172 11.93 -2.09 -34.46
N MET A 173 12.54 -1.93 -33.30
CA MET A 173 13.75 -2.67 -32.98
C MET A 173 13.48 -3.86 -32.10
N THR A 174 14.26 -4.91 -32.29
CA THR A 174 14.28 -6.01 -31.36
C THR A 174 15.70 -6.22 -30.87
N LYS A 175 15.89 -6.13 -29.57
CA LYS A 175 17.22 -6.34 -29.00
C LYS A 175 17.16 -7.45 -27.97
N ALA A 176 18.26 -8.16 -27.83
CA ALA A 176 18.32 -9.25 -26.86
C ALA A 176 19.67 -9.34 -26.22
N TYR A 177 19.68 -9.57 -24.91
CA TYR A 177 20.93 -9.71 -24.19
C TYR A 177 20.93 -10.95 -23.33
N ARG A 178 21.88 -11.83 -23.60
CA ARG A 178 22.02 -13.04 -22.80
C ARG A 178 22.98 -12.76 -21.66
N ASN A 179 22.64 -13.21 -20.46
CA ASN A 179 23.53 -12.99 -19.31
C ASN A 179 24.69 -14.00 -19.31
N PRO A 180 25.92 -13.54 -19.60
CA PRO A 180 27.12 -14.34 -19.85
C PRO A 180 27.74 -14.90 -18.59
N ARG A 181 27.28 -14.46 -17.43
CA ARG A 181 27.95 -14.76 -16.17
C ARG A 181 27.01 -15.40 -15.15
N ASN A 182 27.57 -15.87 -14.04
CA ASN A 182 26.80 -16.55 -13.01
C ASN A 182 26.11 -15.58 -12.06
N LYS A 183 26.35 -14.29 -12.24
CA LYS A 183 25.68 -13.29 -11.43
C LYS A 183 24.46 -12.78 -12.20
N PRO A 184 23.36 -12.47 -11.52
CA PRO A 184 22.17 -11.86 -12.09
C PRO A 184 22.52 -10.46 -12.57
N ALA A 185 21.94 -10.04 -13.68
CA ALA A 185 22.24 -8.72 -14.20
C ALA A 185 21.15 -7.74 -13.84
N LEU A 186 21.54 -6.58 -13.35
CA LEU A 186 20.57 -5.53 -13.12
C LEU A 186 20.46 -4.70 -14.38
N ILE A 187 19.29 -4.70 -14.96
CA ILE A 187 19.08 -4.00 -16.21
C ILE A 187 18.06 -2.89 -16.06
N ILE A 188 18.45 -1.69 -16.46
CA ILE A 188 17.57 -0.54 -16.38
C ILE A 188 17.31 0.06 -17.74
N TRP A 189 16.05 0.39 -17.99
CA TRP A 189 15.68 1.07 -19.22
C TRP A 189 14.74 2.20 -18.88
N GLY A 190 14.74 3.24 -19.70
CA GLY A 190 13.84 4.36 -19.43
C GLY A 190 12.76 4.51 -20.48
N VAL A 191 11.64 5.09 -20.05
CA VAL A 191 10.59 5.49 -20.96
C VAL A 191 10.42 6.99 -20.88
N HIS A 192 10.49 7.65 -22.03
CA HIS A 192 10.47 9.10 -22.02
C HIS A 192 9.06 9.67 -22.17
N HIS A 193 8.63 10.41 -21.17
CA HIS A 193 7.35 11.10 -21.21
C HIS A 193 7.56 12.53 -21.65
N SER A 194 7.02 12.86 -22.82
CA SER A 194 7.18 14.19 -23.37
C SER A 194 6.23 15.18 -22.72
N GLU A 195 6.52 16.46 -22.87
CA GLU A 195 5.66 17.50 -22.34
C GLU A 195 4.32 17.54 -23.08
N SER A 196 4.37 17.21 -24.37
CA SER A 196 3.19 17.25 -25.22
C SER A 196 3.37 16.33 -26.42
N VAL A 197 2.28 16.10 -27.14
CA VAL A 197 2.31 15.21 -28.29
C VAL A 197 3.31 15.68 -29.34
N SER A 198 3.37 17.00 -29.54
CA SER A 198 4.26 17.55 -30.55
C SER A 198 5.72 17.26 -30.24
N GLU A 199 6.10 17.34 -28.97
CA GLU A 199 7.47 17.04 -28.57
C GLU A 199 7.80 15.58 -28.83
N GLN A 200 6.87 14.69 -28.50
CA GLN A 200 7.08 13.27 -28.73
C GLN A 200 7.22 12.98 -30.22
N THR A 201 6.41 13.65 -31.02
CA THR A 201 6.46 13.46 -32.46
C THR A 201 7.80 13.89 -33.02
N LYS A 202 8.29 15.03 -32.55
CA LYS A 202 9.58 15.52 -32.99
C LYS A 202 10.68 14.51 -32.70
N LEU A 203 10.68 14.01 -31.46
CA LEU A 203 11.74 13.13 -30.99
C LEU A 203 11.69 11.70 -31.54
N TYR A 204 10.49 11.12 -31.59
CA TYR A 204 10.35 9.71 -31.95
C TYR A 204 9.46 9.45 -33.16
N GLY A 205 8.95 10.51 -33.78
CA GLY A 205 8.09 10.39 -34.95
C GLY A 205 6.66 10.09 -34.53
N SER A 206 5.74 10.14 -35.49
CA SER A 206 4.35 9.84 -35.21
C SER A 206 4.12 8.36 -34.94
N GLY A 207 3.13 8.04 -34.12
CA GLY A 207 2.75 6.64 -33.90
C GLY A 207 2.42 6.30 -32.46
N ASN A 208 1.86 5.11 -32.27
CA ASN A 208 1.50 4.63 -30.96
C ASN A 208 2.71 3.98 -30.32
N LYS A 209 3.34 4.69 -29.40
CA LYS A 209 4.58 4.22 -28.85
C LYS A 209 4.34 3.12 -27.83
N LEU A 210 4.97 1.98 -28.06
CA LEU A 210 4.82 0.83 -27.20
C LEU A 210 6.16 0.17 -26.94
N ILE A 211 6.45 -0.09 -25.70
CA ILE A 211 7.67 -0.77 -25.31
C ILE A 211 7.37 -2.07 -24.60
N THR A 212 7.99 -3.15 -25.06
CA THR A 212 7.75 -4.42 -24.38
C THR A 212 9.06 -5.00 -23.89
N VAL A 213 9.04 -5.47 -22.65
CA VAL A 213 10.22 -6.10 -22.07
C VAL A 213 9.87 -7.50 -21.59
N ARG A 214 10.67 -8.48 -22.01
CA ARG A 214 10.38 -9.86 -21.67
C ARG A 214 11.61 -10.67 -21.24
N SER A 215 11.40 -11.57 -20.30
CA SER A 215 12.42 -12.54 -19.89
C SER A 215 11.71 -13.84 -19.59
N SER A 216 12.45 -14.88 -19.21
CA SER A 216 11.83 -16.17 -18.94
C SER A 216 10.82 -16.10 -17.79
N LYS A 217 10.88 -15.06 -16.97
CA LYS A 217 9.98 -14.93 -15.83
C LYS A 217 9.38 -13.54 -15.72
N TYR A 218 9.42 -12.78 -16.81
CA TYR A 218 8.92 -11.41 -16.78
C TYR A 218 8.32 -10.98 -18.11
N GLN A 219 7.21 -10.24 -18.04
CA GLN A 219 6.67 -9.61 -19.23
C GLN A 219 5.89 -8.36 -18.85
N GLN A 220 6.23 -7.25 -19.47
CA GLN A 220 5.52 -6.00 -19.21
C GLN A 220 5.54 -5.08 -20.42
N SER A 221 4.41 -4.44 -20.67
CA SER A 221 4.35 -3.45 -21.73
C SER A 221 4.28 -2.05 -21.15
N PHE A 222 4.82 -1.08 -21.88
CA PHE A 222 4.80 0.31 -21.45
C PHE A 222 4.39 1.24 -22.57
N THR A 223 3.79 2.36 -22.21
CA THR A 223 3.60 3.43 -23.16
C THR A 223 3.83 4.75 -22.43
N PRO A 224 4.45 5.75 -23.06
CA PRO A 224 4.62 7.09 -22.54
C PRO A 224 3.30 7.83 -22.52
N ASN A 225 3.14 8.72 -21.55
CA ASN A 225 1.97 9.57 -21.47
C ASN A 225 2.37 11.05 -21.52
N PRO A 226 2.11 11.74 -22.64
CA PRO A 226 2.52 13.12 -22.88
C PRO A 226 1.74 14.04 -21.94
N GLY A 227 2.34 15.17 -21.59
CA GLY A 227 1.68 16.13 -20.71
C GLY A 227 2.60 16.54 -19.56
N ALA A 228 3.77 15.92 -19.49
CA ALA A 228 4.76 16.28 -18.47
C ALA A 228 6.12 15.71 -18.81
N ARG A 229 7.16 16.55 -18.77
CA ARG A 229 8.50 16.05 -19.01
C ARG A 229 8.99 15.18 -17.87
N ARG A 230 9.32 13.94 -18.18
CA ARG A 230 9.82 13.03 -17.17
C ARG A 230 10.43 11.76 -17.78
N ILE A 231 11.47 11.25 -17.15
CA ILE A 231 11.96 9.93 -17.52
C ILE A 231 11.63 8.89 -16.45
N ASP A 232 10.89 7.87 -16.85
CA ASP A 232 10.55 6.79 -15.95
C ASP A 232 11.49 5.62 -16.12
N PHE A 233 12.24 5.32 -15.07
CA PHE A 233 13.17 4.20 -15.15
C PHE A 233 12.54 2.93 -14.60
N HIS A 234 12.67 1.86 -15.35
CA HIS A 234 12.14 0.56 -14.93
C HIS A 234 13.29 -0.42 -14.87
N TRP A 235 13.19 -1.41 -14.02
CA TRP A 235 14.32 -2.31 -13.83
C TRP A 235 13.94 -3.78 -13.76
N LEU A 236 14.91 -4.62 -14.08
CA LEU A 236 14.73 -6.07 -14.05
C LEU A 236 16.00 -6.78 -13.61
N LEU A 237 15.85 -7.81 -12.78
CA LEU A 237 16.99 -8.66 -12.45
C LEU A 237 16.99 -9.90 -13.36
N LEU A 238 17.94 -9.95 -14.27
CA LEU A 238 17.98 -11.02 -15.28
C LEU A 238 18.81 -12.20 -14.82
N ASP A 239 18.18 -13.37 -14.79
CA ASP A 239 18.85 -14.59 -14.36
C ASP A 239 19.93 -15.03 -15.35
N PRO A 240 20.99 -15.70 -14.88
CA PRO A 240 22.04 -16.31 -15.69
C PRO A 240 21.47 -17.24 -16.74
N ASN A 241 22.07 -17.24 -17.92
CA ASN A 241 21.64 -18.06 -19.04
C ASN A 241 20.29 -17.62 -19.63
N ASP A 242 19.71 -16.56 -19.07
CA ASP A 242 18.48 -16.09 -19.66
C ASP A 242 18.74 -14.98 -20.64
N THR A 243 17.73 -14.70 -21.46
CA THR A 243 17.82 -13.61 -22.41
C THR A 243 16.74 -12.57 -22.18
N VAL A 244 17.15 -11.33 -21.97
CA VAL A 244 16.18 -10.27 -21.86
C VAL A 244 15.87 -9.76 -23.24
N THR A 245 14.61 -9.76 -23.62
CA THR A 245 14.21 -9.28 -24.92
C THR A 245 13.52 -7.93 -24.83
N PHE A 246 13.97 -7.00 -25.65
CA PHE A 246 13.38 -5.68 -25.68
C PHE A 246 12.77 -5.39 -27.03
N THR A 247 11.61 -4.76 -27.01
CA THR A 247 10.96 -4.34 -28.23
C THR A 247 10.76 -2.83 -28.20
N PHE A 248 11.34 -2.13 -29.18
CA PHE A 248 11.30 -0.67 -29.20
C PHE A 248 10.41 -0.11 -30.29
N ASN A 249 9.51 0.79 -29.92
CA ASN A 249 8.74 1.53 -30.91
C ASN A 249 8.94 3.03 -30.72
N GLY A 250 10.00 3.36 -30.00
CA GLY A 250 10.32 4.75 -29.72
C GLY A 250 10.11 5.06 -28.24
N ALA A 251 10.57 6.24 -27.83
CA ALA A 251 10.49 6.69 -26.44
C ALA A 251 11.20 5.72 -25.51
N PHE A 252 12.25 5.08 -26.01
CA PHE A 252 13.00 4.12 -25.23
C PHE A 252 14.42 4.57 -25.00
N ILE A 253 14.78 4.79 -23.75
CA ILE A 253 16.14 5.18 -23.42
C ILE A 253 16.92 3.94 -23.07
N ALA A 254 17.77 3.50 -23.98
CA ALA A 254 18.41 2.21 -23.83
C ALA A 254 19.68 2.30 -23.00
N PRO A 255 19.97 1.28 -22.20
CA PRO A 255 21.20 1.13 -21.46
C PRO A 255 22.34 0.78 -22.41
N ASP A 256 23.52 1.32 -22.14
CA ASP A 256 24.70 0.89 -22.86
C ASP A 256 25.41 -0.19 -22.10
N ARG A 257 25.18 -0.20 -20.79
CA ARG A 257 25.83 -1.15 -19.91
C ARG A 257 24.86 -1.69 -18.86
N THR A 258 25.13 -2.88 -18.35
CA THR A 258 24.35 -3.45 -17.24
C THR A 258 25.20 -3.52 -16.00
N SER A 259 24.58 -3.95 -14.89
CA SER A 259 25.28 -3.95 -13.62
C SER A 259 25.36 -5.31 -12.94
N PHE A 260 26.50 -5.56 -12.29
CA PHE A 260 26.67 -6.76 -11.46
C PHE A 260 27.09 -6.36 -10.04
N PHE A 261 26.65 -7.14 -9.05
CA PHE A 261 26.89 -6.81 -7.64
C PHE A 261 28.11 -7.50 -7.06
N ARG A 262 28.87 -6.78 -6.23
CA ARG A 262 30.12 -7.34 -5.69
C ARG A 262 30.41 -7.08 -4.20
N GLY A 263 29.82 -7.89 -3.31
CA GLY A 263 30.31 -7.99 -1.92
C GLY A 263 29.55 -7.29 -0.78
N GLU A 264 28.23 -7.29 -0.78
CA GLU A 264 27.45 -6.95 0.43
C GLU A 264 27.77 -5.60 1.13
N SER A 265 27.44 -4.47 0.49
CA SER A 265 27.65 -3.13 1.07
C SER A 265 26.59 -2.75 2.10
N LEU A 266 26.81 -1.64 2.81
CA LEU A 266 25.80 -1.09 3.70
C LEU A 266 25.41 0.33 3.29
N GLY A 267 24.24 0.45 2.67
CA GLY A 267 23.78 1.75 2.18
C GLY A 267 23.17 2.64 3.26
N VAL A 268 24.02 3.44 3.89
CA VAL A 268 23.64 4.37 4.93
C VAL A 268 23.26 5.75 4.40
N GLN A 269 22.13 6.27 4.87
CA GLN A 269 21.72 7.62 4.52
C GLN A 269 22.00 8.55 5.71
N SER A 270 22.96 9.49 5.54
CA SER A 270 23.41 10.29 6.67
C SER A 270 24.00 11.65 6.32
N ASP A 271 23.92 12.58 7.28
CA ASP A 271 24.51 13.91 7.11
C ASP A 271 25.89 14.07 7.73
N ALA A 272 26.38 13.04 8.41
CA ALA A 272 27.64 13.14 9.13
C ALA A 272 28.85 13.12 8.16
N PRO A 273 29.97 13.76 8.53
CA PRO A 273 31.27 13.72 7.87
C PRO A 273 31.96 12.38 8.07
N LEU A 274 32.90 12.05 7.18
CA LEU A 274 33.67 10.81 7.30
C LEU A 274 34.87 10.95 8.22
N ASP A 275 35.27 9.83 8.84
CA ASP A 275 36.46 9.78 9.68
C ASP A 275 37.28 8.51 9.49
N SER A 276 38.55 8.68 9.15
CA SER A 276 39.42 7.57 8.80
C SER A 276 39.97 6.79 10.00
N SER A 277 39.68 7.23 11.23
CA SER A 277 40.15 6.51 12.41
C SER A 277 39.00 5.77 13.11
N CYS A 278 37.78 6.22 12.84
CA CYS A 278 36.59 5.66 13.47
C CYS A 278 36.22 4.28 12.91
N ARG A 279 35.92 3.35 13.82
CA ARG A 279 35.48 2.01 13.46
C ARG A 279 34.16 1.66 14.17
N GLY A 280 33.22 1.07 13.42
CA GLY A 280 31.92 0.68 14.00
C GLY A 280 31.01 0.04 12.97
N ASP A 281 29.98 -0.65 13.45
CA ASP A 281 29.03 -1.34 12.60
C ASP A 281 27.74 -0.58 12.39
N CYS A 282 27.35 0.20 13.38
CA CYS A 282 26.07 0.87 13.34
C CYS A 282 26.11 2.24 12.74
N PHE A 283 25.34 2.49 11.72
CA PHE A 283 25.28 3.82 11.17
C PHE A 283 23.84 4.32 11.15
N HIS A 284 23.67 5.61 11.35
CA HIS A 284 22.35 6.22 11.34
C HIS A 284 22.48 7.65 10.86
N SER A 285 21.37 8.30 10.58
CA SER A 285 21.47 9.57 9.88
C SER A 285 22.28 10.63 10.64
N GLY A 286 22.38 10.51 11.96
CA GLY A 286 23.09 11.51 12.74
C GLY A 286 24.52 11.12 13.07
N GLY A 287 24.97 9.96 12.60
CA GLY A 287 26.30 9.50 12.98
C GLY A 287 26.38 7.98 13.15
N THR A 288 27.24 7.53 14.08
CA THR A 288 27.42 6.11 14.34
C THR A 288 27.21 5.75 15.81
N ILE A 289 26.94 4.47 16.03
CA ILE A 289 26.79 3.96 17.39
C ILE A 289 27.84 2.89 17.65
N VAL A 290 28.81 3.23 18.50
CA VAL A 290 29.86 2.29 18.81
C VAL A 290 29.76 1.90 20.28
N SER A 291 29.41 0.65 20.54
CA SER A 291 29.20 0.22 21.91
C SER A 291 29.27 -1.28 22.04
N SER A 292 29.27 -1.73 23.28
CA SER A 292 29.20 -3.14 23.60
C SER A 292 27.90 -3.42 24.32
N LEU A 293 26.90 -2.57 24.10
CA LEU A 293 25.62 -2.70 24.78
C LEU A 293 24.51 -3.18 23.84
N PRO A 294 23.54 -3.97 24.34
CA PRO A 294 22.40 -4.55 23.64
C PRO A 294 21.31 -3.56 23.21
N PHE A 295 21.27 -2.39 23.84
CA PHE A 295 20.21 -1.43 23.53
C PHE A 295 20.76 -0.03 23.27
N GLN A 296 19.99 0.76 22.52
CA GLN A 296 20.34 2.16 22.26
C GLN A 296 19.10 3.05 22.21
N ASN A 297 19.27 4.31 22.61
CA ASN A 297 18.19 5.31 22.55
C ASN A 297 18.43 6.36 21.48
N ILE A 298 19.44 6.15 20.64
CA ILE A 298 19.86 7.19 19.73
C ILE A 298 18.96 7.36 18.52
N ASN A 299 18.59 6.25 17.87
CA ASN A 299 17.76 6.35 16.67
C ASN A 299 17.03 5.05 16.37
N SER A 300 15.78 5.16 15.92
CA SER A 300 14.98 4.00 15.59
C SER A 300 15.32 3.40 14.23
N ARG A 301 16.07 4.14 13.43
CA ARG A 301 16.44 3.68 12.10
C ARG A 301 17.95 3.51 11.98
N THR A 302 18.41 2.26 11.99
CA THR A 302 19.83 1.97 11.96
C THR A 302 20.17 1.02 10.83
N VAL A 303 21.44 1.05 10.41
CA VAL A 303 21.92 0.16 9.36
C VAL A 303 23.09 -0.67 9.84
N GLY A 304 23.05 -1.95 9.54
CA GLY A 304 24.13 -2.85 9.96
C GLY A 304 23.72 -3.61 11.20
N LYS A 305 24.65 -4.37 11.77
CA LYS A 305 24.33 -5.16 12.96
C LYS A 305 24.33 -4.28 14.18
N CYS A 306 23.18 -4.21 14.85
CA CYS A 306 23.02 -3.23 15.92
C CYS A 306 22.22 -3.69 17.12
N PRO A 307 22.34 -2.98 18.24
CA PRO A 307 21.48 -3.00 19.43
C PRO A 307 20.10 -2.48 19.11
N ARG A 308 19.10 -2.92 19.87
CA ARG A 308 17.72 -2.57 19.58
C ARG A 308 17.33 -1.20 20.10
N TYR A 309 16.44 -0.53 19.38
CA TYR A 309 15.91 0.75 19.82
C TYR A 309 14.79 0.58 20.82
N VAL A 310 14.85 1.32 21.91
CA VAL A 310 13.81 1.30 22.93
C VAL A 310 13.36 2.70 23.28
N LYS A 311 12.18 2.82 23.87
CA LYS A 311 11.71 4.12 24.38
C LYS A 311 12.25 4.37 25.77
N GLN A 312 12.85 3.34 26.34
CA GLN A 312 13.39 3.44 27.69
C GLN A 312 14.79 4.03 27.63
N LYS A 313 14.88 5.34 27.89
CA LYS A 313 16.13 6.08 27.75
C LYS A 313 17.20 5.60 28.73
N SER A 314 16.78 4.95 29.81
CA SER A 314 17.73 4.46 30.79
C SER A 314 17.35 3.11 31.37
N LEU A 315 17.92 2.05 30.84
CA LEU A 315 17.73 0.72 31.39
C LEU A 315 18.97 0.29 32.14
N LEU A 316 19.01 0.59 33.42
CA LEU A 316 20.16 0.24 34.21
C LEU A 316 20.10 -1.22 34.62
N LEU A 317 21.16 -1.94 34.32
CA LEU A 317 21.26 -3.35 34.65
C LEU A 317 22.18 -3.55 35.83
N ALA A 318 21.67 -4.11 36.90
CA ALA A 318 22.50 -4.29 38.08
C ALA A 318 23.64 -5.24 37.75
N THR A 319 24.82 -4.94 38.27
CA THR A 319 25.99 -5.79 38.09
C THR A 319 26.52 -6.24 39.44
N GLY A 320 25.68 -6.11 40.47
CA GLY A 320 26.07 -6.44 41.83
C GLY A 320 24.88 -6.41 42.78
N MET A 321 25.16 -6.51 44.07
CA MET A 321 24.13 -6.59 45.10
C MET A 321 23.49 -5.23 45.35
N ARG A 322 22.27 -5.24 45.89
CA ARG A 322 21.56 -4.01 46.21
C ARG A 322 22.26 -3.22 47.30
N ASN A 323 22.12 -1.90 47.29
CA ASN A 323 22.83 -1.09 48.25
C ASN A 323 22.07 -0.95 49.55
N VAL A 324 22.24 -1.94 50.40
CA VAL A 324 21.69 -1.85 51.73
C VAL A 324 22.52 -0.75 52.39
N PRO A 325 21.89 0.35 52.81
CA PRO A 325 22.50 1.66 52.97
C PRO A 325 23.70 1.64 53.88
N GLU A 326 24.75 2.37 53.48
CA GLU A 326 26.01 2.41 54.23
C GLU A 326 25.84 2.93 55.66
N LYS A 327 24.79 3.72 55.88
CA LYS A 327 24.58 4.30 57.20
C LYS A 327 23.22 3.91 57.76
N PRO A 328 23.18 3.37 58.99
CA PRO A 328 22.01 3.08 59.77
C PRO A 328 21.62 4.27 60.63
N ALA B 10 33.38 1.38 70.30
CA ALA B 10 32.56 0.21 70.60
C ALA B 10 31.40 0.13 69.63
N GLY B 11 31.69 -0.24 68.38
CA GLY B 11 30.65 -0.37 67.39
C GLY B 11 29.84 -1.63 67.66
N PHE B 12 28.56 -1.61 67.27
CA PHE B 12 27.72 -2.79 67.32
C PHE B 12 27.81 -3.45 65.97
N ILE B 13 28.84 -4.23 65.77
CA ILE B 13 29.13 -4.72 64.44
C ILE B 13 27.99 -5.55 63.92
N GLU B 14 27.55 -5.15 62.74
CA GLU B 14 26.41 -5.69 62.04
C GLU B 14 26.81 -5.97 60.61
N ASN B 15 25.83 -6.16 59.74
CA ASN B 15 26.14 -6.44 58.35
C ASN B 15 27.30 -5.54 57.93
N GLY B 16 28.38 -6.15 57.43
CA GLY B 16 29.59 -5.40 57.11
C GLY B 16 29.45 -4.51 55.88
N TRP B 17 28.58 -3.51 55.96
CA TRP B 17 28.42 -2.54 54.90
C TRP B 17 29.76 -1.87 54.64
N GLU B 18 30.33 -1.34 55.72
CA GLU B 18 31.71 -0.85 55.85
C GLU B 18 32.23 0.13 54.81
N GLY B 19 31.48 0.37 53.74
CA GLY B 19 32.02 1.14 52.63
C GLY B 19 33.13 0.30 52.00
N LEU B 20 32.97 -1.02 52.13
CA LEU B 20 33.96 -2.01 51.72
C LEU B 20 34.42 -1.86 50.28
N ILE B 21 35.74 -1.97 50.09
CA ILE B 21 36.35 -1.91 48.77
C ILE B 21 37.00 -3.24 48.38
N ASN B 22 37.19 -4.13 49.35
CA ASN B 22 37.90 -5.38 49.10
C ASN B 22 36.98 -6.53 48.65
N GLY B 23 36.46 -6.42 47.43
CA GLY B 23 35.62 -7.45 46.83
C GLY B 23 34.13 -7.18 47.08
N TRP B 24 33.29 -7.67 46.18
CA TRP B 24 31.84 -7.48 46.29
C TRP B 24 31.24 -8.19 47.49
N TYR B 25 31.72 -9.40 47.75
CA TYR B 25 31.14 -10.20 48.82
C TYR B 25 32.08 -10.40 49.98
N GLY B 26 32.93 -9.41 50.22
CA GLY B 26 33.85 -9.48 51.33
C GLY B 26 33.08 -9.50 52.64
N PHE B 27 33.54 -10.29 53.59
CA PHE B 27 32.87 -10.44 54.86
C PHE B 27 33.75 -9.88 55.95
N ARG B 28 33.15 -9.19 56.89
CA ARG B 28 33.93 -8.64 57.97
C ARG B 28 34.18 -9.70 59.02
N HIS B 29 35.43 -9.85 59.41
CA HIS B 29 35.73 -10.68 60.55
C HIS B 29 36.00 -9.80 61.75
N GLN B 30 35.09 -9.81 62.69
CA GLN B 30 35.25 -8.93 63.83
C GLN B 30 36.12 -9.60 64.88
N ASN B 31 37.41 -9.58 64.63
CA ASN B 31 38.39 -10.08 65.58
C ASN B 31 38.45 -9.12 66.75
N ALA B 32 38.34 -9.65 67.97
CA ALA B 32 38.40 -8.85 69.18
C ALA B 32 39.69 -8.01 69.23
N GLN B 33 40.71 -8.44 68.47
CA GLN B 33 42.00 -7.76 68.43
C GLN B 33 41.99 -6.54 67.50
N GLY B 34 40.85 -6.30 66.82
CA GLY B 34 40.69 -5.12 65.98
C GLY B 34 40.96 -5.33 64.48
N GLU B 35 40.48 -6.44 63.92
CA GLU B 35 40.64 -6.71 62.48
C GLU B 35 39.35 -6.52 61.69
N GLY B 36 39.50 -6.31 60.37
CA GLY B 36 38.36 -6.15 59.46
C GLY B 36 38.61 -6.80 58.10
N THR B 37 39.38 -7.89 58.08
CA THR B 37 39.76 -8.56 56.83
C THR B 37 38.56 -9.08 56.04
N ALA B 38 38.66 -9.00 54.70
CA ALA B 38 37.63 -9.43 53.75
C ALA B 38 37.62 -10.96 53.55
N ALA B 39 36.53 -11.45 52.95
CA ALA B 39 36.25 -12.86 52.69
C ALA B 39 37.07 -13.49 51.59
N ASP B 40 37.00 -14.81 51.53
CA ASP B 40 37.60 -15.58 50.47
C ASP B 40 37.09 -15.09 49.13
N TYR B 41 38.01 -14.69 48.26
CA TYR B 41 37.67 -14.12 46.96
C TYR B 41 36.82 -15.06 46.11
N LYS B 42 36.87 -16.37 46.37
CA LYS B 42 36.11 -17.32 45.58
C LYS B 42 34.60 -17.06 45.61
N SER B 43 34.10 -16.52 46.73
CA SER B 43 32.68 -16.21 46.78
C SER B 43 32.37 -15.08 45.82
N THR B 44 33.21 -14.06 45.85
CA THR B 44 33.07 -12.92 44.96
C THR B 44 33.28 -13.37 43.52
N GLN B 45 34.25 -14.23 43.31
CA GLN B 45 34.57 -14.71 41.96
C GLN B 45 33.39 -15.48 41.38
N SER B 46 32.69 -16.24 42.21
CA SER B 46 31.54 -16.98 41.72
C SER B 46 30.47 -16.03 41.21
N ALA B 47 30.30 -14.89 41.89
CA ALA B 47 29.36 -13.87 41.44
C ALA B 47 29.85 -13.24 40.15
N ILE B 48 31.14 -12.95 40.08
CA ILE B 48 31.74 -12.33 38.91
C ILE B 48 31.59 -13.20 37.68
N ASP B 49 31.80 -14.50 37.86
CA ASP B 49 31.72 -15.46 36.78
C ASP B 49 30.35 -15.50 36.08
N GLN B 50 29.31 -15.07 36.79
CA GLN B 50 27.95 -15.14 36.24
C GLN B 50 27.43 -13.76 35.85
N ILE B 51 27.69 -12.77 36.69
CA ILE B 51 27.17 -11.43 36.47
C ILE B 51 27.82 -10.72 35.30
N THR B 52 29.14 -10.86 35.14
CA THR B 52 29.84 -10.17 34.06
C THR B 52 29.40 -10.66 32.69
N GLY B 53 28.89 -11.89 32.64
CA GLY B 53 28.45 -12.50 31.39
C GLY B 53 27.02 -12.09 31.04
N LYS B 54 26.34 -11.39 31.96
CA LYS B 54 24.95 -11.02 31.72
C LYS B 54 24.84 -10.08 30.54
N LEU B 55 25.81 -9.20 30.38
CA LEU B 55 25.78 -8.28 29.26
C LEU B 55 25.85 -9.04 27.94
N ASN B 56 26.73 -10.03 27.87
CA ASN B 56 26.90 -10.79 26.65
C ASN B 56 25.65 -11.60 26.30
N ARG B 57 24.97 -12.10 27.33
CA ARG B 57 23.72 -12.82 27.09
C ARG B 57 22.68 -11.91 26.46
N LEU B 58 22.65 -10.65 26.89
CA LEU B 58 21.72 -9.69 26.32
C LEU B 58 22.10 -9.33 24.90
N ILE B 59 23.40 -9.19 24.64
CA ILE B 59 23.88 -8.78 23.32
C ILE B 59 23.47 -9.78 22.25
N GLY B 60 23.60 -11.07 22.56
CA GLY B 60 23.27 -12.12 21.62
C GLY B 60 21.80 -12.13 21.23
N LYS B 61 20.96 -11.46 22.00
CA LYS B 61 19.53 -11.42 21.72
C LYS B 61 19.12 -10.17 20.96
N THR B 62 20.07 -9.24 20.76
CA THR B 62 19.74 -7.97 20.14
C THR B 62 20.56 -7.67 18.89
N ASN B 63 21.73 -8.28 18.76
CA ASN B 63 22.63 -7.92 17.68
C ASN B 63 22.20 -8.52 16.34
N GLN B 64 21.32 -7.81 15.65
CA GLN B 64 20.75 -8.28 14.40
C GLN B 64 20.99 -7.31 13.25
N GLN B 65 20.97 -7.85 12.02
CA GLN B 65 21.16 -7.04 10.83
C GLN B 65 19.94 -6.21 10.50
N PHE B 66 20.14 -4.90 10.32
CA PHE B 66 19.04 -4.01 9.95
C PHE B 66 19.32 -3.27 8.66
N GLU B 67 18.24 -2.94 7.95
CA GLU B 67 18.31 -2.19 6.71
C GLU B 67 17.30 -1.05 6.70
N LEU B 68 17.54 -0.02 5.90
CA LEU B 68 16.59 1.08 5.83
C LEU B 68 15.32 0.69 5.08
N ILE B 69 14.18 0.95 5.69
CA ILE B 69 12.89 0.74 5.06
C ILE B 69 12.35 2.09 4.60
N ASP B 70 12.50 3.08 5.48
CA ASP B 70 12.06 4.44 5.23
C ASP B 70 13.16 5.29 4.60
N ASN B 71 12.83 6.00 3.54
CA ASN B 71 13.79 6.91 2.92
C ASN B 71 13.73 8.25 3.64
N GLU B 72 14.59 8.42 4.65
CA GLU B 72 14.52 9.55 5.57
C GLU B 72 14.63 10.91 4.89
N PHE B 73 15.40 10.99 3.81
CA PHE B 73 15.62 12.28 3.15
C PHE B 73 14.60 12.57 2.07
N ASN B 74 13.64 11.65 1.91
CA ASN B 74 12.60 11.81 0.89
C ASN B 74 11.24 11.49 1.48
N GLU B 75 10.29 11.11 0.63
CA GLU B 75 8.95 10.79 1.11
C GLU B 75 8.42 9.50 0.52
N ILE B 76 7.74 8.73 1.35
CA ILE B 76 7.07 7.50 0.94
C ILE B 76 5.58 7.71 1.06
N GLU B 77 4.80 6.97 0.29
CA GLU B 77 3.36 7.19 0.33
C GLU B 77 2.94 7.22 1.78
N GLN B 78 2.19 8.25 2.16
CA GLN B 78 1.87 8.46 3.56
C GLN B 78 1.04 7.34 4.16
N GLN B 79 0.18 6.71 3.36
CA GLN B 79 -0.65 5.64 3.92
C GLN B 79 0.22 4.48 4.36
N ILE B 80 1.21 4.14 3.54
CA ILE B 80 2.14 3.08 3.90
C ILE B 80 3.05 3.54 5.01
N GLY B 81 3.50 4.78 4.92
CA GLY B 81 4.37 5.34 5.94
C GLY B 81 3.70 5.34 7.30
N ASN B 82 2.39 5.56 7.33
CA ASN B 82 1.65 5.52 8.59
C ASN B 82 1.61 4.11 9.14
N VAL B 83 1.49 3.13 8.24
CA VAL B 83 1.51 1.73 8.67
C VAL B 83 2.88 1.37 9.21
N ILE B 84 3.93 1.80 8.51
CA ILE B 84 5.29 1.52 8.94
C ILE B 84 5.61 2.19 10.26
N ASN B 85 5.23 3.46 10.40
CA ASN B 85 5.48 4.18 11.64
C ASN B 85 4.72 3.55 12.80
N TRP B 86 3.46 3.20 12.54
CA TRP B 86 2.66 2.51 13.54
C TRP B 86 3.29 1.19 13.91
N THR B 87 3.69 0.43 12.89
CA THR B 87 4.28 -0.88 13.12
C THR B 87 5.57 -0.76 13.91
N ARG B 88 6.44 0.15 13.51
CA ARG B 88 7.70 0.34 14.20
C ARG B 88 7.46 0.81 15.63
N ASP B 89 6.53 1.73 15.82
CA ASP B 89 6.23 2.23 17.15
C ASP B 89 5.66 1.13 18.02
N ALA B 90 4.75 0.34 17.46
CA ALA B 90 4.17 -0.76 18.21
C ALA B 90 5.27 -1.75 18.57
N MET B 91 6.16 -2.02 17.62
CA MET B 91 7.26 -2.94 17.85
C MET B 91 8.24 -2.34 18.83
N THR B 92 8.38 -1.02 18.81
CA THR B 92 9.25 -0.37 19.76
C THR B 92 8.73 -0.61 21.16
N GLU B 93 7.41 -0.47 21.34
CA GLU B 93 6.79 -0.73 22.64
C GLU B 93 6.91 -2.20 23.03
N ILE B 94 6.80 -3.09 22.04
CA ILE B 94 6.96 -4.51 22.31
C ILE B 94 8.38 -4.80 22.76
N TRP B 95 9.36 -4.25 22.05
CA TRP B 95 10.76 -4.46 22.41
C TRP B 95 11.13 -3.70 23.67
N SER B 96 10.49 -2.55 23.91
CA SER B 96 10.75 -1.78 25.12
C SER B 96 10.21 -2.55 26.31
N TYR B 97 9.03 -3.14 26.13
CA TYR B 97 8.44 -4.01 27.13
C TYR B 97 9.35 -5.20 27.37
N ASN B 98 9.78 -5.84 26.28
CA ASN B 98 10.66 -6.98 26.39
C ASN B 98 11.96 -6.59 27.05
N ALA B 99 12.46 -5.41 26.72
CA ALA B 99 13.72 -4.93 27.28
C ALA B 99 13.56 -4.64 28.77
N GLU B 100 12.49 -3.95 29.14
CA GLU B 100 12.27 -3.64 30.54
C GLU B 100 12.05 -4.91 31.33
N LEU B 101 11.25 -5.81 30.77
CA LEU B 101 10.95 -7.06 31.44
C LEU B 101 12.21 -7.89 31.57
N LEU B 102 12.96 -8.01 30.48
CA LEU B 102 14.17 -8.81 30.49
C LEU B 102 15.18 -8.24 31.47
N VAL B 103 15.39 -6.92 31.41
CA VAL B 103 16.33 -6.29 32.34
C VAL B 103 15.85 -6.46 33.77
N ALA B 104 14.54 -6.29 33.99
CA ALA B 104 13.97 -6.49 35.31
C ALA B 104 14.18 -7.93 35.78
N MET B 105 14.03 -8.88 34.86
CA MET B 105 14.25 -10.28 35.21
C MET B 105 15.70 -10.48 35.58
N GLU B 106 16.60 -9.89 34.80
CA GLU B 106 18.02 -10.04 35.07
C GLU B 106 18.39 -9.36 36.39
N ASN B 107 17.75 -8.22 36.68
CA ASN B 107 17.99 -7.52 37.93
C ASN B 107 17.48 -8.32 39.11
N GLN B 108 16.27 -8.87 38.97
CA GLN B 108 15.70 -9.66 40.05
C GLN B 108 16.55 -10.90 40.26
N HIS B 109 17.00 -11.51 39.16
CA HIS B 109 17.82 -12.71 39.25
C HIS B 109 19.17 -12.39 39.86
N THR B 110 19.72 -11.22 39.55
CA THR B 110 20.98 -10.81 40.12
C THR B 110 20.85 -10.64 41.62
N ILE B 111 19.75 -10.02 42.06
CA ILE B 111 19.49 -9.87 43.48
C ILE B 111 19.31 -11.23 44.11
N ASP B 112 18.53 -12.10 43.45
CA ASP B 112 18.28 -13.43 43.97
C ASP B 112 19.60 -14.20 44.07
N LEU B 113 20.48 -13.99 43.09
CA LEU B 113 21.78 -14.64 43.08
C LEU B 113 22.60 -14.17 44.26
N ALA B 114 22.61 -12.85 44.49
CA ALA B 114 23.36 -12.29 45.60
C ALA B 114 22.86 -12.84 46.92
N ASP B 115 21.55 -12.94 47.07
CA ASP B 115 20.98 -13.49 48.29
C ASP B 115 21.29 -14.97 48.39
N SER B 116 21.25 -15.67 47.25
CA SER B 116 21.52 -17.09 47.23
C SER B 116 22.98 -17.39 47.57
N GLU B 117 23.89 -16.59 47.04
CA GLU B 117 25.29 -16.80 47.35
C GLU B 117 25.55 -16.52 48.81
N MET B 118 25.01 -15.43 49.31
CA MET B 118 25.23 -15.17 50.72
C MET B 118 24.62 -16.29 51.55
N SER B 119 23.45 -16.76 51.14
CA SER B 119 22.81 -17.87 51.84
C SER B 119 23.73 -19.08 51.91
N LYS B 120 24.43 -19.36 50.81
CA LYS B 120 25.40 -20.44 50.78
C LYS B 120 26.54 -20.21 51.75
N LEU B 121 26.92 -18.95 51.92
CA LEU B 121 28.00 -18.64 52.84
C LEU B 121 27.53 -18.78 54.27
N TYR B 122 26.25 -18.49 54.54
CA TYR B 122 25.74 -18.75 55.87
C TYR B 122 25.82 -20.26 56.12
N GLU B 123 25.45 -21.04 55.10
CA GLU B 123 25.47 -22.49 55.18
C GLU B 123 26.88 -23.03 55.41
N ARG B 124 27.87 -22.41 54.76
CA ARG B 124 29.25 -22.84 54.92
C ARG B 124 29.67 -22.77 56.38
N VAL B 125 29.29 -21.67 57.04
CA VAL B 125 29.60 -21.50 58.45
C VAL B 125 28.83 -22.48 59.32
N LYS B 126 27.53 -22.61 59.05
CA LYS B 126 26.65 -23.44 59.85
C LYS B 126 27.01 -24.93 59.79
N LYS B 127 27.27 -25.43 58.59
CA LYS B 127 27.55 -26.85 58.41
C LYS B 127 28.89 -27.24 59.01
N GLN B 128 29.81 -26.28 59.09
CA GLN B 128 31.15 -26.57 59.58
C GLN B 128 31.26 -26.41 61.10
N LEU B 129 30.49 -25.50 61.68
CA LEU B 129 30.57 -25.24 63.12
C LEU B 129 29.43 -25.91 63.91
N ARG B 130 28.30 -26.11 63.24
CA ARG B 130 27.14 -26.84 63.75
C ARG B 130 26.37 -26.22 64.95
N GLU B 131 27.08 -25.74 65.98
CA GLU B 131 26.38 -25.21 67.14
C GLU B 131 26.76 -23.79 67.56
N ASN B 132 27.97 -23.36 67.20
CA ASN B 132 28.49 -22.10 67.73
C ASN B 132 28.38 -20.94 66.74
N ALA B 133 27.55 -21.12 65.73
CA ALA B 133 27.30 -20.07 64.74
C ALA B 133 25.87 -19.53 64.84
N GLU B 134 25.67 -18.49 65.65
CA GLU B 134 24.31 -17.97 65.83
C GLU B 134 24.03 -16.81 64.89
N GLU B 135 23.09 -16.99 63.97
CA GLU B 135 22.77 -16.00 62.95
C GLU B 135 21.93 -14.85 63.51
N ASP B 136 22.37 -13.62 63.26
CA ASP B 136 21.63 -12.42 63.70
C ASP B 136 20.63 -11.91 62.67
N GLY B 137 20.62 -12.53 61.49
CA GLY B 137 19.70 -12.16 60.42
C GLY B 137 20.21 -10.98 59.60
N THR B 138 21.36 -10.44 59.98
CA THR B 138 21.96 -9.30 59.31
C THR B 138 23.32 -9.65 58.77
N GLY B 139 23.54 -10.92 58.49
CA GLY B 139 24.80 -11.36 57.94
C GLY B 139 25.78 -11.73 59.02
N CYS B 140 25.42 -11.51 60.28
CA CYS B 140 26.36 -11.78 61.37
C CYS B 140 26.15 -13.10 62.07
N PHE B 141 27.27 -13.77 62.33
CA PHE B 141 27.26 -14.95 63.17
C PHE B 141 28.00 -14.67 64.46
N GLU B 142 27.34 -14.90 65.58
CA GLU B 142 28.05 -14.77 66.84
C GLU B 142 28.81 -16.05 67.09
N ILE B 143 30.12 -15.92 67.28
CA ILE B 143 30.96 -17.08 67.48
C ILE B 143 31.33 -17.24 68.95
N PHE B 144 31.12 -18.44 69.47
CA PHE B 144 31.26 -18.70 70.91
C PHE B 144 32.63 -19.26 71.31
N HIS B 145 33.65 -18.98 70.51
CA HIS B 145 35.01 -19.42 70.83
C HIS B 145 36.02 -18.36 70.42
N LYS B 146 37.28 -18.56 70.80
CA LYS B 146 38.33 -17.59 70.53
C LYS B 146 38.71 -17.59 69.06
N CYS B 147 37.87 -16.92 68.28
CA CYS B 147 37.96 -16.95 66.83
C CYS B 147 38.82 -15.80 66.30
N ASP B 148 40.16 -15.99 66.43
CA ASP B 148 41.13 -14.97 66.00
C ASP B 148 41.40 -15.16 64.52
N ASP B 149 42.39 -14.46 63.99
CA ASP B 149 42.62 -14.48 62.55
C ASP B 149 42.77 -15.88 62.00
N GLN B 150 43.22 -16.81 62.83
CA GLN B 150 43.43 -18.18 62.39
C GLN B 150 42.12 -18.85 62.02
N CYS B 151 41.04 -18.46 62.71
CA CYS B 151 39.76 -19.06 62.39
C CYS B 151 39.27 -18.51 61.07
N MET B 152 39.66 -17.28 60.75
CA MET B 152 39.27 -16.70 59.48
C MET B 152 40.00 -17.41 58.37
N GLU B 153 41.27 -17.74 58.62
CA GLU B 153 42.03 -18.51 57.67
C GLU B 153 41.41 -19.89 57.52
N SER B 154 40.95 -20.46 58.64
CA SER B 154 40.33 -21.78 58.63
C SER B 154 39.06 -21.76 57.79
N ILE B 155 38.29 -20.69 57.90
CA ILE B 155 37.05 -20.59 57.11
C ILE B 155 37.38 -20.50 55.63
N ARG B 156 38.32 -19.62 55.30
CA ARG B 156 38.71 -19.41 53.92
C ARG B 156 39.39 -20.65 53.32
N ASN B 157 40.07 -21.42 54.16
CA ASN B 157 40.74 -22.63 53.69
C ASN B 157 39.88 -23.87 53.88
N ASN B 158 38.64 -23.69 54.35
CA ASN B 158 37.73 -24.80 54.59
C ASN B 158 38.32 -25.86 55.51
N THR B 159 39.05 -25.42 56.54
CA THR B 159 39.57 -26.32 57.56
C THR B 159 38.78 -26.07 58.84
N TYR B 160 37.81 -25.17 58.73
CA TYR B 160 36.94 -24.86 59.84
C TYR B 160 36.09 -26.09 60.11
N ASP B 161 36.19 -26.62 61.32
CA ASP B 161 35.55 -27.89 61.63
C ASP B 161 35.21 -28.02 63.11
N HIS B 162 33.93 -28.25 63.38
CA HIS B 162 33.43 -28.39 64.74
C HIS B 162 34.10 -29.53 65.51
N THR B 163 34.72 -30.46 64.80
CA THR B 163 35.42 -31.57 65.45
C THR B 163 36.39 -31.05 66.50
N GLN B 164 37.06 -29.94 66.19
CA GLN B 164 38.00 -29.34 67.12
C GLN B 164 37.45 -28.03 67.67
N TYR B 165 36.77 -27.26 66.83
CA TYR B 165 36.29 -25.95 67.25
C TYR B 165 35.16 -26.04 68.25
N ARG B 166 34.34 -27.10 68.18
CA ARG B 166 33.27 -27.21 69.16
C ARG B 166 33.88 -27.38 70.53
N THR B 167 34.92 -28.20 70.62
CA THR B 167 35.58 -28.44 71.90
C THR B 167 36.17 -27.14 72.44
N GLU B 168 36.76 -26.34 71.57
CA GLU B 168 37.29 -25.05 71.98
C GLU B 168 36.18 -24.17 72.54
N SER B 169 34.98 -24.30 71.98
CA SER B 169 33.85 -23.53 72.48
C SER B 169 33.27 -24.14 73.74
N LEU B 170 33.42 -25.45 73.92
CA LEU B 170 32.89 -26.09 75.10
C LEU B 170 33.57 -25.51 76.33
N GLN B 171 34.84 -25.18 76.17
CA GLN B 171 35.60 -24.55 77.24
C GLN B 171 35.00 -23.21 77.64
N ASN B 172 34.25 -22.61 76.71
CA ASN B 172 33.66 -21.30 76.93
C ASN B 172 32.12 -21.33 77.04
N ARG B 173 31.50 -22.45 76.67
CA ARG B 173 30.04 -22.50 76.54
C ARG B 173 29.33 -23.65 77.25
N ILE B 174 30.04 -24.73 77.53
CA ILE B 174 29.37 -25.96 77.96
C ILE B 174 28.58 -25.83 79.26
N GLN B 175 27.40 -26.43 79.26
CA GLN B 175 26.57 -26.54 80.46
C GLN B 175 26.16 -28.00 80.65
N ILE B 176 26.47 -28.55 81.81
CA ILE B 176 26.15 -29.94 82.09
C ILE B 176 25.09 -30.05 83.18
N ASP B 177 23.98 -30.69 82.84
CA ASP B 177 22.86 -30.83 83.78
C ASP B 177 21.95 -31.97 83.37
N VAL C 1 0.70 -18.69 -45.31
CA VAL C 1 0.82 -19.05 -46.72
C VAL C 1 0.43 -17.90 -47.64
N GLN C 2 -0.67 -17.21 -47.30
CA GLN C 2 -1.17 -16.15 -48.16
C GLN C 2 -1.55 -14.87 -47.43
N LEU C 3 -1.42 -13.75 -48.15
CA LEU C 3 -2.01 -12.49 -47.76
C LEU C 3 -2.97 -12.06 -48.86
N VAL C 4 -4.21 -11.80 -48.49
CA VAL C 4 -5.20 -11.39 -49.48
C VAL C 4 -5.81 -10.06 -49.08
N GLN C 5 -6.25 -9.28 -50.07
CA GLN C 5 -6.69 -7.93 -49.75
C GLN C 5 -8.10 -7.61 -50.24
N SER C 6 -8.72 -6.63 -49.58
CA SER C 6 -10.05 -6.16 -49.94
C SER C 6 -10.05 -5.50 -51.32
N GLY C 7 -11.23 -5.39 -51.92
CA GLY C 7 -11.36 -4.89 -53.27
C GLY C 7 -11.03 -3.41 -53.38
N ALA C 8 -10.82 -2.96 -54.61
CA ALA C 8 -10.49 -1.57 -54.89
C ALA C 8 -11.62 -0.66 -54.44
N GLU C 9 -11.27 0.55 -54.02
CA GLU C 9 -12.26 1.49 -53.52
C GLU C 9 -12.14 2.87 -54.15
N VAL C 10 -13.27 3.58 -54.20
CA VAL C 10 -13.30 4.96 -54.64
C VAL C 10 -13.81 5.87 -53.53
N LYS C 11 -13.04 6.91 -53.22
CA LYS C 11 -13.40 7.81 -52.13
C LYS C 11 -13.37 9.28 -52.56
N LYS C 12 -14.17 10.10 -51.91
CA LYS C 12 -14.10 11.55 -52.15
C LYS C 12 -13.00 12.14 -51.26
N PRO C 13 -12.36 13.24 -51.68
CA PRO C 13 -11.37 13.98 -50.91
C PRO C 13 -11.91 14.38 -49.54
N GLY C 14 -11.07 14.26 -48.53
CA GLY C 14 -11.43 14.63 -47.15
C GLY C 14 -12.05 13.44 -46.42
N ALA C 15 -12.39 12.39 -47.16
CA ALA C 15 -12.97 11.19 -46.59
C ALA C 15 -11.88 10.29 -46.03
N SER C 16 -12.29 9.22 -45.35
CA SER C 16 -11.33 8.23 -44.88
C SER C 16 -11.42 6.95 -45.71
N VAL C 17 -10.34 6.17 -45.70
CA VAL C 17 -10.36 4.86 -46.36
C VAL C 17 -9.83 3.79 -45.45
N LYS C 18 -10.45 2.63 -45.50
CA LYS C 18 -9.94 1.50 -44.74
C LYS C 18 -9.58 0.38 -45.70
N VAL C 19 -8.34 -0.08 -45.62
CA VAL C 19 -7.89 -1.14 -46.50
C VAL C 19 -7.60 -2.37 -45.67
N SER C 20 -8.19 -3.50 -46.05
CA SER C 20 -8.01 -4.71 -45.25
C SER C 20 -7.16 -5.78 -45.94
N CYS C 21 -6.35 -6.46 -45.14
CA CYS C 21 -5.64 -7.65 -45.60
C CYS C 21 -5.83 -8.79 -44.61
N LYS C 22 -6.04 -9.99 -45.14
CA LYS C 22 -6.22 -11.15 -44.28
C LYS C 22 -5.06 -12.11 -44.43
N ALA C 23 -4.63 -12.67 -43.31
CA ALA C 23 -3.54 -13.62 -43.34
C ALA C 23 -4.01 -15.03 -43.08
N SER C 24 -3.58 -15.96 -43.93
CA SER C 24 -3.93 -17.37 -43.79
C SER C 24 -2.69 -18.19 -43.53
N GLY C 25 -2.84 -19.25 -42.73
CA GLY C 25 -1.71 -20.11 -42.39
C GLY C 25 -1.05 -19.69 -41.08
N TYR C 26 0.11 -19.06 -41.17
CA TYR C 26 0.93 -18.73 -40.00
C TYR C 26 0.29 -17.71 -39.07
N THR C 27 0.69 -17.76 -37.81
CA THR C 27 0.22 -16.81 -36.82
C THR C 27 0.79 -15.43 -37.11
N LEU C 28 0.15 -14.40 -36.59
CA LEU C 28 0.59 -13.02 -36.83
C LEU C 28 1.67 -12.55 -35.88
N THR C 29 1.80 -13.19 -34.73
CA THR C 29 2.69 -12.70 -33.69
C THR C 29 4.17 -12.88 -34.03
N ARG C 30 4.46 -13.72 -35.03
CA ARG C 30 5.84 -14.00 -35.41
C ARG C 30 6.40 -13.01 -36.42
N TYR C 31 5.54 -12.15 -36.96
CA TYR C 31 5.97 -11.23 -38.01
C TYR C 31 5.51 -9.81 -37.77
N TYR C 32 6.21 -8.86 -38.39
CA TYR C 32 5.79 -7.47 -38.37
C TYR C 32 5.17 -7.16 -39.71
N PHE C 33 4.19 -6.29 -39.74
CA PHE C 33 3.58 -5.99 -41.01
C PHE C 33 3.73 -4.54 -41.37
N HIS C 34 3.97 -4.30 -42.64
CA HIS C 34 4.20 -2.96 -43.15
C HIS C 34 3.21 -2.60 -44.23
N TRP C 35 2.93 -1.31 -44.30
CA TRP C 35 2.16 -0.80 -45.40
C TRP C 35 3.05 0.01 -46.31
N VAL C 36 3.03 -0.35 -47.58
CA VAL C 36 3.82 0.34 -48.58
C VAL C 36 2.96 0.74 -49.76
N ARG C 37 3.07 1.99 -50.13
CA ARG C 37 2.35 2.51 -51.28
C ARG C 37 3.07 2.26 -52.58
N GLN C 38 2.34 1.77 -53.57
CA GLN C 38 2.83 1.71 -54.94
C GLN C 38 2.15 2.80 -55.74
N ALA C 39 2.81 3.93 -55.82
CA ALA C 39 2.27 5.08 -56.51
C ALA C 39 2.08 4.71 -57.98
N PRO C 40 1.06 5.24 -58.65
CA PRO C 40 0.63 4.87 -60.00
C PRO C 40 1.68 5.18 -61.05
N GLY C 41 2.72 4.36 -61.11
CA GLY C 41 3.81 4.52 -62.07
C GLY C 41 5.01 5.22 -61.45
N GLN C 42 4.97 5.40 -60.13
CA GLN C 42 6.07 6.02 -59.39
C GLN C 42 6.61 5.04 -58.34
N GLY C 43 7.70 5.42 -57.67
CA GLY C 43 8.39 4.51 -56.78
C GLY C 43 7.58 4.19 -55.52
N PHE C 44 8.09 3.26 -54.73
CA PHE C 44 7.42 2.82 -53.50
C PHE C 44 7.59 3.83 -52.37
N GLU C 45 6.56 3.98 -51.56
CA GLU C 45 6.64 4.84 -50.38
C GLU C 45 6.23 4.09 -49.12
N TRP C 46 7.11 4.09 -48.13
CA TRP C 46 6.80 3.44 -46.86
C TRP C 46 5.78 4.26 -46.09
N MET C 47 4.71 3.63 -45.62
CA MET C 47 3.72 4.35 -44.82
C MET C 47 3.95 4.14 -43.34
N GLY C 48 4.17 2.89 -42.94
CA GLY C 48 4.35 2.59 -41.53
C GLY C 48 4.39 1.10 -41.22
N ILE C 49 4.60 0.81 -39.94
CA ILE C 49 4.71 -0.55 -39.43
C ILE C 49 3.80 -0.79 -38.25
N ILE C 50 3.22 -1.98 -38.18
CA ILE C 50 2.44 -2.37 -37.01
C ILE C 50 2.94 -3.68 -36.41
N ASN C 51 3.06 -3.69 -35.09
CA ASN C 51 3.46 -4.89 -34.36
C ASN C 51 2.26 -5.51 -33.64
N PRO C 52 1.69 -6.60 -34.18
CA PRO C 52 0.45 -7.21 -33.75
C PRO C 52 0.53 -7.75 -32.32
N ASN C 53 1.75 -7.88 -31.80
CA ASN C 53 1.95 -8.38 -30.45
C ASN C 53 1.38 -7.42 -29.42
N GLY C 54 1.27 -6.14 -29.78
CA GLY C 54 0.73 -5.17 -28.86
C GLY C 54 0.15 -3.96 -29.59
N GLY C 55 0.07 -4.05 -30.90
CA GLY C 55 -0.60 -3.01 -31.69
C GLY C 55 0.22 -1.74 -31.83
N GLY C 56 1.50 -1.82 -31.47
CA GLY C 56 2.35 -0.62 -31.56
C GLY C 56 2.52 -0.22 -33.02
N THR C 57 2.57 1.08 -33.28
CA THR C 57 2.74 1.55 -34.66
C THR C 57 3.77 2.65 -34.79
N SER C 58 4.31 2.79 -36.00
CA SER C 58 5.21 3.89 -36.31
C SER C 58 4.98 4.34 -37.75
N TYR C 59 4.90 5.65 -37.96
CA TYR C 59 4.59 6.17 -39.28
C TYR C 59 5.61 7.16 -39.79
N ALA C 60 5.82 7.13 -41.11
CA ALA C 60 6.69 8.11 -41.76
C ALA C 60 6.05 9.48 -41.67
N GLN C 61 6.88 10.52 -41.56
CA GLN C 61 6.39 11.89 -41.43
C GLN C 61 5.63 12.35 -42.66
N LYS C 62 5.84 11.68 -43.78
CA LYS C 62 5.13 12.04 -45.01
C LYS C 62 3.64 11.83 -44.85
N PHE C 63 3.27 10.92 -43.96
CA PHE C 63 1.88 10.63 -43.68
C PHE C 63 1.52 11.13 -42.28
N GLY C 64 2.49 11.09 -41.38
CA GLY C 64 2.33 11.69 -40.06
C GLY C 64 1.12 11.17 -39.32
N ASP C 65 0.25 12.11 -38.93
CA ASP C 65 -0.93 11.84 -38.12
C ASP C 65 -2.14 11.41 -38.94
N ARG C 66 -1.97 11.32 -40.25
CA ARG C 66 -3.08 10.96 -41.14
C ARG C 66 -3.40 9.47 -41.08
N VAL C 67 -2.46 8.67 -40.59
CA VAL C 67 -2.62 7.21 -40.65
C VAL C 67 -2.78 6.54 -39.30
N ILE C 68 -3.80 5.70 -39.20
CA ILE C 68 -3.99 4.88 -38.02
C ILE C 68 -4.07 3.40 -38.40
N MET C 69 -3.09 2.63 -37.97
CA MET C 69 -3.09 1.20 -38.21
C MET C 69 -3.54 0.44 -36.96
N THR C 70 -4.28 -0.65 -37.17
CA THR C 70 -4.66 -1.52 -36.07
C THR C 70 -4.81 -2.95 -36.55
N SER C 71 -4.75 -3.91 -35.63
CA SER C 71 -4.86 -5.31 -36.02
C SER C 71 -5.97 -6.03 -35.26
N ASP C 72 -6.48 -7.10 -35.87
CA ASP C 72 -7.47 -7.95 -35.23
C ASP C 72 -7.02 -9.41 -35.21
N MET C 73 -6.56 -9.85 -34.04
CA MET C 73 -6.02 -11.19 -33.89
C MET C 73 -7.08 -12.29 -34.05
N SER C 74 -8.33 -11.97 -33.76
CA SER C 74 -9.38 -12.98 -33.80
C SER C 74 -9.82 -13.31 -35.22
N THR C 75 -9.60 -12.38 -36.15
CA THR C 75 -9.98 -12.61 -37.54
C THR C 75 -8.76 -12.65 -38.45
N SER C 76 -7.58 -12.40 -37.90
CA SER C 76 -6.35 -12.34 -38.68
C SER C 76 -6.41 -11.23 -39.71
N THR C 77 -6.79 -10.03 -39.27
CA THR C 77 -6.92 -8.91 -40.19
C THR C 77 -6.03 -7.74 -39.76
N ILE C 78 -5.39 -7.12 -40.74
CA ILE C 78 -4.45 -6.01 -40.50
C ILE C 78 -4.94 -4.65 -40.93
N TYR C 79 -6.23 -4.44 -41.01
CA TYR C 79 -6.75 -3.25 -41.66
C TYR C 79 -6.13 -1.92 -41.18
N MET C 80 -5.93 -1.02 -42.16
CA MET C 80 -5.39 0.32 -41.94
C MET C 80 -6.40 1.39 -42.27
N GLU C 81 -6.43 2.44 -41.46
CA GLU C 81 -7.29 3.59 -41.73
C GLU C 81 -6.48 4.84 -42.08
N LEU C 82 -6.76 5.41 -43.25
CA LEU C 82 -6.11 6.67 -43.66
C LEU C 82 -7.13 7.80 -43.71
N SER C 83 -6.82 8.89 -43.01
CA SER C 83 -7.73 10.03 -42.90
C SER C 83 -7.30 11.19 -43.79
N SER C 84 -8.25 12.10 -44.04
CA SER C 84 -8.00 13.31 -44.82
C SER C 84 -7.44 12.99 -46.20
N LEU C 85 -8.16 12.16 -46.94
CA LEU C 85 -7.71 11.73 -48.25
C LEU C 85 -7.55 12.88 -49.23
N ARG C 86 -6.50 12.80 -50.04
CA ARG C 86 -6.21 13.78 -51.07
C ARG C 86 -6.08 13.09 -52.42
N SER C 87 -6.14 13.87 -53.50
CA SER C 87 -6.02 13.30 -54.84
C SER C 87 -4.67 12.61 -55.04
N GLU C 88 -3.68 13.00 -54.25
CA GLU C 88 -2.34 12.45 -54.33
C GLU C 88 -2.25 11.06 -53.71
N ASP C 89 -3.32 10.62 -53.05
CA ASP C 89 -3.32 9.34 -52.38
C ASP C 89 -3.76 8.20 -53.29
N THR C 90 -4.10 8.52 -54.54
CA THR C 90 -4.46 7.46 -55.46
C THR C 90 -3.26 6.56 -55.71
N ALA C 91 -3.40 5.29 -55.35
CA ALA C 91 -2.27 4.36 -55.44
C ALA C 91 -2.70 2.94 -55.12
N VAL C 92 -1.80 1.98 -55.34
CA VAL C 92 -2.03 0.61 -54.89
C VAL C 92 -1.36 0.40 -53.53
N TYR C 93 -2.14 -0.03 -52.56
CA TYR C 93 -1.62 -0.20 -51.20
C TYR C 93 -1.33 -1.65 -50.90
N TYR C 94 -0.11 -1.94 -50.45
CA TYR C 94 0.26 -3.31 -50.16
C TYR C 94 0.46 -3.59 -48.69
N CYS C 95 0.02 -4.76 -48.28
CA CYS C 95 0.41 -5.29 -46.98
C CYS C 95 1.63 -6.18 -47.16
N ALA C 96 2.64 -5.97 -46.34
CA ALA C 96 3.80 -6.84 -46.44
C ALA C 96 4.12 -7.50 -45.11
N ARG C 97 4.40 -8.80 -45.16
CA ARG C 97 4.82 -9.52 -43.98
C ARG C 97 6.33 -9.53 -43.93
N ASP C 98 6.88 -8.82 -42.97
CA ASP C 98 8.31 -8.65 -42.93
C ASP C 98 8.96 -9.47 -41.83
N MET C 99 9.91 -10.30 -42.24
CA MET C 99 10.66 -11.11 -41.30
C MET C 99 11.67 -10.24 -40.58
N PRO C 100 11.76 -10.30 -39.24
CA PRO C 100 12.69 -9.55 -38.43
C PRO C 100 14.11 -10.09 -38.53
N TYR C 101 14.73 -9.86 -39.69
CA TYR C 101 16.10 -10.30 -39.96
C TYR C 101 17.15 -9.26 -39.61
N TYR C 102 16.91 -8.00 -40.01
CA TYR C 102 17.93 -6.97 -39.82
C TYR C 102 17.90 -6.38 -38.41
N HIS C 103 18.44 -7.13 -37.46
CA HIS C 103 18.41 -6.77 -36.04
C HIS C 103 19.28 -5.56 -35.75
N ASP C 104 20.11 -5.18 -36.72
CA ASP C 104 21.05 -4.08 -36.57
C ASP C 104 20.37 -2.71 -36.72
N SER C 105 19.32 -2.67 -37.53
CA SER C 105 18.62 -1.42 -37.80
C SER C 105 17.11 -1.54 -37.60
N GLY C 106 16.63 -2.75 -37.32
CA GLY C 106 15.20 -2.98 -37.21
C GLY C 106 14.60 -2.99 -38.60
N GLY C 107 15.47 -3.20 -39.57
CA GLY C 107 15.07 -3.10 -40.96
C GLY C 107 14.16 -4.26 -41.33
N PRO C 108 13.19 -4.02 -42.21
CA PRO C 108 12.27 -4.99 -42.74
C PRO C 108 12.89 -5.91 -43.78
N LEU C 109 12.42 -7.14 -43.82
CA LEU C 109 12.73 -8.05 -44.91
C LEU C 109 11.41 -8.54 -45.50
N PHE C 110 11.05 -8.06 -46.67
CA PHE C 110 9.68 -8.31 -47.14
C PHE C 110 9.52 -9.72 -47.66
N ASP C 111 9.15 -10.62 -46.74
CA ASP C 111 9.06 -12.05 -47.01
C ASP C 111 7.86 -12.39 -47.87
N LEU C 112 6.72 -11.77 -47.57
CA LEU C 112 5.48 -12.04 -48.31
C LEU C 112 4.65 -10.78 -48.55
N TRP C 113 4.26 -10.59 -49.80
CA TRP C 113 3.46 -9.43 -50.17
C TRP C 113 1.99 -9.77 -50.39
N GLY C 114 1.13 -8.81 -50.09
CA GLY C 114 -0.30 -8.96 -50.32
C GLY C 114 -0.65 -8.68 -51.77
N GLN C 115 -1.92 -8.85 -52.11
CA GLN C 115 -2.41 -8.68 -53.47
C GLN C 115 -2.30 -7.25 -53.98
N GLY C 116 -2.48 -6.30 -53.07
CA GLY C 116 -2.49 -4.89 -53.39
C GLY C 116 -3.91 -4.39 -53.61
N THR C 117 -4.23 -3.27 -52.98
CA THR C 117 -5.56 -2.67 -53.14
C THR C 117 -5.47 -1.31 -53.80
N LEU C 118 -6.19 -1.14 -54.89
CA LEU C 118 -6.19 0.14 -55.57
C LEU C 118 -7.20 1.07 -54.94
N VAL C 119 -6.72 2.22 -54.48
CA VAL C 119 -7.57 3.23 -53.89
C VAL C 119 -7.56 4.46 -54.77
N THR C 120 -8.73 4.91 -55.18
CA THR C 120 -8.82 6.09 -56.02
C THR C 120 -9.54 7.20 -55.29
N VAL C 121 -8.92 8.37 -55.24
CA VAL C 121 -9.53 9.51 -54.57
C VAL C 121 -9.80 10.65 -55.54
N SER C 122 -11.07 11.03 -55.64
CA SER C 122 -11.51 12.05 -56.59
C SER C 122 -13.01 12.29 -56.47
N GLU D 1 16.42 10.14 -43.70
CA GLU D 1 16.22 9.24 -44.84
C GLU D 1 17.50 9.07 -45.63
N ILE D 2 17.50 8.10 -46.52
CA ILE D 2 18.61 7.93 -47.44
C ILE D 2 18.12 7.72 -48.87
N VAL D 3 18.67 8.50 -49.79
CA VAL D 3 18.31 8.42 -51.20
C VAL D 3 19.39 7.67 -51.98
N MET D 4 18.95 6.78 -52.87
CA MET D 4 19.88 5.98 -53.68
C MET D 4 19.43 5.93 -55.12
N THR D 5 20.33 5.53 -56.00
CA THR D 5 19.95 5.33 -57.39
C THR D 5 20.40 3.98 -57.93
N GLN D 6 19.59 3.42 -58.82
CA GLN D 6 19.93 2.20 -59.54
C GLN D 6 20.62 2.49 -60.85
N SER D 7 21.44 1.55 -61.29
CA SER D 7 22.06 1.65 -62.60
C SER D 7 22.14 0.30 -63.29
N PRO D 8 21.76 0.24 -64.57
CA PRO D 8 21.02 1.21 -65.38
C PRO D 8 19.54 1.18 -65.01
N SER D 9 18.78 2.18 -65.44
CA SER D 9 17.33 2.21 -65.24
C SER D 9 16.60 1.18 -66.10
N SER D 10 17.22 0.78 -67.21
CA SER D 10 16.63 -0.22 -68.09
C SER D 10 17.67 -0.86 -68.99
N LEU D 11 17.42 -2.11 -69.40
CA LEU D 11 18.31 -2.81 -70.31
C LEU D 11 17.60 -3.49 -71.47
N SER D 12 18.29 -3.58 -72.59
CA SER D 12 17.86 -4.44 -73.68
C SER D 12 18.78 -5.65 -73.69
N ALA D 13 18.22 -6.85 -73.60
CA ALA D 13 19.01 -8.06 -73.45
C ALA D 13 18.30 -9.27 -74.04
N SER D 14 19.06 -10.33 -74.32
CA SER D 14 18.49 -11.54 -74.87
C SER D 14 18.76 -12.73 -73.97
N VAL D 15 18.10 -13.84 -74.25
CA VAL D 15 18.29 -15.03 -73.42
C VAL D 15 19.72 -15.52 -73.52
N GLY D 16 20.23 -16.00 -72.40
CA GLY D 16 21.60 -16.49 -72.32
C GLY D 16 22.59 -15.40 -71.91
N ASP D 17 22.14 -14.14 -71.93
CA ASP D 17 23.00 -13.01 -71.57
C ASP D 17 23.21 -12.91 -70.07
N ARG D 18 24.31 -12.26 -69.67
CA ARG D 18 24.55 -11.96 -68.26
C ARG D 18 24.24 -10.49 -67.97
N VAL D 19 23.50 -10.25 -66.90
CA VAL D 19 23.10 -8.89 -66.53
C VAL D 19 23.56 -8.48 -65.14
N THR D 20 24.12 -7.28 -65.03
CA THR D 20 24.49 -6.75 -63.72
C THR D 20 23.78 -5.43 -63.44
N ILE D 21 23.18 -5.36 -62.26
CA ILE D 21 22.46 -4.18 -61.81
C ILE D 21 23.06 -3.68 -60.50
N THR D 22 23.26 -2.38 -60.39
CA THR D 22 23.86 -1.86 -59.18
C THR D 22 23.06 -0.76 -58.48
N CYS D 23 23.39 -0.50 -57.22
CA CYS D 23 22.79 0.59 -56.45
C CYS D 23 23.86 1.44 -55.76
N ARG D 24 23.64 2.76 -55.83
CA ARG D 24 24.55 3.73 -55.25
C ARG D 24 23.85 4.68 -54.23
N PRO D 25 23.91 4.37 -52.93
CA PRO D 25 23.31 5.09 -51.82
C PRO D 25 24.06 6.38 -51.53
N SER D 26 23.35 7.37 -50.96
CA SER D 26 23.96 8.63 -50.56
C SER D 26 24.97 8.46 -49.42
N GLN D 27 24.77 7.43 -48.61
CA GLN D 27 25.69 7.12 -47.51
C GLN D 27 25.76 5.63 -47.29
N SER D 28 26.77 5.17 -46.56
CA SER D 28 26.95 3.74 -46.38
C SER D 28 25.72 3.09 -45.77
N ILE D 29 25.35 1.94 -46.34
CA ILE D 29 24.28 1.10 -45.84
C ILE D 29 24.90 -0.26 -45.68
N SER D 30 25.93 -0.31 -44.85
CA SER D 30 26.98 -1.33 -44.93
C SER D 30 26.59 -2.56 -45.73
N THR D 31 25.62 -3.34 -45.26
CA THR D 31 25.19 -4.54 -45.99
C THR D 31 23.68 -4.60 -46.13
N PHE D 32 23.01 -3.51 -45.78
CA PHE D 32 21.56 -3.57 -45.63
C PHE D 32 20.80 -3.25 -46.91
N LEU D 33 20.95 -4.13 -47.91
CA LEU D 33 20.25 -3.98 -49.17
C LEU D 33 19.53 -5.26 -49.62
N ASN D 34 18.23 -5.10 -49.89
CA ASN D 34 17.44 -6.20 -50.44
C ASN D 34 17.14 -5.94 -51.90
N TRP D 35 16.97 -7.00 -52.67
CA TRP D 35 16.55 -6.86 -54.05
C TRP D 35 15.25 -7.61 -54.30
N TYR D 36 14.34 -6.98 -55.03
CA TYR D 36 13.05 -7.58 -55.32
C TYR D 36 12.74 -7.65 -56.80
N GLU D 37 11.95 -8.66 -57.18
CA GLU D 37 11.47 -8.82 -58.56
C GLU D 37 10.01 -8.44 -58.69
N GLN D 38 9.70 -7.49 -59.58
CA GLN D 38 8.30 -7.14 -59.78
C GLN D 38 7.82 -7.43 -61.20
N LYS D 39 6.68 -8.10 -61.28
CA LYS D 39 6.07 -8.36 -62.57
C LYS D 39 4.87 -7.41 -62.68
N PRO D 40 4.54 -6.93 -63.86
CA PRO D 40 3.55 -5.88 -64.07
C PRO D 40 2.18 -6.33 -63.56
N GLY D 41 1.54 -5.45 -62.78
CA GLY D 41 0.21 -5.73 -62.24
C GLY D 41 0.26 -6.64 -61.01
N LYS D 42 1.47 -7.02 -60.60
CA LYS D 42 1.62 -7.95 -59.48
C LYS D 42 2.54 -7.46 -58.38
N ALA D 43 2.41 -8.06 -57.20
CA ALA D 43 3.29 -7.76 -56.08
C ALA D 43 4.70 -8.24 -56.39
N PRO D 44 5.72 -7.55 -55.91
CA PRO D 44 7.13 -7.91 -56.00
C PRO D 44 7.47 -9.10 -55.10
N LYS D 45 8.55 -9.81 -55.46
CA LYS D 45 9.04 -10.95 -54.69
C LYS D 45 10.51 -10.79 -54.30
N LEU D 46 10.86 -11.20 -53.09
CA LEU D 46 12.24 -11.12 -52.62
C LEU D 46 13.15 -12.11 -53.34
N LEU D 47 14.28 -11.62 -53.85
CA LEU D 47 15.26 -12.47 -54.51
C LEU D 47 16.46 -12.72 -53.63
N ILE D 48 17.07 -11.63 -53.19
CA ILE D 48 18.28 -11.72 -52.40
C ILE D 48 18.29 -10.68 -51.29
N TYR D 49 18.85 -11.03 -50.14
CA TYR D 49 18.87 -10.14 -49.00
C TYR D 49 20.24 -10.09 -48.34
N ASP D 50 20.46 -9.05 -47.54
CA ASP D 50 21.75 -8.82 -46.90
C ASP D 50 22.83 -8.72 -47.96
N ALA D 51 22.44 -8.24 -49.15
CA ALA D 51 23.32 -8.06 -50.30
C ALA D 51 24.11 -9.31 -50.71
N SER D 52 23.81 -10.48 -50.14
CA SER D 52 24.59 -11.68 -50.49
C SER D 52 23.90 -13.02 -50.22
N SER D 53 22.74 -13.00 -49.58
CA SER D 53 22.08 -14.24 -49.21
C SER D 53 20.78 -14.45 -49.97
N LEU D 54 20.70 -15.53 -50.73
CA LEU D 54 19.53 -15.78 -51.56
C LEU D 54 18.32 -16.22 -50.74
N GLN D 55 17.15 -15.77 -51.15
CA GLN D 55 15.91 -16.24 -50.55
C GLN D 55 15.62 -17.66 -50.99
N SER D 56 15.02 -18.45 -50.12
CA SER D 56 14.71 -19.83 -50.46
C SER D 56 13.81 -19.88 -51.70
N GLY D 57 14.11 -20.82 -52.60
CA GLY D 57 13.32 -21.01 -53.81
C GLY D 57 13.86 -20.20 -55.00
N VAL D 58 14.85 -19.35 -54.73
CA VAL D 58 15.45 -18.54 -55.79
C VAL D 58 16.51 -19.36 -56.55
N PRO D 59 16.44 -19.42 -57.89
CA PRO D 59 17.33 -20.17 -58.75
C PRO D 59 18.75 -19.62 -58.73
N SER D 60 19.70 -20.51 -59.04
CA SER D 60 21.13 -20.21 -58.99
C SER D 60 21.57 -19.11 -59.94
N ARG D 61 20.70 -18.72 -60.88
CA ARG D 61 21.02 -17.66 -61.82
C ARG D 61 21.28 -16.34 -61.10
N PHE D 62 20.69 -16.18 -59.92
CA PHE D 62 20.80 -14.94 -59.17
C PHE D 62 21.87 -14.97 -58.09
N SER D 63 22.65 -13.90 -58.01
CA SER D 63 23.66 -13.74 -56.97
C SER D 63 23.98 -12.26 -56.80
N GLY D 64 24.69 -11.91 -55.73
CA GLY D 64 25.03 -10.51 -55.53
C GLY D 64 26.13 -10.33 -54.50
N SER D 65 26.62 -9.10 -54.42
CA SER D 65 27.73 -8.75 -53.55
C SER D 65 27.84 -7.24 -53.38
N GLY D 66 28.68 -6.80 -52.47
CA GLY D 66 28.91 -5.38 -52.31
C GLY D 66 28.82 -4.94 -50.85
N SER D 67 29.25 -3.71 -50.61
CA SER D 67 29.26 -3.16 -49.27
C SER D 67 29.41 -1.64 -49.30
N GLY D 68 29.18 -1.00 -48.16
CA GLY D 68 29.42 0.44 -48.08
C GLY D 68 28.49 1.20 -49.01
N THR D 69 29.06 1.82 -50.05
CA THR D 69 28.27 2.61 -50.97
C THR D 69 28.25 2.03 -52.38
N GLU D 70 28.60 0.77 -52.53
CA GLU D 70 28.51 0.12 -53.84
C GLU D 70 27.97 -1.30 -53.73
N PHE D 71 26.80 -1.52 -54.32
CA PHE D 71 26.16 -2.83 -54.29
C PHE D 71 25.82 -3.34 -55.67
N THR D 72 25.94 -4.66 -55.84
CA THR D 72 25.70 -5.27 -57.14
C THR D 72 24.75 -6.47 -57.07
N LEU D 73 24.02 -6.67 -58.17
CA LEU D 73 23.16 -7.83 -58.39
C LEU D 73 23.42 -8.38 -59.78
N THR D 74 23.68 -9.68 -59.88
CA THR D 74 23.95 -10.26 -61.19
C THR D 74 23.05 -11.45 -61.50
N ILE D 75 22.60 -11.49 -62.76
CA ILE D 75 21.82 -12.61 -63.27
C ILE D 75 22.58 -13.30 -64.41
N SER D 76 22.82 -14.59 -64.28
CA SER D 76 23.52 -15.32 -65.35
C SER D 76 22.54 -16.08 -66.25
N SER D 77 22.85 -16.10 -67.55
CA SER D 77 22.08 -16.88 -68.52
C SER D 77 20.58 -16.60 -68.49
N LEU D 78 20.18 -15.40 -68.91
CA LEU D 78 18.78 -14.97 -68.83
C LEU D 78 17.80 -15.94 -69.47
N GLN D 79 16.71 -16.19 -68.76
CA GLN D 79 15.57 -16.97 -69.26
C GLN D 79 14.36 -16.03 -69.40
N PRO D 80 13.31 -16.40 -70.15
CA PRO D 80 12.06 -15.66 -70.29
C PRO D 80 11.48 -15.29 -68.92
N GLU D 81 11.75 -16.14 -67.93
CA GLU D 81 11.27 -15.95 -66.56
C GLU D 81 11.83 -14.70 -65.91
N ASP D 82 12.98 -14.25 -66.39
CA ASP D 82 13.74 -13.20 -65.74
C ASP D 82 13.44 -11.79 -66.26
N PHE D 83 12.54 -11.66 -67.21
CA PHE D 83 12.26 -10.32 -67.70
C PHE D 83 11.25 -9.61 -66.82
N ALA D 84 11.76 -8.84 -65.87
CA ALA D 84 10.98 -8.18 -64.83
C ALA D 84 11.66 -6.88 -64.39
N THR D 85 10.99 -6.14 -63.51
CA THR D 85 11.59 -4.92 -62.97
C THR D 85 12.19 -5.21 -61.60
N TYR D 86 13.46 -4.87 -61.42
CA TYR D 86 14.14 -5.18 -60.17
C TYR D 86 14.31 -3.96 -59.29
N TYR D 87 14.01 -4.10 -58.00
CA TYR D 87 14.08 -2.97 -57.07
C TYR D 87 15.05 -3.17 -55.92
N CYS D 88 15.68 -2.08 -55.51
CA CYS D 88 16.50 -2.04 -54.30
C CYS D 88 15.68 -1.60 -53.10
N GLN D 89 16.10 -2.02 -51.92
CA GLN D 89 15.54 -1.51 -50.67
C GLN D 89 16.61 -1.20 -49.63
N GLN D 90 16.58 0.01 -49.09
CA GLN D 90 17.52 0.37 -48.02
C GLN D 90 16.90 0.20 -46.66
N SER D 91 17.44 -0.75 -45.91
CA SER D 91 16.93 -1.09 -44.59
C SER D 91 17.74 -0.39 -43.51
N PHE D 92 18.67 0.45 -43.94
CA PHE D 92 19.63 1.12 -43.06
C PHE D 92 19.00 2.02 -41.99
N SER D 93 18.09 2.88 -42.39
CA SER D 93 17.52 3.84 -41.46
C SER D 93 16.14 4.28 -41.89
N THR D 94 15.41 4.92 -40.98
CA THR D 94 14.07 5.41 -41.29
C THR D 94 14.06 6.76 -41.98
N PRO D 95 13.03 7.01 -42.79
CA PRO D 95 12.08 6.06 -43.36
C PRO D 95 12.79 5.15 -44.33
N TYR D 96 12.30 3.93 -44.47
CA TYR D 96 12.92 2.98 -45.36
C TYR D 96 12.67 3.41 -46.80
N THR D 97 13.65 3.20 -47.67
CA THR D 97 13.51 3.67 -49.04
C THR D 97 13.73 2.59 -50.09
N PHE D 98 13.19 2.81 -51.28
CA PHE D 98 13.32 1.89 -52.40
C PHE D 98 13.92 2.57 -53.63
N GLY D 99 14.46 1.75 -54.52
CA GLY D 99 15.12 2.27 -55.72
C GLY D 99 14.11 2.61 -56.81
N GLN D 100 14.63 3.09 -57.94
CA GLN D 100 13.80 3.50 -59.07
C GLN D 100 13.21 2.32 -59.82
N GLY D 101 13.94 1.20 -59.77
CA GLY D 101 13.55 -0.01 -60.48
C GLY D 101 14.33 -0.14 -61.79
N THR D 102 14.81 -1.34 -62.07
CA THR D 102 15.51 -1.62 -63.33
C THR D 102 14.76 -2.65 -64.16
N ARG D 103 14.33 -2.26 -65.35
CA ARG D 103 13.52 -3.16 -66.17
C ARG D 103 14.33 -3.85 -67.26
N LEU D 104 14.09 -5.16 -67.41
CA LEU D 104 14.72 -5.91 -68.48
C LEU D 104 13.78 -6.09 -69.66
N GLU D 105 14.28 -5.74 -70.84
CA GLU D 105 13.51 -5.80 -72.09
C GLU D 105 14.36 -6.43 -73.18
N ILE D 106 13.77 -6.63 -74.35
CA ILE D 106 14.53 -7.14 -75.49
C ILE D 106 14.57 -6.12 -76.61
N GLY E 18 -0.07 -29.31 73.74
CA GLY E 18 -1.31 -28.88 74.37
C GLY E 18 -1.89 -27.66 73.67
N ASP E 19 -1.00 -26.85 73.09
CA ASP E 19 -1.40 -25.64 72.37
C ASP E 19 -0.71 -25.62 71.01
N LYS E 20 -1.35 -24.99 70.03
CA LYS E 20 -0.76 -24.95 68.69
C LYS E 20 -0.73 -23.56 68.06
N ILE E 21 0.27 -23.34 67.22
CA ILE E 21 0.29 -22.16 66.36
C ILE E 21 0.04 -22.59 64.93
N CYS E 22 -1.14 -22.33 64.40
CA CYS E 22 -1.46 -22.83 63.08
C CYS E 22 -1.69 -21.69 62.07
N LEU E 23 -0.81 -21.65 61.06
CA LEU E 23 -0.85 -20.58 60.08
C LEU E 23 -2.01 -20.77 59.12
N GLY E 24 -2.96 -19.82 59.12
CA GLY E 24 -4.16 -19.93 58.31
C GLY E 24 -3.95 -19.35 56.92
N HIS E 25 -4.82 -19.75 55.99
CA HIS E 25 -4.74 -19.26 54.61
C HIS E 25 -6.00 -18.49 54.20
N HIS E 26 -6.79 -18.01 55.16
CA HIS E 26 -7.99 -17.25 54.83
C HIS E 26 -8.84 -18.00 53.81
N ALA E 27 -9.10 -19.27 54.08
CA ALA E 27 -9.76 -20.12 53.10
C ALA E 27 -11.27 -19.94 53.13
N VAL E 28 -11.75 -19.01 52.33
CA VAL E 28 -13.18 -18.72 52.24
C VAL E 28 -13.92 -19.80 51.46
N ALA E 29 -15.25 -19.78 51.53
CA ALA E 29 -16.07 -20.71 50.78
C ALA E 29 -15.72 -20.61 49.30
N ASN E 30 -16.05 -21.64 48.55
CA ASN E 30 -15.55 -21.76 47.17
C ASN E 30 -15.53 -20.40 46.47
N GLY E 31 -14.37 -20.10 45.86
CA GLY E 31 -14.11 -18.83 45.20
C GLY E 31 -13.90 -18.99 43.70
N THR E 32 -12.86 -18.34 43.19
CA THR E 32 -12.58 -18.35 41.75
C THR E 32 -11.21 -18.94 41.44
N LYS E 33 -10.90 -19.05 40.14
CA LYS E 33 -9.68 -19.71 39.70
C LYS E 33 -8.82 -18.83 38.80
N VAL E 34 -7.50 -19.04 38.85
CA VAL E 34 -6.57 -18.27 38.03
C VAL E 34 -5.61 -19.16 37.23
N ASN E 35 -5.00 -18.57 36.22
CA ASN E 35 -3.98 -19.25 35.43
C ASN E 35 -2.58 -18.86 35.88
N THR E 36 -1.73 -19.84 36.14
CA THR E 36 -0.36 -19.57 36.59
C THR E 36 0.67 -20.18 35.66
N LEU E 37 1.93 -20.05 36.04
CA LEU E 37 3.04 -20.61 35.26
C LEU E 37 3.19 -22.11 35.45
N THR E 38 2.52 -22.66 36.47
CA THR E 38 2.69 -24.08 36.78
C THR E 38 1.45 -24.87 36.37
N GLU E 39 0.28 -24.40 36.81
CA GLU E 39 -0.98 -25.05 36.49
C GLU E 39 -2.03 -24.01 36.13
N ARG E 40 -3.05 -24.45 35.39
CA ARG E 40 -4.16 -23.57 35.06
C ARG E 40 -5.39 -23.94 35.89
N GLY E 41 -6.16 -22.94 36.27
CA GLY E 41 -7.41 -23.21 36.97
C GLY E 41 -7.19 -23.39 38.48
N ILE E 42 -6.11 -22.82 39.01
CA ILE E 42 -5.85 -22.95 40.44
C ILE E 42 -6.81 -22.07 41.22
N GLU E 43 -7.52 -22.64 42.17
CA GLU E 43 -8.48 -21.85 42.94
C GLU E 43 -7.77 -20.93 43.92
N VAL E 44 -8.17 -19.67 43.94
CA VAL E 44 -7.57 -18.70 44.85
C VAL E 44 -8.63 -18.01 45.69
N VAL E 45 -8.25 -17.66 46.91
CA VAL E 45 -9.17 -17.03 47.83
C VAL E 45 -9.57 -15.67 47.36
N ASN E 46 -8.57 -14.91 46.95
CA ASN E 46 -8.84 -13.54 46.64
C ASN E 46 -8.07 -13.04 45.43
N ALA E 47 -8.84 -12.52 44.45
CA ALA E 47 -8.38 -12.12 43.12
C ALA E 47 -9.24 -11.02 42.52
N THR E 48 -8.71 -10.37 41.49
CA THR E 48 -9.43 -9.33 40.75
C THR E 48 -9.25 -9.53 39.26
N GLU E 49 -10.24 -9.16 38.49
CA GLU E 49 -10.09 -9.26 37.05
C GLU E 49 -9.37 -8.04 36.52
N THR E 50 -8.40 -8.26 35.64
CA THR E 50 -7.63 -7.17 35.06
C THR E 50 -8.17 -6.78 33.69
N VAL E 51 -9.19 -7.49 33.24
CA VAL E 51 -9.82 -7.19 31.97
C VAL E 51 -11.26 -6.78 32.16
N GLU E 52 -11.56 -5.50 31.98
CA GLU E 52 -12.95 -5.10 32.19
C GLU E 52 -13.74 -5.21 30.90
N THR E 53 -14.97 -5.69 31.03
CA THR E 53 -15.87 -5.85 29.90
C THR E 53 -17.02 -4.87 29.98
N THR E 54 -16.98 -3.97 30.94
CA THR E 54 -18.03 -2.98 31.10
C THR E 54 -17.94 -1.91 30.04
N ASN E 55 -18.88 -1.92 29.12
CA ASN E 55 -18.94 -0.95 28.05
C ASN E 55 -19.96 0.13 28.37
N ILE E 56 -19.49 1.33 28.65
CA ILE E 56 -20.39 2.40 28.97
C ILE E 56 -20.88 2.98 27.66
N LYS E 57 -22.19 2.93 27.44
CA LYS E 57 -22.75 3.21 26.12
C LYS E 57 -22.98 4.68 25.84
N LYS E 58 -22.42 5.54 26.66
CA LYS E 58 -22.51 6.98 26.45
C LYS E 58 -21.14 7.63 26.48
N ILE E 59 -20.97 8.70 25.71
CA ILE E 59 -19.69 9.40 25.59
C ILE E 59 -19.45 10.39 26.71
N CYS E 60 -18.29 10.26 27.33
CA CYS E 60 -17.91 11.15 28.42
C CYS E 60 -17.55 12.53 27.89
N THR E 61 -18.05 13.57 28.56
CA THR E 61 -17.80 14.93 28.10
C THR E 61 -17.30 15.85 29.20
N GLN E 62 -16.84 15.29 30.31
CA GLN E 62 -16.31 16.12 31.40
C GLN E 62 -14.93 16.68 31.07
N GLY E 63 -14.94 17.75 30.28
CA GLY E 63 -13.77 18.44 29.75
C GLY E 63 -14.26 19.48 28.76
N LYS E 64 -13.42 19.91 27.83
CA LYS E 64 -13.93 20.84 26.84
C LYS E 64 -14.89 20.06 25.95
N ARG E 65 -16.15 20.43 26.03
CA ARG E 65 -17.20 19.65 25.39
C ARG E 65 -16.94 19.47 23.91
N PRO E 66 -17.22 18.28 23.39
CA PRO E 66 -16.90 17.85 22.04
C PRO E 66 -17.68 18.57 20.97
N THR E 67 -17.11 18.58 19.78
CA THR E 67 -17.85 18.99 18.61
C THR E 67 -18.59 17.79 18.08
N ASP E 68 -19.89 17.73 18.32
CA ASP E 68 -20.67 16.59 17.89
C ASP E 68 -21.16 16.88 16.51
N LEU E 69 -20.41 16.39 15.54
CA LEU E 69 -20.59 16.80 14.17
C LEU E 69 -21.92 16.33 13.60
N GLY E 70 -22.45 15.22 14.08
CA GLY E 70 -23.71 14.72 13.54
C GLY E 70 -23.58 14.44 12.06
N GLN E 71 -24.43 15.08 11.26
CA GLN E 71 -24.44 14.91 9.81
C GLN E 71 -23.16 15.45 9.17
N CYS E 72 -22.45 16.29 9.90
CA CYS E 72 -21.18 16.83 9.42
C CYS E 72 -20.05 15.84 9.64
N GLY E 73 -19.16 15.70 8.66
CA GLY E 73 -17.96 14.90 8.86
C GLY E 73 -16.81 15.78 9.38
N LEU E 74 -15.70 15.17 9.77
CA LEU E 74 -14.57 15.96 10.29
C LEU E 74 -13.92 16.83 9.23
N LEU E 75 -13.69 16.27 8.04
CA LEU E 75 -13.07 17.05 6.96
C LEU E 75 -14.01 18.13 6.48
N GLY E 76 -15.31 17.91 6.67
CA GLY E 76 -16.30 18.88 6.28
C GLY E 76 -16.09 20.23 6.99
N THR E 77 -15.43 20.21 8.14
CA THR E 77 -15.21 21.43 8.92
C THR E 77 -14.20 22.35 8.24
N LEU E 78 -13.46 21.81 7.28
CA LEU E 78 -12.49 22.59 6.54
C LEU E 78 -13.04 23.07 5.20
N ILE E 79 -14.18 22.53 4.82
CA ILE E 79 -14.76 22.78 3.52
C ILE E 79 -16.05 23.60 3.62
N GLY E 80 -16.96 23.14 4.47
CA GLY E 80 -18.22 23.81 4.72
C GLY E 80 -19.38 23.34 3.83
N PRO E 81 -19.77 22.08 3.92
CA PRO E 81 -21.10 21.56 3.64
C PRO E 81 -22.06 22.31 4.55
N PRO E 82 -23.31 22.49 4.16
CA PRO E 82 -24.33 23.23 4.85
C PRO E 82 -24.60 22.68 6.25
N GLN E 83 -24.32 21.39 6.44
CA GLN E 83 -24.51 20.76 7.75
C GLN E 83 -23.33 21.05 8.67
N CYS E 84 -22.28 21.64 8.10
CA CYS E 84 -21.05 21.93 8.82
C CYS E 84 -20.87 23.42 9.05
N ASP E 85 -21.82 24.22 8.59
CA ASP E 85 -21.67 25.67 8.62
C ASP E 85 -21.40 26.19 10.04
N GLN E 86 -22.02 25.58 11.03
CA GLN E 86 -21.84 26.00 12.42
C GLN E 86 -20.56 25.45 13.06
N PHE E 87 -19.88 24.54 12.36
CA PHE E 87 -18.68 23.91 12.91
C PHE E 87 -17.41 24.32 12.17
N LEU E 88 -17.51 25.37 11.36
CA LEU E 88 -16.37 25.82 10.57
C LEU E 88 -15.22 26.34 11.42
N GLU E 89 -15.53 26.81 12.61
CA GLU E 89 -14.50 27.29 13.53
C GLU E 89 -14.84 26.81 14.94
N PHE E 90 -13.95 26.01 15.52
CA PHE E 90 -14.28 25.36 16.79
C PHE E 90 -13.06 24.97 17.62
N SER E 91 -13.29 24.67 18.89
CA SER E 91 -12.23 24.18 19.78
C SER E 91 -12.78 23.23 20.85
N SER E 92 -12.06 22.12 21.06
CA SER E 92 -12.44 21.14 22.09
C SER E 92 -11.33 20.14 22.34
N ASP E 93 -11.50 19.32 23.36
CA ASP E 93 -10.55 18.25 23.63
C ASP E 93 -11.07 16.92 23.10
N LEU E 94 -12.17 16.98 22.35
CA LEU E 94 -12.83 15.77 21.87
C LEU E 94 -13.63 16.08 20.62
N ILE E 95 -13.50 15.23 19.61
CA ILE E 95 -14.28 15.40 18.39
C ILE E 95 -15.05 14.14 18.06
N ILE E 96 -16.35 14.26 17.80
CA ILE E 96 -17.15 13.07 17.55
C ILE E 96 -17.68 12.98 16.12
N GLU E 97 -17.35 11.88 15.44
CA GLU E 97 -17.90 11.59 14.12
C GLU E 97 -18.99 10.53 14.22
N ARG E 98 -19.97 10.58 13.33
CA ARG E 98 -21.06 9.60 13.32
C ARG E 98 -21.26 8.99 11.94
N ARG E 99 -21.91 7.82 11.88
CA ARG E 99 -22.10 7.09 10.63
C ARG E 99 -22.83 7.88 9.55
N GLU E 100 -23.80 8.69 9.97
CA GLU E 100 -24.58 9.47 9.02
C GLU E 100 -23.79 10.65 8.48
N GLY E 101 -22.64 10.91 9.09
CA GLY E 101 -21.87 12.09 8.75
C GLY E 101 -21.26 12.01 7.36
N THR E 102 -21.13 13.16 6.71
CA THR E 102 -20.45 13.26 5.43
C THR E 102 -19.64 14.54 5.33
N ASP E 103 -18.58 14.50 4.53
CA ASP E 103 -17.73 15.65 4.35
C ASP E 103 -18.07 16.43 3.09
N ILE E 104 -19.03 15.92 2.32
CA ILE E 104 -19.40 16.56 1.06
C ILE E 104 -20.90 16.67 0.87
N CYS E 105 -21.28 17.53 -0.08
CA CYS E 105 -22.64 17.56 -0.62
C CYS E 105 -22.57 17.22 -2.09
N TYR E 106 -21.48 17.66 -2.71
CA TYR E 106 -21.17 17.38 -4.10
C TYR E 106 -20.01 16.38 -4.09
N PRO E 107 -20.06 15.30 -4.89
CA PRO E 107 -19.14 14.18 -4.79
C PRO E 107 -17.70 14.65 -4.77
N GLY E 108 -16.89 14.01 -3.93
CA GLY E 108 -15.49 14.39 -3.81
C GLY E 108 -14.73 13.51 -2.84
N ARG E 109 -13.43 13.70 -2.77
CA ARG E 109 -12.56 12.94 -1.89
C ARG E 109 -11.28 13.70 -1.62
N PHE E 110 -10.52 13.28 -0.62
CA PHE E 110 -9.27 13.95 -0.33
C PHE E 110 -8.07 13.05 -0.60
N THR E 111 -6.98 13.64 -1.05
CA THR E 111 -5.75 12.90 -1.25
C THR E 111 -5.09 12.63 0.10
N ASN E 112 -4.67 11.39 0.32
CA ASN E 112 -4.13 11.01 1.64
C ASN E 112 -5.15 11.37 2.71
N GLU E 113 -6.41 11.05 2.42
CA GLU E 113 -7.53 11.43 3.25
C GLU E 113 -7.39 10.98 4.70
N GLU E 114 -6.88 9.77 4.91
CA GLU E 114 -6.75 9.26 6.27
C GLU E 114 -5.69 10.02 7.07
N SER E 115 -4.59 10.37 6.42
CA SER E 115 -3.55 11.10 7.12
C SER E 115 -4.09 12.46 7.53
N LEU E 116 -4.77 13.13 6.60
CA LEU E 116 -5.34 14.44 6.88
C LEU E 116 -6.39 14.37 7.98
N ARG E 117 -7.25 13.37 7.90
CA ARG E 117 -8.29 13.23 8.89
C ARG E 117 -7.65 13.07 10.27
N GLN E 118 -6.60 12.26 10.36
CA GLN E 118 -5.90 12.04 11.63
C GLN E 118 -5.28 13.32 12.16
N ILE E 119 -4.77 14.16 11.27
CA ILE E 119 -4.21 15.43 11.69
C ILE E 119 -5.28 16.27 12.38
N LEU E 120 -6.47 16.29 11.81
CA LEU E 120 -7.57 17.02 12.42
C LEU E 120 -8.01 16.39 13.73
N ARG E 121 -7.96 15.06 13.80
CA ARG E 121 -8.39 14.34 14.99
C ARG E 121 -7.58 14.75 16.21
N ARG E 122 -6.33 15.18 15.98
CA ARG E 122 -5.45 15.58 17.07
C ARG E 122 -5.15 17.09 17.08
N SER E 123 -5.91 17.86 16.29
CA SER E 123 -5.64 19.28 16.13
C SER E 123 -6.00 20.16 17.33
N GLY E 124 -7.01 19.78 18.09
CA GLY E 124 -7.46 20.65 19.19
C GLY E 124 -8.56 21.60 18.74
N GLY E 125 -8.83 21.61 17.45
CA GLY E 125 -9.81 22.54 16.92
C GLY E 125 -9.21 23.39 15.84
N ILE E 126 -10.08 24.02 15.06
CA ILE E 126 -9.64 24.80 13.93
C ILE E 126 -9.98 26.28 14.04
N GLY E 127 -8.96 27.12 13.92
CA GLY E 127 -9.16 28.56 13.78
C GLY E 127 -9.09 28.90 12.30
N LYS E 128 -9.83 29.90 11.86
CA LYS E 128 -9.79 30.26 10.45
C LYS E 128 -9.23 31.66 10.22
N GLU E 129 -8.50 31.82 9.12
CA GLU E 129 -7.94 33.11 8.76
C GLU E 129 -7.92 33.31 7.25
N SER E 130 -8.31 34.51 6.80
CA SER E 130 -8.41 34.77 5.38
C SER E 130 -7.09 34.68 4.64
N MET E 131 -7.15 34.16 3.43
CA MET E 131 -5.97 34.09 2.56
C MET E 131 -5.57 35.46 2.06
N GLY E 132 -6.51 36.41 2.06
CA GLY E 132 -6.25 37.76 1.58
C GLY E 132 -6.20 37.83 0.06
N PHE E 133 -6.76 36.82 -0.60
CA PHE E 133 -6.72 36.75 -2.06
C PHE E 133 -7.82 37.56 -2.74
N THR E 134 -7.39 38.52 -3.56
CA THR E 134 -8.31 39.33 -4.35
C THR E 134 -8.44 38.73 -5.74
N TYR E 135 -9.67 38.47 -6.17
CA TYR E 135 -9.89 37.87 -7.47
C TYR E 135 -10.65 38.80 -8.41
N SER E 136 -9.97 39.79 -8.97
CA SER E 136 -10.65 40.72 -9.87
C SER E 136 -10.95 40.03 -11.19
N GLY E 137 -12.17 40.21 -11.69
CA GLY E 137 -12.53 39.68 -13.01
C GLY E 137 -12.88 38.18 -12.99
N ILE E 138 -12.91 37.57 -11.80
CA ILE E 138 -13.20 36.14 -11.69
C ILE E 138 -14.52 35.88 -10.96
N ARG E 139 -15.35 35.01 -11.50
CA ARG E 139 -16.64 34.73 -10.88
C ARG E 139 -16.51 33.76 -9.72
N THR E 140 -17.04 34.18 -8.59
CA THR E 140 -16.95 33.39 -7.36
C THR E 140 -18.33 33.18 -6.74
N ASN E 141 -19.35 33.23 -7.58
CA ASN E 141 -20.74 33.12 -7.12
C ASN E 141 -21.13 31.67 -6.80
N GLY E 142 -22.23 31.51 -6.06
CA GLY E 142 -22.75 30.17 -5.75
C GLY E 142 -22.99 29.38 -7.02
N ALA E 143 -22.64 28.08 -7.00
CA ALA E 143 -22.77 27.28 -8.21
C ALA E 143 -23.61 26.01 -8.06
N THR E 144 -23.27 25.15 -7.10
CA THR E 144 -23.88 23.82 -7.05
C THR E 144 -25.18 23.76 -6.28
N SER E 145 -26.11 22.93 -6.77
CA SER E 145 -27.38 22.68 -6.11
C SER E 145 -27.24 21.60 -5.05
N ALA E 146 -26.10 20.93 -5.05
CA ALA E 146 -25.89 19.79 -4.16
C ALA E 146 -26.01 20.20 -2.70
N CYS E 147 -25.67 21.45 -2.40
CA CYS E 147 -25.68 21.97 -1.03
C CYS E 147 -26.95 22.77 -0.72
N THR E 148 -28.04 22.47 -1.42
CA THR E 148 -29.29 23.21 -1.28
C THR E 148 -29.78 23.42 0.15
N ARG E 149 -29.35 22.57 1.09
CA ARG E 149 -29.80 22.70 2.47
C ARG E 149 -29.65 24.15 2.99
N SER E 150 -28.57 24.83 2.61
CA SER E 150 -28.36 26.23 2.99
C SER E 150 -28.71 27.15 1.84
N GLY E 151 -29.22 26.57 0.76
CA GLY E 151 -29.52 27.27 -0.47
C GLY E 151 -28.57 26.82 -1.58
N SER E 152 -28.88 27.18 -2.82
CA SER E 152 -28.05 26.71 -3.92
C SER E 152 -26.73 27.45 -4.00
N SER E 153 -25.69 26.87 -3.41
CA SER E 153 -24.37 27.48 -3.36
C SER E 153 -23.26 26.46 -3.21
N PHE E 154 -22.03 26.90 -3.40
CA PHE E 154 -20.87 26.04 -3.22
C PHE E 154 -20.46 26.04 -1.75
N TYR E 155 -19.47 25.23 -1.43
CA TYR E 155 -19.02 25.07 -0.06
C TYR E 155 -18.69 26.41 0.59
N ALA E 156 -19.06 26.54 1.85
CA ALA E 156 -19.08 27.83 2.52
C ALA E 156 -17.79 28.63 2.41
N GLU E 157 -16.64 27.96 2.45
CA GLU E 157 -15.38 28.72 2.49
C GLU E 157 -14.42 28.49 1.31
N MET E 158 -14.90 27.94 0.20
CA MET E 158 -14.00 27.72 -0.94
C MET E 158 -14.61 28.08 -2.28
N LYS E 159 -14.09 29.13 -2.90
CA LYS E 159 -14.67 29.66 -4.13
C LYS E 159 -14.30 28.85 -5.37
N TRP E 160 -15.28 28.60 -6.23
CA TRP E 160 -15.05 27.82 -7.45
C TRP E 160 -14.17 28.52 -8.48
N LEU E 161 -14.14 29.86 -8.45
CA LEU E 161 -13.33 30.62 -9.40
C LEU E 161 -13.65 30.24 -10.85
N LEU E 162 -14.90 30.43 -11.23
CA LEU E 162 -15.35 30.14 -12.58
C LEU E 162 -15.04 31.33 -13.48
N SER E 163 -15.01 31.11 -14.78
CA SER E 163 -14.79 32.22 -15.68
C SER E 163 -15.88 33.27 -15.45
N ASN E 164 -15.56 34.54 -15.74
CA ASN E 164 -16.52 35.62 -15.50
C ASN E 164 -17.83 35.38 -16.23
N SER E 165 -17.75 34.72 -17.36
CA SER E 165 -18.94 34.34 -18.10
C SER E 165 -18.75 32.97 -18.74
N ASP E 166 -19.84 32.30 -19.05
CA ASP E 166 -19.74 30.95 -19.62
C ASP E 166 -18.93 30.95 -20.91
N ASN E 167 -18.09 29.92 -21.05
CA ASN E 167 -17.20 29.69 -22.19
C ASN E 167 -16.02 30.66 -22.25
N ALA E 168 -15.98 31.65 -21.36
CA ALA E 168 -14.89 32.62 -21.37
C ALA E 168 -13.61 31.97 -20.87
N ALA E 169 -12.49 32.40 -21.40
CA ALA E 169 -11.19 31.90 -21.00
C ALA E 169 -10.93 32.19 -19.53
N PHE E 170 -10.30 31.26 -18.84
CA PHE E 170 -9.83 31.52 -17.49
C PHE E 170 -8.47 32.23 -17.55
N PRO E 171 -8.24 33.29 -16.76
CA PRO E 171 -6.98 34.01 -16.66
C PRO E 171 -5.92 33.15 -16.00
N GLN E 172 -4.66 33.35 -16.38
CA GLN E 172 -3.59 32.63 -15.72
C GLN E 172 -3.20 33.39 -14.47
N MET E 173 -3.58 32.86 -13.31
CA MET E 173 -3.38 33.58 -12.06
C MET E 173 -2.18 33.08 -11.32
N THR E 174 -1.52 33.99 -10.61
CA THR E 174 -0.51 33.61 -9.65
C THR E 174 -0.87 34.18 -8.30
N LYS E 175 -1.02 33.31 -7.32
CA LYS E 175 -1.34 33.77 -5.97
C LYS E 175 -0.30 33.28 -4.99
N ALA E 176 -0.08 34.05 -3.94
CA ALA E 176 0.90 33.66 -2.95
C ALA E 176 0.44 34.04 -1.56
N TYR E 177 0.68 33.15 -0.60
CA TYR E 177 0.31 33.41 0.77
C TYR E 177 1.47 33.12 1.72
N ARG E 178 1.89 34.15 2.43
CA ARG E 178 2.96 33.99 3.41
C ARG E 178 2.32 33.65 4.75
N ASN E 179 2.89 32.68 5.46
CA ASN E 179 2.35 32.31 6.77
C ASN E 179 2.80 33.30 7.85
N PRO E 180 1.90 34.15 8.36
CA PRO E 180 2.15 35.29 9.24
C PRO E 180 2.43 34.89 10.68
N ARG E 181 2.22 33.63 11.01
CA ARG E 181 2.25 33.19 12.40
C ARG E 181 3.21 32.04 12.63
N ASN E 182 3.44 31.70 13.90
CA ASN E 182 4.39 30.64 14.26
C ASN E 182 3.78 29.25 14.15
N LYS E 183 2.50 29.18 13.82
CA LYS E 183 1.84 27.89 13.62
C LYS E 183 1.86 27.57 12.13
N PRO E 184 2.01 26.30 11.74
CA PRO E 184 1.93 25.83 10.38
C PRO E 184 0.50 26.00 9.89
N ALA E 185 0.34 26.36 8.63
CA ALA E 185 -1.00 26.56 8.11
C ALA E 185 -1.46 25.36 7.31
N LEU E 186 -2.68 24.92 7.58
CA LEU E 186 -3.25 23.86 6.77
C LEU E 186 -3.99 24.50 5.61
N ILE E 187 -3.52 24.20 4.42
CA ILE E 187 -4.09 24.81 3.24
C ILE E 187 -4.71 23.76 2.34
N ILE E 188 -5.96 23.98 1.97
CA ILE E 188 -6.67 23.06 1.09
C ILE E 188 -7.14 23.73 -0.17
N TRP E 189 -6.94 23.06 -1.28
CA TRP E 189 -7.42 23.55 -2.56
C TRP E 189 -8.09 22.41 -3.30
N GLY E 190 -9.05 22.73 -4.15
CA GLY E 190 -9.72 21.68 -4.90
C GLY E 190 -9.44 21.74 -6.38
N VAL E 191 -9.52 20.58 -7.03
CA VAL E 191 -9.48 20.49 -8.48
C VAL E 191 -10.78 19.92 -8.97
N HIS E 192 -11.43 20.63 -9.87
CA HIS E 192 -12.75 20.21 -10.31
C HIS E 192 -12.71 19.30 -11.54
N HIS E 193 -13.22 18.08 -11.37
CA HIS E 193 -13.33 17.14 -12.46
C HIS E 193 -14.73 17.21 -13.03
N SER E 194 -14.83 17.64 -14.27
CA SER E 194 -16.13 17.79 -14.92
C SER E 194 -16.65 16.45 -15.42
N GLU E 195 -17.94 16.39 -15.68
CA GLU E 195 -18.54 15.18 -16.22
C GLU E 195 -18.06 14.90 -17.63
N SER E 196 -17.79 15.97 -18.37
CA SER E 196 -17.37 15.87 -19.76
C SER E 196 -16.60 17.11 -20.18
N VAL E 197 -15.96 17.04 -21.34
CA VAL E 197 -15.18 18.16 -21.85
C VAL E 197 -16.02 19.41 -22.00
N SER E 198 -17.26 19.24 -22.47
CA SER E 198 -18.13 20.38 -22.71
C SER E 198 -18.43 21.13 -21.42
N GLU E 199 -18.64 20.40 -20.32
CA GLU E 199 -18.91 21.04 -19.05
C GLU E 199 -17.70 21.83 -18.57
N GLN E 200 -16.51 21.24 -18.72
CA GLN E 200 -15.30 21.95 -18.33
C GLN E 200 -15.10 23.20 -19.15
N THR E 201 -15.41 23.12 -20.44
CA THR E 201 -15.26 24.27 -21.33
C THR E 201 -16.20 25.39 -20.90
N LYS E 202 -17.44 25.03 -20.59
CA LYS E 202 -18.41 26.01 -20.15
C LYS E 202 -17.91 26.74 -18.91
N LEU E 203 -17.44 25.98 -17.93
CA LEU E 203 -17.04 26.52 -16.64
C LEU E 203 -15.72 27.28 -16.64
N TYR E 204 -14.71 26.75 -17.32
CA TYR E 204 -13.37 27.31 -17.25
C TYR E 204 -12.80 27.73 -18.60
N GLY E 205 -13.57 27.59 -19.66
CA GLY E 205 -13.13 27.96 -21.00
C GLY E 205 -12.27 26.85 -21.61
N SER E 206 -11.96 26.98 -22.89
CA SER E 206 -11.13 26.00 -23.58
C SER E 206 -9.69 26.07 -23.12
N GLY E 207 -9.00 24.93 -23.15
CA GLY E 207 -7.56 24.93 -22.85
C GLY E 207 -7.10 23.76 -22.01
N ASN E 208 -5.77 23.60 -21.93
CA ASN E 208 -5.18 22.54 -21.14
C ASN E 208 -5.06 22.99 -19.70
N LYS E 209 -5.96 22.50 -18.87
CA LYS E 209 -6.01 22.99 -17.50
C LYS E 209 -4.89 22.39 -16.68
N LEU E 210 -4.10 23.26 -16.07
CA LEU E 210 -2.97 22.85 -15.26
C LEU E 210 -2.90 23.68 -13.99
N ILE E 211 -2.76 22.99 -12.87
CA ILE E 211 -2.62 23.65 -11.60
C ILE E 211 -1.30 23.30 -10.95
N THR E 212 -0.56 24.29 -10.52
CA THR E 212 0.71 24.01 -9.86
C THR E 212 0.73 24.61 -8.46
N VAL E 213 1.18 23.81 -7.51
CA VAL E 213 1.30 24.27 -6.15
C VAL E 213 2.72 24.10 -5.65
N ARG E 214 3.29 25.16 -5.10
CA ARG E 214 4.68 25.12 -4.68
C ARG E 214 4.94 25.77 -3.33
N SER E 215 5.86 25.19 -2.56
CA SER E 215 6.35 25.78 -1.32
C SER E 215 7.84 25.48 -1.22
N SER E 216 8.48 25.95 -0.16
CA SER E 216 9.91 25.72 -0.04
C SER E 216 10.28 24.23 0.02
N LYS E 217 9.29 23.37 0.33
CA LYS E 217 9.56 21.94 0.44
C LYS E 217 8.51 21.11 -0.30
N TYR E 218 7.80 21.74 -1.22
CA TYR E 218 6.74 21.03 -1.93
C TYR E 218 6.56 21.53 -3.36
N GLN E 219 6.33 20.59 -4.28
CA GLN E 219 5.94 20.96 -5.63
C GLN E 219 5.13 19.86 -6.27
N GLN E 220 3.96 20.22 -6.77
CA GLN E 220 3.10 19.24 -7.44
C GLN E 220 2.24 19.89 -8.51
N SER E 221 2.10 19.21 -9.64
CA SER E 221 1.20 19.69 -10.68
C SER E 221 -0.05 18.83 -10.73
N PHE E 222 -1.16 19.43 -11.14
CA PHE E 222 -2.42 18.72 -11.26
C PHE E 222 -3.13 19.04 -12.56
N THR E 223 -3.91 18.10 -13.04
CA THR E 223 -4.84 18.39 -14.12
C THR E 223 -6.12 17.62 -13.85
N PRO E 224 -7.29 18.20 -14.14
CA PRO E 224 -8.59 17.56 -14.06
C PRO E 224 -8.74 16.53 -15.17
N ASN E 225 -9.48 15.47 -14.87
CA ASN E 225 -9.80 14.45 -15.85
C ASN E 225 -11.30 14.32 -16.05
N PRO E 226 -11.86 14.81 -17.17
CA PRO E 226 -13.28 14.85 -17.46
C PRO E 226 -13.80 13.43 -17.62
N GLY E 227 -15.08 13.23 -17.31
CA GLY E 227 -15.69 11.91 -17.43
C GLY E 227 -16.41 11.51 -16.16
N ALA E 228 -16.31 12.34 -15.13
CA ALA E 228 -17.02 12.10 -13.87
C ALA E 228 -17.05 13.35 -13.01
N ARG E 229 -18.23 13.72 -12.52
CA ARG E 229 -18.31 14.86 -11.62
C ARG E 229 -17.70 14.56 -10.27
N ARG E 230 -16.69 15.33 -9.90
CA ARG E 230 -16.04 15.15 -8.62
C ARG E 230 -15.13 16.31 -8.24
N ILE E 231 -15.07 16.63 -6.96
CA ILE E 231 -14.05 17.57 -6.50
C ILE E 231 -12.96 16.86 -5.71
N ASP E 232 -11.73 16.99 -6.19
CA ASP E 232 -10.60 16.40 -5.49
C ASP E 232 -9.90 17.43 -4.64
N PHE E 233 -9.90 17.20 -3.33
CA PHE E 233 -9.26 18.13 -2.44
C PHE E 233 -7.84 17.69 -2.14
N HIS E 234 -6.91 18.62 -2.23
CA HIS E 234 -5.52 18.34 -1.95
C HIS E 234 -5.07 19.29 -0.84
N TRP E 235 -4.10 18.86 -0.05
CA TRP E 235 -3.73 19.66 1.11
C TRP E 235 -2.23 19.77 1.33
N LEU E 236 -1.84 20.84 2.01
CA LEU E 236 -0.45 21.11 2.33
C LEU E 236 -0.29 21.75 3.69
N LEU E 237 0.72 21.35 4.45
CA LEU E 237 1.04 22.03 5.69
C LEU E 237 2.18 23.03 5.43
N LEU E 238 1.84 24.32 5.49
CA LEU E 238 2.79 25.37 5.13
C LEU E 238 3.55 25.88 6.35
N ASP E 239 4.87 25.78 6.28
CA ASP E 239 5.73 26.21 7.37
C ASP E 239 5.69 27.74 7.57
N PRO E 240 5.89 28.22 8.79
CA PRO E 240 6.02 29.62 9.15
C PRO E 240 7.10 30.31 8.32
N ASN E 241 6.84 31.56 7.93
CA ASN E 241 7.75 32.34 7.12
C ASN E 241 7.88 31.83 5.69
N ASP E 242 7.15 30.76 5.36
CA ASP E 242 7.20 30.32 3.99
C ASP E 242 6.07 30.90 3.17
N THR E 243 6.19 30.81 1.86
CA THR E 243 5.15 31.26 0.97
C THR E 243 4.63 30.14 0.10
N VAL E 244 3.34 29.91 0.15
CA VAL E 244 2.75 28.93 -0.74
C VAL E 244 2.38 29.63 -2.03
N THR E 245 2.88 29.13 -3.14
CA THR E 245 2.59 29.72 -4.42
C THR E 245 1.63 28.85 -5.21
N PHE E 246 0.58 29.47 -5.73
CA PHE E 246 -0.39 28.77 -6.54
C PHE E 246 -0.42 29.32 -7.94
N THR E 247 -0.54 28.42 -8.90
CA THR E 247 -0.68 28.80 -10.30
C THR E 247 -1.99 28.25 -10.83
N PHE E 248 -2.87 29.13 -11.30
CA PHE E 248 -4.20 28.71 -11.76
C PHE E 248 -4.37 28.82 -13.27
N ASN E 249 -4.83 27.75 -13.88
CA ASN E 249 -5.22 27.81 -15.29
C ASN E 249 -6.66 27.38 -15.45
N GLY E 250 -7.38 27.41 -14.36
CA GLY E 250 -8.78 27.00 -14.35
C GLY E 250 -8.97 25.70 -13.58
N ALA E 251 -10.23 25.35 -13.33
CA ALA E 251 -10.59 24.16 -12.57
C ALA E 251 -9.98 24.17 -11.19
N PHE E 252 -9.82 25.37 -10.63
CA PHE E 252 -9.22 25.51 -9.31
C PHE E 252 -10.20 26.09 -8.31
N ILE E 253 -10.53 25.32 -7.29
CA ILE E 253 -11.43 25.80 -6.26
C ILE E 253 -10.59 26.37 -5.13
N ALA E 254 -10.54 27.69 -5.04
CA ALA E 254 -9.60 28.32 -4.14
C ALA E 254 -10.19 28.46 -2.74
N PRO E 255 -9.36 28.33 -1.71
CA PRO E 255 -9.70 28.59 -0.33
C PRO E 255 -9.85 30.08 -0.09
N ASP E 256 -10.80 30.46 0.75
CA ASP E 256 -10.90 31.84 1.19
C ASP E 256 -10.17 32.01 2.49
N ARG E 257 -10.06 30.91 3.22
CA ARG E 257 -9.44 30.90 4.53
C ARG E 257 -8.54 29.68 4.72
N THR E 258 -7.55 29.80 5.61
CA THR E 258 -6.71 28.67 5.98
C THR E 258 -6.96 28.28 7.41
N SER E 259 -6.33 27.20 7.86
CA SER E 259 -6.59 26.69 9.19
C SER E 259 -5.36 26.61 10.10
N PHE E 260 -5.58 26.90 11.39
CA PHE E 260 -4.54 26.72 12.40
C PHE E 260 -5.05 25.82 13.53
N PHE E 261 -4.15 25.03 14.11
CA PHE E 261 -4.54 24.04 15.13
C PHE E 261 -4.38 24.56 16.56
N ARG E 262 -5.33 24.21 17.43
CA ARG E 262 -5.32 24.73 18.79
C ARG E 262 -5.64 23.74 19.93
N GLY E 263 -4.66 22.94 20.36
CA GLY E 263 -4.75 22.24 21.66
C GLY E 263 -5.08 20.73 21.70
N GLU E 264 -4.56 19.93 20.80
CA GLU E 264 -4.54 18.46 20.99
C GLU E 264 -5.90 17.76 21.29
N SER E 265 -6.81 17.72 20.32
CA SER E 265 -8.12 17.06 20.46
C SER E 265 -8.03 15.54 20.33
N LEU E 266 -9.13 14.85 20.63
CA LEU E 266 -9.23 13.42 20.39
C LEU E 266 -10.38 13.09 19.43
N GLY E 267 -10.03 12.79 18.18
CA GLY E 267 -11.04 12.52 17.16
C GLY E 267 -11.61 11.10 17.22
N VAL E 268 -12.67 10.94 17.99
CA VAL E 268 -13.37 9.67 18.16
C VAL E 268 -14.48 9.44 17.15
N GLN E 269 -14.50 8.27 16.55
CA GLN E 269 -15.58 7.90 15.64
C GLN E 269 -16.53 6.95 16.37
N SER E 270 -17.77 7.39 16.63
CA SER E 270 -18.68 6.62 17.48
C SER E 270 -20.18 6.86 17.26
N ASP E 271 -20.98 5.86 17.58
CA ASP E 271 -22.43 5.98 17.48
C ASP E 271 -23.13 6.32 18.79
N ALA E 272 -22.36 6.40 19.88
CA ALA E 272 -22.95 6.62 21.20
C ALA E 272 -23.43 8.07 21.37
N PRO E 273 -24.47 8.31 22.19
CA PRO E 273 -24.94 9.62 22.65
C PRO E 273 -23.98 10.26 23.65
N LEU E 274 -24.07 11.58 23.78
CA LEU E 274 -23.24 12.32 24.75
C LEU E 274 -23.82 12.34 26.15
N ASP E 275 -22.96 12.43 27.14
CA ASP E 275 -23.38 12.55 28.54
C ASP E 275 -22.53 13.55 29.34
N SER E 276 -23.21 14.54 29.93
CA SER E 276 -22.54 15.63 30.61
C SER E 276 -22.02 15.29 32.01
N SER E 277 -22.30 14.09 32.51
CA SER E 277 -21.81 13.70 33.84
C SER E 277 -20.67 12.69 33.73
N CYS E 278 -20.60 12.00 32.60
CA CYS E 278 -19.61 10.96 32.37
C CYS E 278 -18.20 11.53 32.13
N ARG E 279 -17.22 10.93 32.81
CA ARG E 279 -15.81 11.29 32.65
C ARG E 279 -14.96 10.05 32.33
N GLY E 280 -14.05 10.19 31.36
CA GLY E 280 -13.18 9.08 30.98
C GLY E 280 -12.23 9.45 29.84
N ASP E 281 -11.19 8.65 29.67
CA ASP E 281 -10.18 8.89 28.64
C ASP E 281 -10.37 8.04 27.41
N CYS E 282 -10.93 6.86 27.59
CA CYS E 282 -11.03 5.92 26.49
C CYS E 282 -12.31 6.01 25.72
N PHE E 283 -12.24 6.22 24.44
CA PHE E 283 -13.44 6.23 23.64
C PHE E 283 -13.33 5.22 22.50
N HIS E 284 -14.45 4.61 22.15
CA HIS E 284 -14.48 3.63 21.07
C HIS E 284 -15.84 3.69 20.42
N SER E 285 -16.00 3.02 19.30
CA SER E 285 -17.22 3.24 18.53
C SER E 285 -18.51 2.90 19.28
N GLY E 286 -18.41 2.03 20.28
CA GLY E 286 -19.61 1.60 20.99
C GLY E 286 -19.82 2.34 22.31
N GLY E 287 -18.94 3.28 22.63
CA GLY E 287 -19.04 3.94 23.93
C GLY E 287 -17.68 4.29 24.53
N THR E 288 -17.60 4.25 25.87
CA THR E 288 -16.36 4.56 26.59
C THR E 288 -15.93 3.45 27.53
N ILE E 289 -14.64 3.46 27.85
CA ILE E 289 -14.10 2.51 28.81
C ILE E 289 -13.54 3.26 30.03
N VAL E 290 -14.22 3.13 31.15
CA VAL E 290 -13.77 3.80 32.35
C VAL E 290 -13.38 2.76 33.38
N SER E 291 -12.09 2.70 33.67
CA SER E 291 -11.58 1.68 34.57
C SER E 291 -10.24 2.05 35.15
N SER E 292 -9.81 1.25 36.11
CA SER E 292 -8.49 1.36 36.68
C SER E 292 -7.70 0.10 36.36
N LEU E 293 -8.10 -0.58 35.29
CA LEU E 293 -7.45 -1.84 34.92
C LEU E 293 -6.58 -1.70 33.65
N PRO E 294 -5.47 -2.44 33.56
CA PRO E 294 -4.49 -2.46 32.47
C PRO E 294 -4.97 -3.09 31.17
N PHE E 295 -6.01 -3.91 31.23
CA PHE E 295 -6.48 -4.59 30.03
C PHE E 295 -7.99 -4.45 29.81
N GLN E 296 -8.41 -4.57 28.56
CA GLN E 296 -9.84 -4.56 28.23
C GLN E 296 -10.17 -5.53 27.09
N ASN E 297 -11.39 -6.08 27.11
CA ASN E 297 -11.86 -6.96 26.05
C ASN E 297 -12.94 -6.31 25.19
N ILE E 298 -13.15 -5.02 25.37
CA ILE E 298 -14.29 -4.37 24.75
C ILE E 298 -14.10 -4.07 23.26
N ASN E 299 -12.94 -3.51 22.89
CA ASN E 299 -12.71 -3.16 21.50
C ASN E 299 -11.23 -3.03 21.17
N SER E 300 -10.85 -3.49 19.98
CA SER E 300 -9.46 -3.43 19.55
C SER E 300 -9.06 -2.05 19.03
N ARG E 301 -10.05 -1.19 18.79
CA ARG E 301 -9.79 0.15 18.29
C ARG E 301 -10.23 1.22 19.28
N THR E 302 -9.27 1.82 19.96
CA THR E 302 -9.57 2.80 20.99
C THR E 302 -8.85 4.11 20.74
N VAL E 303 -9.38 5.19 21.31
CA VAL E 303 -8.77 6.50 21.18
C VAL E 303 -8.47 7.09 22.54
N GLY E 304 -7.27 7.65 22.69
CA GLY E 304 -6.89 8.25 23.96
C GLY E 304 -6.00 7.28 24.73
N LYS E 305 -5.67 7.63 25.98
CA LYS E 305 -4.80 6.79 26.79
C LYS E 305 -5.60 5.64 27.35
N CYS E 306 -5.20 4.42 27.00
CA CYS E 306 -6.02 3.26 27.33
C CYS E 306 -5.27 2.00 27.72
N PRO E 307 -5.96 1.05 28.36
CA PRO E 307 -5.58 -0.34 28.58
C PRO E 307 -5.51 -1.10 27.27
N ARG E 308 -4.70 -2.14 27.22
CA ARG E 308 -4.48 -2.88 25.99
C ARG E 308 -5.58 -3.89 25.69
N TYR E 309 -5.85 -4.08 24.41
CA TYR E 309 -6.80 -5.09 23.97
C TYR E 309 -6.18 -6.47 23.91
N VAL E 310 -6.88 -7.43 24.49
CA VAL E 310 -6.43 -8.82 24.47
C VAL E 310 -7.54 -9.75 24.00
N LYS E 311 -7.18 -10.96 23.55
CA LYS E 311 -8.17 -11.97 23.20
C LYS E 311 -8.61 -12.74 24.44
N GLN E 312 -7.89 -12.51 25.53
CA GLN E 312 -8.19 -13.18 26.77
C GLN E 312 -9.29 -12.46 27.52
N LYS E 313 -10.52 -12.95 27.37
CA LYS E 313 -11.70 -12.28 27.92
C LYS E 313 -11.68 -12.22 29.44
N SER E 314 -10.89 -13.09 30.07
CA SER E 314 -10.82 -13.10 31.53
C SER E 314 -9.42 -13.40 32.04
N LEU E 315 -8.68 -12.36 32.38
CA LEU E 315 -7.37 -12.51 33.00
C LEU E 315 -7.46 -12.18 34.47
N LEU E 316 -7.75 -13.20 35.27
CA LEU E 316 -7.88 -12.98 36.69
C LEU E 316 -6.51 -12.92 37.35
N LEU E 317 -6.27 -11.85 38.08
CA LEU E 317 -5.00 -11.63 38.76
C LEU E 317 -5.19 -11.89 40.24
N ALA E 318 -4.46 -12.85 40.79
CA ALA E 318 -4.61 -13.15 42.19
C ALA E 318 -4.19 -11.96 43.03
N THR E 319 -4.93 -11.70 44.10
CA THR E 319 -4.62 -10.61 45.01
C THR E 319 -4.40 -11.16 46.42
N GLY E 320 -4.18 -12.46 46.49
CA GLY E 320 -4.02 -13.15 47.77
C GLY E 320 -3.56 -14.59 47.58
N MET E 321 -3.56 -15.33 48.67
CA MET E 321 -3.07 -16.71 48.68
C MET E 321 -4.06 -17.66 48.02
N ARG E 322 -3.56 -18.81 47.57
CA ARG E 322 -4.40 -19.82 46.94
C ARG E 322 -5.39 -20.41 47.94
N ASN E 323 -6.55 -20.86 47.45
CA ASN E 323 -7.56 -21.36 48.34
C ASN E 323 -7.38 -22.82 48.67
N VAL E 324 -6.52 -23.07 49.64
CA VAL E 324 -6.38 -24.43 50.13
C VAL E 324 -7.72 -24.70 50.82
N PRO E 325 -8.47 -25.69 50.36
CA PRO E 325 -9.91 -25.81 50.50
C PRO E 325 -10.36 -25.73 51.94
N GLU E 326 -11.45 -25.00 52.18
CA GLU E 326 -11.98 -24.79 53.52
C GLU E 326 -12.37 -26.09 54.22
N LYS E 327 -12.68 -27.12 53.44
CA LYS E 327 -13.12 -28.37 54.02
C LYS E 327 -12.20 -29.52 53.58
N PRO E 328 -11.68 -30.29 54.54
CA PRO E 328 -10.94 -31.52 54.35
C PRO E 328 -11.87 -32.73 54.32
N ALA F 10 -13.79 -31.86 69.67
CA ALA F 10 -12.39 -32.25 69.64
C ALA F 10 -11.87 -32.23 68.22
N GLY F 11 -11.65 -31.03 67.69
CA GLY F 11 -11.13 -30.90 66.35
C GLY F 11 -9.65 -31.25 66.33
N PHE F 12 -9.17 -31.75 65.22
CA PHE F 12 -7.75 -31.98 65.00
C PHE F 12 -7.19 -30.75 64.34
N ILE F 13 -6.89 -29.76 65.14
CA ILE F 13 -6.57 -28.46 64.59
C ILE F 13 -5.36 -28.54 63.69
N GLU F 14 -5.56 -28.05 62.48
CA GLU F 14 -4.62 -28.07 61.39
C GLU F 14 -4.54 -26.70 60.78
N ASN F 15 -3.98 -26.60 59.58
CA ASN F 15 -3.86 -25.31 58.95
C ASN F 15 -5.15 -24.55 59.19
N GLY F 16 -5.03 -23.35 59.75
CA GLY F 16 -6.20 -22.57 60.16
C GLY F 16 -6.98 -21.98 58.98
N TRP F 17 -7.55 -22.86 58.16
CA TRP F 17 -8.39 -22.43 57.04
C TRP F 17 -9.54 -21.60 57.59
N GLU F 18 -10.23 -22.19 58.56
CA GLU F 18 -11.23 -21.59 59.45
C GLU F 18 -12.36 -20.76 58.81
N GLY F 19 -12.28 -20.50 57.51
CA GLY F 19 -13.22 -19.56 56.92
C GLY F 19 -12.90 -18.18 57.49
N LEU F 20 -11.62 -18.01 57.85
CA LEU F 20 -11.11 -16.82 58.53
C LEU F 20 -11.45 -15.52 57.84
N ILE F 21 -11.88 -14.54 58.63
CA ILE F 21 -12.18 -13.20 58.15
C ILE F 21 -11.22 -12.15 58.71
N ASN F 22 -10.48 -12.51 59.74
CA ASN F 22 -9.61 -11.55 60.42
C ASN F 22 -8.20 -11.46 59.82
N GLY F 23 -8.11 -10.91 58.61
CA GLY F 23 -6.83 -10.70 57.93
C GLY F 23 -6.50 -11.86 57.01
N TRP F 24 -5.71 -11.58 55.97
CA TRP F 24 -5.32 -12.61 55.01
C TRP F 24 -4.40 -13.66 55.60
N TYR F 25 -3.49 -13.24 56.46
CA TYR F 25 -2.50 -14.16 57.01
C TYR F 25 -2.69 -14.39 58.49
N GLY F 26 -3.94 -14.32 58.94
CA GLY F 26 -4.23 -14.56 60.35
C GLY F 26 -3.88 -15.99 60.70
N PHE F 27 -3.33 -16.18 61.88
CA PHE F 27 -2.91 -17.51 62.33
C PHE F 27 -3.76 -17.92 63.49
N ARG F 28 -4.15 -19.17 63.52
CA ARG F 28 -4.95 -19.64 64.62
C ARG F 28 -4.07 -19.98 65.81
N HIS F 29 -4.43 -19.46 66.96
CA HIS F 29 -3.78 -19.88 68.17
C HIS F 29 -4.67 -20.84 68.91
N GLN F 30 -4.29 -22.11 68.92
CA GLN F 30 -5.14 -23.09 69.56
C GLN F 30 -4.87 -23.15 71.04
N ASN F 31 -5.40 -22.17 71.75
CA ASN F 31 -5.32 -22.14 73.19
C ASN F 31 -6.22 -23.23 73.76
N ALA F 32 -5.67 -24.05 74.64
CA ALA F 32 -6.43 -25.13 75.28
C ALA F 32 -7.70 -24.60 75.95
N GLN F 33 -7.72 -23.30 76.26
CA GLN F 33 -8.85 -22.66 76.91
C GLN F 33 -9.98 -22.31 75.92
N GLY F 34 -9.75 -22.57 74.63
CA GLY F 34 -10.79 -22.38 73.61
C GLY F 34 -10.71 -21.06 72.84
N GLU F 35 -9.50 -20.63 72.45
CA GLU F 35 -9.35 -19.40 71.67
C GLU F 35 -9.02 -19.64 70.21
N GLY F 36 -9.28 -18.64 69.36
CA GLY F 36 -8.98 -18.70 67.93
C GLY F 36 -8.50 -17.36 67.37
N THR F 37 -7.81 -16.59 68.19
CA THR F 37 -7.35 -15.24 67.80
C THR F 37 -6.41 -15.25 66.60
N ALA F 38 -6.55 -14.22 65.75
CA ALA F 38 -5.74 -14.03 64.54
C ALA F 38 -4.34 -13.47 64.83
N ALA F 39 -3.46 -13.55 63.82
CA ALA F 39 -2.06 -13.15 63.86
C ALA F 39 -1.82 -11.65 63.86
N ASP F 40 -0.58 -11.30 64.16
CA ASP F 40 -0.12 -9.93 64.07
C ASP F 40 -0.40 -9.39 62.68
N TYR F 41 -1.13 -8.28 62.61
CA TYR F 41 -1.53 -7.69 61.33
C TYR F 41 -0.33 -7.33 60.45
N LYS F 42 0.84 -7.14 61.05
CA LYS F 42 2.01 -6.75 60.26
C LYS F 42 2.36 -7.77 59.19
N SER F 43 2.08 -9.05 59.44
CA SER F 43 2.37 -10.07 58.42
C SER F 43 1.45 -9.85 57.23
N THR F 44 0.17 -9.63 57.54
CA THR F 44 -0.82 -9.37 56.51
C THR F 44 -0.51 -8.06 55.81
N GLN F 45 -0.11 -7.06 56.58
CA GLN F 45 0.19 -5.75 56.03
C GLN F 45 1.35 -5.82 55.05
N SER F 46 2.34 -6.66 55.35
CA SER F 46 3.48 -6.80 54.46
C SER F 46 3.02 -7.34 53.10
N ALA F 47 2.06 -8.26 53.13
CA ALA F 47 1.49 -8.79 51.89
C ALA F 47 0.70 -7.70 51.17
N ILE F 48 -0.09 -6.94 51.92
CA ILE F 48 -0.91 -5.88 51.36
C ILE F 48 -0.05 -4.82 50.68
N ASP F 49 1.06 -4.47 51.32
CA ASP F 49 1.96 -3.44 50.81
C ASP F 49 2.53 -3.76 49.43
N GLN F 50 2.56 -5.05 49.06
CA GLN F 50 3.15 -5.46 47.79
C GLN F 50 2.10 -5.87 46.78
N ILE F 51 1.10 -6.60 47.24
CA ILE F 51 0.07 -7.13 46.35
C ILE F 51 -0.87 -6.06 45.80
N THR F 52 -1.25 -5.08 46.63
CA THR F 52 -2.18 -4.05 46.18
C THR F 52 -1.57 -3.17 45.10
N GLY F 53 -0.24 -3.12 45.08
CA GLY F 53 0.47 -2.30 44.11
C GLY F 53 0.68 -3.03 42.78
N LYS F 54 0.31 -4.31 42.73
CA LYS F 54 0.52 -5.09 41.52
C LYS F 54 -0.31 -4.54 40.37
N LEU F 55 -1.50 -4.07 40.68
CA LEU F 55 -2.35 -3.52 39.64
C LEU F 55 -1.70 -2.29 39.02
N ASN F 56 -1.14 -1.44 39.86
CA ASN F 56 -0.51 -0.21 39.38
C ASN F 56 0.71 -0.50 38.51
N ARG F 57 1.46 -1.53 38.88
CA ARG F 57 2.61 -1.92 38.09
C ARG F 57 2.18 -2.34 36.69
N LEU F 58 1.04 -3.03 36.60
CA LEU F 58 0.54 -3.46 35.30
C LEU F 58 0.03 -2.26 34.49
N ILE F 59 -0.63 -1.31 35.17
CA ILE F 59 -1.19 -0.15 34.50
C ILE F 59 -0.13 0.65 33.78
N GLY F 60 1.00 0.86 34.44
CA GLY F 60 2.10 1.64 33.90
C GLY F 60 2.68 1.04 32.62
N LYS F 61 2.40 -0.24 32.38
CA LYS F 61 2.93 -0.92 31.22
C LYS F 61 1.94 -0.96 30.06
N THR F 62 0.72 -0.48 30.30
CA THR F 62 -0.32 -0.57 29.30
C THR F 62 -0.94 0.78 28.92
N ASN F 63 -0.85 1.75 29.80
CA ASN F 63 -1.55 3.02 29.60
C ASN F 63 -0.84 3.90 28.58
N GLN F 64 -1.15 3.67 27.31
CA GLN F 64 -0.50 4.38 26.21
C GLN F 64 -1.50 5.11 25.32
N GLN F 65 -1.02 6.15 24.64
CA GLN F 65 -1.84 6.94 23.74
C GLN F 65 -2.13 6.20 22.44
N PHE F 66 -3.40 6.09 22.08
CA PHE F 66 -3.78 5.44 20.83
C PHE F 66 -4.60 6.36 19.93
N GLU F 67 -4.47 6.14 18.62
CA GLU F 67 -5.21 6.89 17.61
C GLU F 67 -5.84 5.96 16.60
N LEU F 68 -6.90 6.42 15.93
CA LEU F 68 -7.53 5.58 14.91
C LEU F 68 -6.67 5.47 13.67
N ILE F 69 -6.45 4.24 13.22
CA ILE F 69 -5.75 3.97 11.97
C ILE F 69 -6.78 3.60 10.92
N ASP F 70 -7.74 2.78 11.32
CA ASP F 70 -8.82 2.32 10.46
C ASP F 70 -10.04 3.23 10.55
N ASN F 71 -10.57 3.61 9.39
CA ASN F 71 -11.79 4.41 9.38
C ASN F 71 -12.99 3.46 9.43
N GLU F 72 -13.48 3.22 10.64
CA GLU F 72 -14.48 2.18 10.89
C GLU F 72 -15.78 2.37 10.13
N PHE F 73 -16.17 3.63 9.90
CA PHE F 73 -17.44 3.90 9.24
C PHE F 73 -17.31 3.97 7.73
N ASN F 74 -16.10 3.77 7.23
CA ASN F 74 -15.84 3.83 5.80
C ASN F 74 -15.00 2.64 5.35
N GLU F 75 -14.27 2.79 4.25
CA GLU F 75 -13.45 1.71 3.74
C GLU F 75 -12.05 2.18 3.35
N ILE F 76 -11.07 1.36 3.68
CA ILE F 76 -9.68 1.59 3.30
C ILE F 76 -9.28 0.52 2.30
N GLU F 77 -8.30 0.81 1.46
CA GLU F 77 -7.93 -0.16 0.44
C GLU F 77 -7.77 -1.50 1.13
N GLN F 78 -8.42 -2.52 0.58
CA GLN F 78 -8.46 -3.81 1.23
C GLN F 78 -7.10 -4.46 1.39
N GLN F 79 -6.19 -4.22 0.45
CA GLN F 79 -4.87 -4.85 0.58
C GLN F 79 -4.15 -4.32 1.80
N ILE F 80 -4.24 -3.02 2.02
CA ILE F 80 -3.63 -2.43 3.19
C ILE F 80 -4.41 -2.81 4.43
N GLY F 81 -5.73 -2.81 4.32
CA GLY F 81 -6.58 -3.17 5.44
C GLY F 81 -6.29 -4.60 5.90
N ASN F 82 -5.98 -5.48 4.96
CA ASN F 82 -5.63 -6.86 5.32
C ASN F 82 -4.31 -6.89 6.06
N VAL F 83 -3.38 -6.04 5.66
CA VAL F 83 -2.09 -5.96 6.36
C VAL F 83 -2.30 -5.42 7.77
N ILE F 84 -3.12 -4.38 7.89
CA ILE F 84 -3.40 -3.77 9.18
C ILE F 84 -4.13 -4.74 10.10
N ASN F 85 -5.14 -5.43 9.57
CA ASN F 85 -5.89 -6.39 10.37
C ASN F 85 -4.99 -7.53 10.80
N TRP F 86 -4.17 -8.03 9.88
CA TRP F 86 -3.22 -9.07 10.21
C TRP F 86 -2.25 -8.59 11.26
N THR F 87 -1.73 -7.38 11.07
CA THR F 87 -0.75 -6.83 12.00
C THR F 87 -1.37 -6.66 13.37
N ARG F 88 -2.55 -6.08 13.44
CA ARG F 88 -3.23 -5.87 14.70
C ARG F 88 -3.53 -7.20 15.37
N ASP F 89 -4.01 -8.16 14.60
CA ASP F 89 -4.34 -9.47 15.14
C ASP F 89 -3.09 -10.15 15.66
N ALA F 90 -2.02 -10.10 14.89
CA ALA F 90 -0.77 -10.69 15.32
C ALA F 90 -0.29 -10.01 16.59
N MET F 91 -0.40 -8.68 16.63
CA MET F 91 0.00 -7.93 17.80
C MET F 91 -0.93 -8.22 18.96
N THR F 92 -2.20 -8.48 18.67
CA THR F 92 -3.13 -8.82 19.72
C THR F 92 -2.69 -10.12 20.36
N GLU F 93 -2.29 -11.10 19.55
CA GLU F 93 -1.79 -12.37 20.08
C GLU F 93 -0.49 -12.17 20.83
N ILE F 94 0.36 -11.27 20.36
CA ILE F 94 1.60 -10.97 21.06
C ILE F 94 1.31 -10.36 22.42
N TRP F 95 0.41 -9.39 22.44
CA TRP F 95 0.05 -8.73 23.69
C TRP F 95 -0.79 -9.65 24.58
N SER F 96 -1.58 -10.52 23.98
CA SER F 96 -2.37 -11.48 24.74
C SER F 96 -1.44 -12.48 25.40
N TYR F 97 -0.43 -12.91 24.64
CA TYR F 97 0.61 -13.78 25.17
C TYR F 97 1.35 -13.07 26.29
N ASN F 98 1.75 -11.83 26.03
CA ASN F 98 2.45 -11.04 27.04
C ASN F 98 1.58 -10.84 28.26
N ALA F 99 0.30 -10.61 28.04
CA ALA F 99 -0.63 -10.39 29.13
C ALA F 99 -0.83 -11.66 29.94
N GLU F 100 -1.03 -12.79 29.26
CA GLU F 100 -1.23 -14.04 29.97
C GLU F 100 0.04 -14.42 30.71
N LEU F 101 1.18 -14.24 30.05
CA LEU F 101 2.45 -14.58 30.66
C LEU F 101 2.71 -13.67 31.84
N LEU F 102 2.52 -12.37 31.65
CA LEU F 102 2.78 -11.42 32.72
C LEU F 102 1.86 -11.67 33.89
N VAL F 103 0.57 -11.86 33.63
CA VAL F 103 -0.38 -12.15 34.70
C VAL F 103 -0.01 -13.45 35.39
N ALA F 104 0.35 -14.47 34.60
CA ALA F 104 0.77 -15.75 35.16
C ALA F 104 2.02 -15.56 36.02
N MET F 105 2.94 -14.72 35.58
CA MET F 105 4.14 -14.45 36.36
C MET F 105 3.75 -13.77 37.66
N GLU F 106 2.85 -12.81 37.58
CA GLU F 106 2.42 -12.10 38.77
C GLU F 106 1.66 -13.04 39.71
N ASN F 107 0.88 -13.95 39.15
CA ASN F 107 0.15 -14.92 39.96
C ASN F 107 1.10 -15.90 40.62
N GLN F 108 2.08 -16.38 39.88
CA GLN F 108 3.04 -17.31 40.44
C GLN F 108 3.85 -16.61 41.52
N HIS F 109 4.20 -15.35 41.25
CA HIS F 109 4.99 -14.57 42.21
C HIS F 109 4.17 -14.28 43.46
N THR F 110 2.87 -14.04 43.28
CA THR F 110 1.99 -13.81 44.41
C THR F 110 1.91 -15.05 45.28
N ILE F 111 1.78 -16.21 44.64
CA ILE F 111 1.76 -17.46 45.39
C ILE F 111 3.10 -17.67 46.08
N ASP F 112 4.19 -17.42 45.36
CA ASP F 112 5.52 -17.58 45.92
C ASP F 112 5.70 -16.64 47.10
N LEU F 113 5.15 -15.44 46.98
CA LEU F 113 5.23 -14.45 48.05
C LEU F 113 4.47 -14.94 49.27
N ALA F 114 3.27 -15.48 49.05
CA ALA F 114 2.47 -15.98 50.14
C ALA F 114 3.18 -17.12 50.85
N ASP F 115 3.80 -18.01 50.08
CA ASP F 115 4.54 -19.10 50.67
C ASP F 115 5.78 -18.59 51.39
N SER F 116 6.42 -17.57 50.79
CA SER F 116 7.63 -17.00 51.37
C SER F 116 7.32 -16.28 52.68
N GLU F 117 6.21 -15.55 52.72
CA GLU F 117 5.86 -14.85 53.94
C GLU F 117 5.52 -15.84 55.01
N MET F 118 4.73 -16.85 54.67
CA MET F 118 4.41 -17.83 55.69
C MET F 118 5.69 -18.51 56.16
N SER F 119 6.61 -18.80 55.22
CA SER F 119 7.88 -19.40 55.58
C SER F 119 8.62 -18.55 56.60
N LYS F 120 8.58 -17.23 56.42
CA LYS F 120 9.20 -16.32 57.36
C LYS F 120 8.54 -16.40 58.73
N LEU F 121 7.24 -16.64 58.74
CA LEU F 121 6.53 -16.73 60.00
C LEU F 121 6.86 -18.05 60.69
N TYR F 122 7.10 -19.11 59.91
CA TYR F 122 7.56 -20.34 60.55
C TYR F 122 8.91 -20.06 61.19
N GLU F 123 9.76 -19.31 60.48
CA GLU F 123 11.10 -18.97 60.97
C GLU F 123 11.03 -18.12 62.23
N ARG F 124 10.06 -17.21 62.29
CA ARG F 124 9.91 -16.36 63.46
C ARG F 124 9.69 -17.19 64.71
N VAL F 125 8.84 -18.22 64.59
CA VAL F 125 8.57 -19.11 65.70
C VAL F 125 9.79 -19.97 66.04
N LYS F 126 10.42 -20.53 65.00
CA LYS F 126 11.55 -21.43 65.19
C LYS F 126 12.76 -20.76 65.83
N LYS F 127 13.10 -19.58 65.33
CA LYS F 127 14.30 -18.88 65.81
C LYS F 127 14.12 -18.39 67.24
N GLN F 128 12.88 -18.14 67.65
CA GLN F 128 12.62 -17.61 68.97
C GLN F 128 12.45 -18.71 70.02
N LEU F 129 11.92 -19.86 69.63
CA LEU F 129 11.67 -20.96 70.57
C LEU F 129 12.74 -22.04 70.52
N ARG F 130 13.37 -22.19 69.36
CA ARG F 130 14.51 -23.08 69.12
C ARG F 130 14.25 -24.60 69.22
N GLU F 131 13.55 -25.06 70.26
CA GLU F 131 13.35 -26.50 70.41
C GLU F 131 11.90 -26.97 70.55
N ASN F 132 11.02 -26.08 71.01
CA ASN F 132 9.67 -26.50 71.35
C ASN F 132 8.64 -26.16 70.29
N ALA F 133 9.12 -25.87 69.07
CA ALA F 133 8.24 -25.58 67.95
C ALA F 133 8.32 -26.68 66.90
N GLU F 134 7.46 -27.69 67.00
CA GLU F 134 7.52 -28.79 66.04
C GLU F 134 6.55 -28.60 64.88
N GLU F 135 7.09 -28.44 63.68
CA GLU F 135 6.29 -28.16 62.49
C GLU F 135 5.58 -29.41 61.95
N ASP F 136 4.27 -29.29 61.74
CA ASP F 136 3.47 -30.40 61.19
C ASP F 136 3.40 -30.40 59.67
N GLY F 137 3.95 -29.35 59.05
CA GLY F 137 3.97 -29.22 57.59
C GLY F 137 2.67 -28.63 57.03
N THR F 138 1.73 -28.36 57.93
CA THR F 138 0.43 -27.81 57.56
C THR F 138 0.20 -26.48 58.22
N GLY F 139 1.29 -25.79 58.55
CA GLY F 139 1.18 -24.48 59.17
C GLY F 139 1.14 -24.58 60.67
N CYS F 140 1.09 -25.79 61.21
CA CYS F 140 0.97 -25.93 62.65
C CYS F 140 2.28 -26.23 63.36
N PHE F 141 2.45 -25.54 64.49
CA PHE F 141 3.54 -25.85 65.40
C PHE F 141 3.00 -26.43 66.68
N GLU F 142 3.49 -27.60 67.05
CA GLU F 142 3.11 -28.13 68.34
C GLU F 142 3.98 -27.49 69.40
N ILE F 143 3.34 -26.87 70.39
CA ILE F 143 4.08 -26.17 71.43
C ILE F 143 4.09 -26.99 72.71
N PHE F 144 5.28 -27.18 73.27
CA PHE F 144 5.47 -28.08 74.40
C PHE F 144 5.46 -27.38 75.77
N HIS F 145 4.77 -26.25 75.85
CA HIS F 145 4.64 -25.52 77.11
C HIS F 145 3.26 -24.89 77.23
N LYS F 146 2.95 -24.35 78.40
CA LYS F 146 1.64 -23.76 78.65
C LYS F 146 1.47 -22.45 77.92
N CYS F 147 1.19 -22.56 76.63
CA CYS F 147 1.16 -21.43 75.72
C CYS F 147 -0.25 -20.83 75.62
N ASP F 148 -0.60 -20.04 76.68
CA ASP F 148 -1.92 -19.42 76.75
C ASP F 148 -1.87 -18.10 75.99
N ASP F 149 -2.92 -17.30 76.11
CA ASP F 149 -3.01 -16.09 75.31
C ASP F 149 -1.78 -15.20 75.43
N GLN F 150 -1.10 -15.28 76.57
CA GLN F 150 0.06 -14.45 76.82
C GLN F 150 1.19 -14.80 75.86
N CYS F 151 1.28 -16.08 75.48
CA CYS F 151 2.34 -16.46 74.56
C CYS F 151 2.01 -15.93 73.18
N MET F 152 0.72 -15.80 72.90
CA MET F 152 0.33 -15.26 71.60
C MET F 152 0.67 -13.80 71.55
N GLU F 153 0.49 -13.12 72.68
CA GLU F 153 0.87 -11.72 72.78
C GLU F 153 2.39 -11.61 72.65
N SER F 154 3.11 -12.57 73.26
CA SER F 154 4.56 -12.58 73.21
C SER F 154 5.05 -12.75 71.78
N ILE F 155 4.37 -13.60 71.01
CA ILE F 155 4.75 -13.80 69.61
C ILE F 155 4.53 -12.53 68.82
N ARG F 156 3.35 -11.94 68.97
CA ARG F 156 2.98 -10.74 68.25
C ARG F 156 3.84 -9.55 68.67
N ASN F 157 4.29 -9.53 69.92
CA ASN F 157 5.12 -8.45 70.42
C ASN F 157 6.61 -8.77 70.31
N ASN F 158 6.94 -9.93 69.73
CA ASN F 158 8.32 -10.36 69.60
C ASN F 158 9.07 -10.39 70.92
N THR F 159 8.39 -10.82 71.98
CA THR F 159 9.02 -11.01 73.28
C THR F 159 9.12 -12.50 73.52
N TYR F 160 8.68 -13.27 72.54
CA TYR F 160 8.75 -14.71 72.60
C TYR F 160 10.21 -15.10 72.56
N ASP F 161 10.68 -15.78 73.59
CA ASP F 161 12.10 -16.06 73.72
C ASP F 161 12.37 -17.32 74.52
N HIS F 162 13.10 -18.25 73.92
CA HIS F 162 13.44 -19.53 74.52
C HIS F 162 14.23 -19.37 75.82
N THR F 163 14.82 -18.20 76.04
CA THR F 163 15.56 -17.95 77.27
C THR F 163 14.71 -18.27 78.48
N GLN F 164 13.43 -17.93 78.41
CA GLN F 164 12.51 -18.21 79.50
C GLN F 164 11.54 -19.31 79.12
N TYR F 165 11.09 -19.32 77.87
CA TYR F 165 10.08 -20.28 77.46
C TYR F 165 10.63 -21.71 77.39
N ARG F 166 11.91 -21.86 77.08
CA ARG F 166 12.47 -23.20 77.05
C ARG F 166 12.39 -23.80 78.44
N THR F 167 12.74 -23.00 79.45
CA THR F 167 12.70 -23.49 80.82
C THR F 167 11.29 -23.88 81.21
N GLU F 168 10.31 -23.09 80.79
CA GLU F 168 8.92 -23.41 81.06
C GLU F 168 8.55 -24.76 80.43
N SER F 169 9.15 -25.05 79.27
CA SER F 169 8.89 -26.33 78.61
C SER F 169 9.70 -27.45 79.25
N LEU F 170 10.84 -27.11 79.85
CA LEU F 170 11.66 -28.15 80.47
C LEU F 170 10.87 -28.79 81.58
N GLN F 171 10.06 -28.00 82.25
CA GLN F 171 9.18 -28.48 83.31
C GLN F 171 8.20 -29.52 82.78
N ASN F 172 7.93 -29.46 81.48
CA ASN F 172 6.98 -30.35 80.83
C ASN F 172 7.61 -31.36 79.88
N ARG F 173 8.89 -31.16 79.52
CA ARG F 173 9.51 -31.95 78.45
C ARG F 173 10.85 -32.60 78.79
N ILE F 174 11.58 -32.07 79.77
CA ILE F 174 12.98 -32.46 79.96
C ILE F 174 13.17 -33.93 80.26
N GLN F 175 14.20 -34.51 79.62
CA GLN F 175 14.64 -35.87 79.89
C GLN F 175 16.14 -35.87 80.16
N ILE F 176 16.54 -36.37 81.32
CA ILE F 176 17.94 -36.40 81.68
C ILE F 176 18.48 -37.83 81.72
N ASP F 177 19.50 -38.09 80.92
CA ASP F 177 20.08 -39.42 80.84
C ASP F 177 21.49 -39.36 80.27
N VAL G 1 16.37 39.08 -24.65
CA VAL G 1 16.65 40.29 -25.41
C VAL G 1 15.74 40.41 -26.63
N GLN G 2 15.54 39.30 -27.34
CA GLN G 2 14.76 39.34 -28.58
C GLN G 2 13.75 38.22 -28.71
N LEU G 3 12.67 38.53 -29.42
CA LEU G 3 11.74 37.52 -29.92
C LEU G 3 11.71 37.63 -31.44
N VAL G 4 11.98 36.52 -32.12
CA VAL G 4 11.99 36.53 -33.58
C VAL G 4 11.01 35.51 -34.10
N GLN G 5 10.47 35.74 -35.28
CA GLN G 5 9.40 34.86 -35.77
C GLN G 5 9.66 34.27 -37.15
N SER G 6 9.01 33.13 -37.41
CA SER G 6 9.11 32.46 -38.69
C SER G 6 8.49 33.29 -39.81
N GLY G 7 8.85 32.97 -41.05
CA GLY G 7 8.44 33.76 -42.20
C GLY G 7 6.94 33.63 -42.47
N ALA G 8 6.44 34.55 -43.29
CA ALA G 8 5.02 34.58 -43.64
C ALA G 8 4.64 33.30 -44.38
N GLU G 9 3.40 32.87 -44.20
CA GLU G 9 2.93 31.64 -44.80
C GLU G 9 1.61 31.79 -45.55
N VAL G 10 1.41 30.94 -46.55
CA VAL G 10 0.15 30.88 -47.27
C VAL G 10 -0.47 29.49 -47.13
N LYS G 11 -1.72 29.44 -46.70
CA LYS G 11 -2.40 28.16 -46.47
C LYS G 11 -3.75 28.10 -47.16
N LYS G 12 -4.19 26.90 -47.50
CA LYS G 12 -5.54 26.72 -48.02
C LYS G 12 -6.52 26.58 -46.85
N PRO G 13 -7.78 26.98 -47.02
CA PRO G 13 -8.85 26.82 -46.04
C PRO G 13 -8.97 25.36 -45.60
N GLY G 14 -9.20 25.15 -44.31
CA GLY G 14 -9.37 23.82 -43.74
C GLY G 14 -8.03 23.22 -43.32
N ALA G 15 -6.95 23.86 -43.75
CA ALA G 15 -5.60 23.40 -43.41
C ALA G 15 -5.20 23.91 -42.04
N SER G 16 -4.06 23.45 -41.55
CA SER G 16 -3.52 23.97 -40.30
C SER G 16 -2.32 24.87 -40.55
N VAL G 17 -2.03 25.74 -39.59
CA VAL G 17 -0.84 26.58 -39.66
C VAL G 17 -0.06 26.52 -38.38
N LYS G 18 1.26 26.51 -38.51
CA LYS G 18 2.09 26.57 -37.32
C LYS G 18 2.97 27.80 -37.40
N VAL G 19 2.89 28.63 -36.37
CA VAL G 19 3.69 29.85 -36.35
C VAL G 19 4.71 29.76 -35.24
N SER G 20 5.97 29.98 -35.57
CA SER G 20 7.02 29.83 -34.56
C SER G 20 7.65 31.15 -34.14
N CYS G 21 7.97 31.26 -32.85
CA CYS G 21 8.77 32.36 -32.34
C CYS G 21 9.91 31.83 -31.47
N LYS G 22 11.09 32.41 -31.63
CA LYS G 22 12.23 31.99 -30.84
C LYS G 22 12.64 33.08 -29.87
N ALA G 23 13.00 32.67 -28.67
CA ALA G 23 13.43 33.62 -27.66
C ALA G 23 14.92 33.53 -27.41
N SER G 24 15.60 34.67 -27.42
CA SER G 24 17.02 34.74 -27.16
C SER G 24 17.30 35.55 -25.89
N GLY G 25 18.34 35.16 -25.16
CA GLY G 25 18.67 35.83 -23.91
C GLY G 25 18.05 35.14 -22.70
N TYR G 26 16.99 35.75 -22.15
CA TYR G 26 16.38 35.30 -20.91
C TYR G 26 15.71 33.94 -21.01
N THR G 27 15.61 33.27 -19.86
CA THR G 27 14.94 31.98 -19.80
C THR G 27 13.44 32.18 -20.00
N LEU G 28 12.76 31.11 -20.39
CA LEU G 28 11.32 31.18 -20.64
C LEU G 28 10.45 31.02 -19.41
N THR G 29 11.01 30.42 -18.36
CA THR G 29 10.21 30.06 -17.19
C THR G 29 9.79 31.27 -16.35
N ARG G 30 10.43 32.41 -16.60
CA ARG G 30 10.14 33.63 -15.83
C ARG G 30 8.99 34.45 -16.41
N TYR G 31 8.54 34.08 -17.61
CA TYR G 31 7.52 34.86 -18.29
C TYR G 31 6.40 34.01 -18.86
N TYR G 32 5.25 34.64 -19.06
CA TYR G 32 4.14 33.99 -19.74
C TYR G 32 4.09 34.52 -21.14
N PHE G 33 3.68 33.69 -22.09
CA PHE G 33 3.63 34.17 -23.45
C PHE G 33 2.22 34.13 -24.00
N HIS G 34 1.91 35.16 -24.76
CA HIS G 34 0.58 35.30 -25.33
C HIS G 34 0.62 35.39 -26.83
N TRP G 35 -0.44 34.92 -27.44
CA TRP G 35 -0.62 35.12 -28.86
C TRP G 35 -1.73 36.12 -29.10
N VAL G 36 -1.40 37.15 -29.86
CA VAL G 36 -2.35 38.18 -30.19
C VAL G 36 -2.39 38.41 -31.70
N ARG G 37 -3.59 38.42 -32.23
CA ARG G 37 -3.78 38.67 -33.64
C ARG G 37 -3.86 40.15 -33.95
N GLN G 38 -3.13 40.56 -34.98
CA GLN G 38 -3.28 41.88 -35.54
C GLN G 38 -4.03 41.77 -36.85
N ALA G 39 -5.33 41.92 -36.79
CA ALA G 39 -6.17 41.77 -37.95
C ALA G 39 -5.77 42.86 -38.96
N PRO G 40 -5.86 42.58 -40.26
CA PRO G 40 -5.36 43.40 -41.36
C PRO G 40 -6.08 44.75 -41.45
N GLY G 41 -5.73 45.66 -40.53
CA GLY G 41 -6.34 47.00 -40.49
C GLY G 41 -7.45 47.08 -39.44
N GLN G 42 -7.58 46.04 -38.64
CA GLN G 42 -8.57 45.98 -37.57
C GLN G 42 -7.88 45.83 -36.21
N GLY G 43 -8.66 45.88 -35.13
CA GLY G 43 -8.09 45.90 -33.79
C GLY G 43 -7.47 44.57 -33.42
N PHE G 44 -6.80 44.54 -32.26
CA PHE G 44 -6.12 43.35 -31.77
C PHE G 44 -7.10 42.34 -31.18
N GLU G 45 -6.81 41.06 -31.39
CA GLU G 45 -7.63 40.01 -30.79
C GLU G 45 -6.76 39.03 -30.00
N TRP G 46 -7.10 38.83 -28.73
CA TRP G 46 -6.37 37.89 -27.90
C TRP G 46 -6.70 36.46 -28.30
N MET G 47 -5.69 35.63 -28.54
CA MET G 47 -5.95 34.24 -28.87
C MET G 47 -5.84 33.34 -27.66
N GLY G 48 -4.77 33.52 -26.90
CA GLY G 48 -4.55 32.68 -25.73
C GLY G 48 -3.20 32.88 -25.07
N ILE G 49 -3.00 32.14 -23.99
CA ILE G 49 -1.80 32.20 -23.17
C ILE G 49 -1.20 30.83 -22.94
N ILE G 50 0.13 30.76 -22.93
CA ILE G 50 0.81 29.52 -22.57
C ILE G 50 1.81 29.75 -21.45
N ASN G 51 1.79 28.85 -20.47
CA ASN G 51 2.73 28.89 -19.36
C ASN G 51 3.80 27.79 -19.51
N PRO G 52 5.02 28.13 -19.95
CA PRO G 52 6.07 27.21 -20.34
C PRO G 52 6.55 26.36 -19.16
N ASN G 53 6.19 26.76 -17.95
CA ASN G 53 6.58 26.02 -16.76
C ASN G 53 5.94 24.65 -16.73
N GLY G 54 4.82 24.50 -17.41
CA GLY G 54 4.14 23.21 -17.45
C GLY G 54 3.26 23.05 -18.68
N GLY G 55 3.36 24.01 -19.60
CA GLY G 55 2.67 23.90 -20.87
C GLY G 55 1.17 24.16 -20.77
N GLY G 56 0.73 24.69 -19.64
CA GLY G 56 -0.69 24.95 -19.46
C GLY G 56 -1.15 26.02 -20.44
N THR G 57 -2.38 25.89 -20.96
CA THR G 57 -2.88 26.89 -21.91
C THR G 57 -4.31 27.31 -21.62
N SER G 58 -4.67 28.50 -22.09
CA SER G 58 -6.03 28.99 -22.01
C SER G 58 -6.37 29.78 -23.26
N TYR G 59 -7.54 29.52 -23.84
CA TYR G 59 -7.91 30.17 -25.09
C TYR G 59 -9.23 30.91 -25.01
N ALA G 60 -9.31 32.01 -25.75
CA ALA G 60 -10.55 32.76 -25.89
C ALA G 60 -11.56 31.91 -26.65
N GLN G 61 -12.83 32.05 -26.31
CA GLN G 61 -13.90 31.29 -26.95
C GLN G 61 -14.04 31.60 -28.44
N LYS G 62 -13.51 32.75 -28.85
CA LYS G 62 -13.57 33.12 -30.26
C LYS G 62 -12.78 32.15 -31.11
N PHE G 63 -11.80 31.51 -30.50
CA PHE G 63 -10.97 30.53 -31.18
C PHE G 63 -11.28 29.14 -30.63
N GLY G 64 -11.61 29.08 -29.35
CA GLY G 64 -12.07 27.84 -28.74
C GLY G 64 -11.11 26.68 -28.92
N ASP G 65 -11.63 25.61 -29.52
CA ASP G 65 -10.90 24.36 -29.69
C ASP G 65 -10.03 24.34 -30.95
N ARG G 66 -10.03 25.44 -31.69
CA ARG G 66 -9.27 25.50 -32.94
C ARG G 66 -7.77 25.68 -32.69
N VAL G 67 -7.41 26.11 -31.49
CA VAL G 67 -6.01 26.47 -31.22
C VAL G 67 -5.33 25.55 -30.23
N ILE G 68 -4.14 25.08 -30.61
CA ILE G 68 -3.30 24.31 -29.72
C ILE G 68 -1.91 24.96 -29.60
N MET G 69 -1.60 25.46 -28.42
CA MET G 69 -0.29 26.02 -28.16
C MET G 69 0.60 25.04 -27.42
N THR G 70 1.89 25.03 -27.75
CA THR G 70 2.87 24.22 -27.02
C THR G 70 4.24 24.89 -27.03
N SER G 71 5.10 24.51 -26.10
CA SER G 71 6.41 25.10 -26.03
C SER G 71 7.53 24.08 -26.06
N ASP G 72 8.70 24.50 -26.52
CA ASP G 72 9.88 23.65 -26.51
C ASP G 72 11.04 24.32 -25.77
N MET G 73 11.28 23.86 -24.55
CA MET G 73 12.31 24.44 -23.69
C MET G 73 13.72 24.22 -24.21
N SER G 74 13.93 23.13 -24.96
CA SER G 74 15.28 22.80 -25.41
C SER G 74 15.74 23.68 -26.57
N THR G 75 14.79 24.24 -27.31
CA THR G 75 15.13 25.10 -28.44
C THR G 75 14.68 26.53 -28.22
N SER G 76 13.99 26.77 -27.10
CA SER G 76 13.44 28.09 -26.81
C SER G 76 12.42 28.52 -27.87
N THR G 77 11.48 27.63 -28.17
CA THR G 77 10.50 27.92 -29.20
C THR G 77 9.08 27.83 -28.64
N ILE G 78 8.24 28.77 -29.05
CA ILE G 78 6.86 28.86 -28.56
C ILE G 78 5.78 28.52 -29.57
N TYR G 79 6.11 27.72 -30.57
CA TYR G 79 5.21 27.55 -31.71
C TYR G 79 3.76 27.22 -31.35
N MET G 80 2.85 27.81 -32.13
CA MET G 80 1.40 27.62 -32.00
C MET G 80 0.81 26.94 -33.21
N GLU G 81 -0.14 26.03 -32.99
CA GLU G 81 -0.84 25.40 -34.08
C GLU G 81 -2.31 25.80 -34.13
N LEU G 82 -2.75 26.33 -35.27
CA LEU G 82 -4.15 26.69 -35.47
C LEU G 82 -4.78 25.79 -36.53
N SER G 83 -5.89 25.17 -36.16
CA SER G 83 -6.58 24.22 -37.02
C SER G 83 -7.83 24.80 -37.68
N SER G 84 -8.29 24.16 -38.75
CA SER G 84 -9.51 24.56 -39.44
C SER G 84 -9.45 26.02 -39.90
N LEU G 85 -8.41 26.35 -40.65
CA LEU G 85 -8.20 27.72 -41.11
C LEU G 85 -9.34 28.22 -41.99
N ARG G 86 -9.69 29.49 -41.79
CA ARG G 86 -10.72 30.16 -42.57
C ARG G 86 -10.16 31.43 -43.20
N SER G 87 -10.85 31.97 -44.18
CA SER G 87 -10.40 33.20 -44.84
C SER G 87 -10.30 34.36 -43.86
N GLU G 88 -11.04 34.27 -42.76
CA GLU G 88 -11.07 35.31 -41.74
C GLU G 88 -9.82 35.28 -40.87
N ASP G 89 -8.99 34.26 -41.03
CA ASP G 89 -7.80 34.13 -40.21
C ASP G 89 -6.60 34.84 -40.79
N THR G 90 -6.77 35.47 -41.96
CA THR G 90 -5.65 36.21 -42.52
C THR G 90 -5.32 37.38 -41.61
N ALA G 91 -4.11 37.39 -41.09
CA ALA G 91 -3.70 38.41 -40.12
C ALA G 91 -2.22 38.29 -39.78
N VAL G 92 -1.70 39.28 -39.05
CA VAL G 92 -0.35 39.17 -38.50
C VAL G 92 -0.40 38.64 -37.08
N TYR G 93 0.31 37.55 -36.83
CA TYR G 93 0.27 36.92 -35.52
C TYR G 93 1.50 37.27 -34.69
N TYR G 94 1.28 37.77 -33.48
CA TYR G 94 2.39 38.16 -32.63
C TYR G 94 2.58 37.27 -31.42
N CYS G 95 3.84 37.02 -31.11
CA CYS G 95 4.18 36.46 -29.83
C CYS G 95 4.52 37.58 -28.86
N ALA G 96 3.93 37.54 -27.68
CA ALA G 96 4.26 38.55 -26.70
C ALA G 96 4.76 37.95 -25.40
N ARG G 97 5.83 38.51 -24.87
CA ARG G 97 6.34 38.10 -23.58
C ARG G 97 5.75 38.99 -22.51
N ASP G 98 4.89 38.43 -21.69
CA ASP G 98 4.17 39.23 -20.74
C ASP G 98 4.67 39.05 -19.33
N MET G 99 5.05 40.16 -18.72
CA MET G 99 5.51 40.14 -17.34
C MET G 99 4.31 39.99 -16.41
N PRO G 100 4.35 39.09 -15.44
CA PRO G 100 3.30 38.83 -14.47
C PRO G 100 3.22 39.93 -13.43
N TYR G 101 2.76 41.11 -13.84
CA TYR G 101 2.62 42.28 -12.97
C TYR G 101 1.24 42.37 -12.32
N TYR G 102 0.18 42.18 -13.10
CA TYR G 102 -1.17 42.37 -12.58
C TYR G 102 -1.68 41.16 -11.83
N HIS G 103 -1.20 41.00 -10.60
CA HIS G 103 -1.50 39.83 -9.77
C HIS G 103 -2.96 39.81 -9.31
N ASP G 104 -3.64 40.94 -9.52
CA ASP G 104 -5.03 41.10 -9.10
C ASP G 104 -6.01 40.42 -10.06
N SER G 105 -5.64 40.35 -11.33
CA SER G 105 -6.51 39.78 -12.35
C SER G 105 -5.80 38.74 -13.21
N GLY G 106 -4.50 38.57 -13.00
CA GLY G 106 -3.72 37.67 -13.84
C GLY G 106 -3.49 38.34 -15.17
N GLY G 107 -3.65 39.65 -15.17
CA GLY G 107 -3.60 40.39 -16.42
C GLY G 107 -2.17 40.44 -16.95
N PRO G 108 -2.01 40.43 -18.27
CA PRO G 108 -0.76 40.52 -18.98
C PRO G 108 -0.18 41.91 -18.98
N LEU G 109 1.14 41.99 -18.99
CA LEU G 109 1.83 43.24 -19.24
C LEU G 109 2.81 43.00 -20.39
N PHE G 110 2.49 43.51 -21.57
CA PHE G 110 3.26 43.10 -22.74
C PHE G 110 4.63 43.76 -22.79
N ASP G 111 5.60 43.11 -22.17
CA ASP G 111 6.93 43.65 -22.01
C ASP G 111 7.72 43.64 -23.31
N LEU G 112 7.61 42.55 -24.06
CA LEU G 112 8.35 42.40 -25.31
C LEU G 112 7.52 41.73 -26.41
N TRP G 113 7.48 42.36 -27.58
CA TRP G 113 6.74 41.83 -28.71
C TRP G 113 7.63 41.17 -29.75
N GLY G 114 7.10 40.16 -30.40
CA GLY G 114 7.79 39.50 -31.50
C GLY G 114 7.66 40.28 -32.79
N GLN G 115 8.32 39.79 -33.84
CA GLN G 115 8.35 40.45 -35.14
C GLN G 115 6.98 40.49 -35.81
N GLY G 116 6.20 39.45 -35.60
CA GLY G 116 4.89 39.31 -36.24
C GLY G 116 5.01 38.44 -37.49
N THR G 117 4.12 37.48 -37.61
CA THR G 117 4.10 36.61 -38.79
C THR G 117 2.80 36.78 -39.56
N LEU G 118 2.93 37.11 -40.83
CA LEU G 118 1.75 37.25 -41.67
C LEU G 118 1.29 35.90 -42.19
N VAL G 119 0.05 35.55 -41.89
CA VAL G 119 -0.53 34.31 -42.36
C VAL G 119 -1.67 34.63 -43.30
N THR G 120 -1.62 34.09 -44.51
CA THR G 120 -2.68 34.33 -45.48
C THR G 120 -3.41 33.04 -45.79
N VAL G 121 -4.73 33.06 -45.67
CA VAL G 121 -5.52 31.88 -45.96
C VAL G 121 -6.46 32.12 -47.12
N SER G 122 -6.31 31.31 -48.17
CA SER G 122 -7.08 31.46 -49.40
C SER G 122 -6.71 30.39 -50.41
N GLU H 1 -16.31 39.62 -21.14
CA GLU H 1 -15.42 40.57 -21.79
C GLU H 1 -15.78 42.00 -21.40
N ILE H 2 -14.89 42.92 -21.72
CA ILE H 2 -15.18 44.33 -21.54
C ILE H 2 -14.82 45.14 -22.77
N VAL H 3 -15.76 45.95 -23.24
CA VAL H 3 -15.56 46.79 -24.41
C VAL H 3 -15.31 48.24 -23.98
N MET H 4 -14.33 48.88 -24.63
CA MET H 4 -13.99 50.27 -24.31
C MET H 4 -13.76 51.06 -25.57
N THR H 5 -13.77 52.38 -25.43
CA THR H 5 -13.44 53.23 -26.57
C THR H 5 -12.40 54.28 -26.24
N GLN H 6 -11.56 54.59 -27.23
CA GLN H 6 -10.59 55.67 -27.14
C GLN H 6 -11.15 56.98 -27.63
N SER H 7 -10.61 58.07 -27.10
CA SER H 7 -10.97 59.39 -27.59
C SER H 7 -9.77 60.32 -27.60
N PRO H 8 -9.58 61.05 -28.71
CA PRO H 8 -10.18 60.93 -30.03
C PRO H 8 -9.55 59.76 -30.79
N SER H 9 -10.19 59.33 -31.88
CA SER H 9 -9.63 58.28 -32.74
C SER H 9 -8.40 58.76 -33.52
N SER H 10 -8.30 60.06 -33.74
CA SER H 10 -7.15 60.63 -34.44
C SER H 10 -6.98 62.12 -34.15
N LEU H 11 -5.74 62.59 -34.24
CA LEU H 11 -5.46 64.02 -34.04
C LEU H 11 -4.57 64.62 -35.12
N SER H 12 -4.77 65.90 -35.39
CA SER H 12 -3.82 66.68 -36.15
C SER H 12 -3.08 67.59 -35.18
N ALA H 13 -1.76 67.49 -35.16
CA ALA H 13 -0.97 68.21 -34.17
C ALA H 13 0.42 68.54 -34.70
N SER H 14 1.08 69.50 -34.07
CA SER H 14 2.42 69.90 -34.48
C SER H 14 3.42 69.73 -33.35
N VAL H 15 4.70 69.83 -33.67
CA VAL H 15 5.72 69.66 -32.64
C VAL H 15 5.61 70.76 -31.59
N GLY H 16 5.84 70.37 -30.34
CA GLY H 16 5.75 71.29 -29.21
C GLY H 16 4.36 71.29 -28.59
N ASP H 17 3.39 70.69 -29.27
CA ASP H 17 2.01 70.63 -28.77
C ASP H 17 1.85 69.63 -27.64
N ARG H 18 0.82 69.83 -26.80
CA ARG H 18 0.47 68.85 -25.78
C ARG H 18 -0.76 68.04 -26.21
N VAL H 19 -0.67 66.72 -26.07
CA VAL H 19 -1.75 65.84 -26.49
C VAL H 19 -2.29 64.97 -25.36
N THR H 20 -3.62 64.91 -25.25
CA THR H 20 -4.24 64.02 -24.27
C THR H 20 -5.16 63.02 -24.93
N ILE H 21 -4.97 61.76 -24.58
CA ILE H 21 -5.76 60.65 -25.10
C ILE H 21 -6.45 59.91 -23.96
N THR H 22 -7.72 59.61 -24.12
CA THR H 22 -8.43 58.94 -23.04
C THR H 22 -9.11 57.62 -23.45
N CYS H 23 -9.47 56.82 -22.43
CA CYS H 23 -10.22 55.59 -22.63
C CYS H 23 -11.42 55.49 -21.69
N ARG H 24 -12.53 55.04 -22.27
CA ARG H 24 -13.79 54.90 -21.54
C ARG H 24 -14.37 53.47 -21.60
N PRO H 25 -14.09 52.64 -20.60
CA PRO H 25 -14.51 51.25 -20.46
C PRO H 25 -15.99 51.12 -20.12
N SER H 26 -16.60 50.00 -20.51
CA SER H 26 -18.00 49.73 -20.19
C SER H 26 -18.22 49.55 -18.69
N GLN H 27 -17.19 49.13 -17.98
CA GLN H 27 -17.27 48.95 -16.53
C GLN H 27 -15.92 49.24 -15.90
N SER H 28 -15.90 49.45 -14.60
CA SER H 28 -14.66 49.82 -13.93
C SER H 28 -13.55 48.80 -14.17
N ILE H 29 -12.37 49.31 -14.48
CA ILE H 29 -11.17 48.50 -14.63
C ILE H 29 -10.16 49.15 -13.70
N SER H 30 -10.52 49.18 -12.43
CA SER H 30 -10.00 50.16 -11.48
C SER H 30 -8.72 50.85 -11.93
N THR H 31 -7.61 50.12 -12.06
CA THR H 31 -6.35 50.73 -12.49
C THR H 31 -5.70 49.92 -13.60
N PHE H 32 -6.42 48.95 -14.13
CA PHE H 32 -5.80 47.97 -15.00
C PHE H 32 -5.79 48.37 -16.47
N LEU H 33 -5.06 49.43 -16.79
CA LEU H 33 -4.93 49.89 -18.16
C LEU H 33 -3.49 50.13 -18.58
N ASN H 34 -3.11 49.50 -19.68
CA ASN H 34 -1.80 49.72 -20.29
C ASN H 34 -1.94 50.54 -21.55
N TRP H 35 -0.90 51.30 -21.88
CA TRP H 35 -0.88 52.03 -23.14
C TRP H 35 0.33 51.61 -23.96
N TYR H 36 0.11 51.42 -25.27
CA TYR H 36 1.17 51.00 -26.17
C TYR H 36 1.34 51.93 -27.35
N GLU H 37 2.57 52.01 -27.86
CA GLU H 37 2.90 52.78 -29.06
C GLU H 37 3.13 51.87 -30.26
N GLN H 38 2.38 52.07 -31.34
CA GLN H 38 2.61 51.26 -32.53
C GLN H 38 3.05 52.10 -33.72
N LYS H 39 4.11 51.65 -34.38
CA LYS H 39 4.57 52.29 -35.59
C LYS H 39 4.19 51.38 -36.73
N PRO H 40 3.86 51.93 -37.90
CA PRO H 40 3.30 51.18 -39.01
C PRO H 40 4.25 50.08 -39.47
N GLY H 41 3.72 48.87 -39.64
CA GLY H 41 4.50 47.74 -40.11
C GLY H 41 5.33 47.10 -38.98
N LYS H 42 5.21 47.64 -37.77
CA LYS H 42 6.02 47.16 -36.65
C LYS H 42 5.20 46.78 -35.42
N ALA H 43 5.83 45.99 -34.54
CA ALA H 43 5.21 45.62 -33.29
C ALA H 43 5.08 46.85 -32.39
N PRO H 44 4.04 46.94 -31.57
CA PRO H 44 3.82 47.96 -30.56
C PRO H 44 4.78 47.83 -29.38
N LYS H 45 5.00 48.95 -28.68
CA LYS H 45 5.86 49.00 -27.51
C LYS H 45 5.14 49.58 -26.29
N LEU H 46 5.38 49.00 -25.11
CA LEU H 46 4.76 49.49 -23.88
C LEU H 46 5.30 50.85 -23.46
N LEU H 47 4.39 51.78 -23.18
CA LEU H 47 4.78 53.11 -22.72
C LEU H 47 4.53 53.27 -21.23
N ILE H 48 3.30 53.02 -20.83
CA ILE H 48 2.91 53.21 -19.44
C ILE H 48 1.96 52.10 -18.99
N TYR H 49 2.09 51.69 -17.74
CA TYR H 49 1.27 50.62 -17.21
C TYR H 49 0.68 50.95 -15.85
N ASP H 50 -0.36 50.21 -15.46
CA ASP H 50 -1.07 50.46 -14.22
C ASP H 50 -1.60 51.89 -14.22
N ALA H 51 -1.90 52.40 -15.42
CA ALA H 51 -2.43 53.74 -15.65
C ALA H 51 -1.60 54.87 -15.03
N SER H 52 -0.40 54.59 -14.51
CA SER H 52 0.37 55.66 -13.87
C SER H 52 1.88 55.41 -13.78
N SER H 53 2.34 54.20 -14.14
CA SER H 53 3.75 53.87 -13.98
C SER H 53 4.46 53.69 -15.32
N LEU H 54 5.47 54.50 -15.58
CA LEU H 54 6.15 54.46 -16.87
C LEU H 54 7.04 53.24 -17.00
N GLN H 55 7.09 52.70 -18.22
CA GLN H 55 8.03 51.62 -18.52
C GLN H 55 9.44 52.17 -18.60
N SER H 56 10.42 51.37 -18.20
CA SER H 56 11.80 51.81 -18.24
C SER H 56 12.20 52.18 -19.67
N GLY H 57 12.93 53.29 -19.81
CA GLY H 57 13.39 53.75 -21.11
C GLY H 57 12.43 54.74 -21.76
N VAL H 58 11.25 54.92 -21.17
CA VAL H 58 10.26 55.85 -21.70
C VAL H 58 10.58 57.28 -21.25
N PRO H 59 10.65 58.24 -22.18
CA PRO H 59 10.98 59.64 -21.93
C PRO H 59 9.92 60.35 -21.11
N SER H 60 10.34 61.40 -20.42
CA SER H 60 9.50 62.17 -19.50
C SER H 60 8.29 62.83 -20.15
N ARG H 61 8.29 62.90 -21.48
CA ARG H 61 7.17 63.50 -22.21
C ARG H 61 5.86 62.75 -21.92
N PHE H 62 5.97 61.48 -21.59
CA PHE H 62 4.78 60.64 -21.36
C PHE H 62 4.41 60.52 -19.90
N SER H 63 3.12 60.64 -19.62
CA SER H 63 2.57 60.44 -18.28
C SER H 63 1.09 60.11 -18.37
N GLY H 64 0.51 59.65 -17.27
CA GLY H 64 -0.91 59.34 -17.30
C GLY H 64 -1.51 59.19 -15.91
N SER H 65 -2.83 59.11 -15.88
CA SER H 65 -3.58 59.04 -14.63
C SER H 65 -5.00 58.56 -14.89
N GLY H 66 -5.74 58.29 -13.82
CA GLY H 66 -7.13 57.92 -13.96
C GLY H 66 -7.49 56.67 -13.17
N SER H 67 -8.78 56.41 -13.07
CA SER H 67 -9.28 55.27 -12.32
C SER H 67 -10.73 54.97 -12.68
N GLY H 68 -11.22 53.81 -12.26
CA GLY H 68 -12.62 53.51 -12.45
C GLY H 68 -12.97 53.42 -13.93
N THR H 69 -13.77 54.36 -14.41
CA THR H 69 -14.19 54.34 -15.81
C THR H 69 -13.67 55.53 -16.61
N GLU H 70 -12.65 56.21 -16.09
CA GLU H 70 -12.03 57.30 -16.85
C GLU H 70 -10.52 57.28 -16.74
N PHE H 71 -9.86 57.04 -17.87
CA PHE H 71 -8.40 57.00 -17.90
C PHE H 71 -7.81 57.95 -18.92
N THR H 72 -6.64 58.51 -18.58
CA THR H 72 -6.00 59.49 -19.43
C THR H 72 -4.52 59.19 -19.70
N LEU H 73 -4.07 59.60 -20.87
CA LEU H 73 -2.67 59.57 -21.27
C LEU H 73 -2.27 60.91 -21.87
N THR H 74 -1.19 61.49 -21.39
CA THR H 74 -0.77 62.79 -21.92
C THR H 74 0.67 62.79 -22.40
N ILE H 75 0.88 63.46 -23.54
CA ILE H 75 2.20 63.66 -24.09
C ILE H 75 2.52 65.15 -24.15
N SER H 76 3.62 65.56 -23.53
CA SER H 76 3.99 66.98 -23.56
C SER H 76 5.06 67.27 -24.61
N SER H 77 4.95 68.42 -25.28
CA SER H 77 5.97 68.88 -26.23
C SER H 77 6.30 67.86 -27.31
N LEU H 78 5.35 67.60 -28.20
CA LEU H 78 5.51 66.56 -29.23
C LEU H 78 6.79 66.69 -30.04
N GLN H 79 7.47 65.57 -30.25
CA GLN H 79 8.62 65.45 -31.13
C GLN H 79 8.25 64.55 -32.32
N PRO H 80 9.00 64.56 -33.43
CA PRO H 80 8.82 63.69 -34.59
C PRO H 80 8.72 62.22 -34.17
N GLU H 81 9.40 61.89 -33.07
CA GLU H 81 9.43 60.53 -32.55
C GLU H 81 8.06 60.05 -32.08
N ASP H 82 7.19 60.99 -31.74
CA ASP H 82 5.93 60.69 -31.09
C ASP H 82 4.75 60.50 -32.04
N PHE H 83 4.98 60.60 -33.34
CA PHE H 83 3.85 60.44 -34.25
C PHE H 83 3.62 58.96 -34.55
N ALA H 84 2.71 58.37 -33.78
CA ALA H 84 2.43 56.94 -33.80
C ALA H 84 0.98 56.67 -33.42
N THR H 85 0.58 55.40 -33.49
CA THR H 85 -0.78 55.03 -33.07
C THR H 85 -0.73 54.47 -31.66
N TYR H 86 -1.55 55.03 -30.77
CA TYR H 86 -1.53 54.61 -29.38
C TYR H 86 -2.71 53.72 -29.02
N TYR H 87 -2.44 52.63 -28.32
CA TYR H 87 -3.50 51.68 -27.97
C TYR H 87 -3.68 51.47 -26.48
N CYS H 88 -4.93 51.25 -26.09
CA CYS H 88 -5.28 50.85 -24.73
C CYS H 88 -5.35 49.35 -24.60
N GLN H 89 -5.11 48.83 -23.39
CA GLN H 89 -5.34 47.43 -23.09
C GLN H 89 -6.04 47.23 -21.74
N GLN H 90 -7.13 46.48 -21.74
CA GLN H 90 -7.83 46.17 -20.50
C GLN H 90 -7.41 44.83 -19.95
N SER H 91 -6.75 44.86 -18.81
CA SER H 91 -6.22 43.67 -18.17
C SER H 91 -7.18 43.18 -17.09
N PHE H 92 -8.32 43.84 -16.98
CA PHE H 92 -9.30 43.59 -15.93
C PHE H 92 -9.87 42.18 -15.90
N SER H 93 -10.30 41.67 -17.04
CA SER H 93 -10.94 40.36 -17.07
C SER H 93 -10.81 39.72 -18.44
N THR H 94 -11.09 38.42 -18.50
CA THR H 94 -11.01 37.69 -19.75
C THR H 94 -12.26 37.83 -20.63
N PRO H 95 -12.07 37.73 -21.94
CA PRO H 95 -10.84 37.81 -22.70
C PRO H 95 -10.29 39.22 -22.61
N TYR H 96 -8.98 39.35 -22.69
CA TYR H 96 -8.36 40.66 -22.59
C TYR H 96 -8.67 41.45 -23.85
N THR H 97 -8.87 42.75 -23.71
CA THR H 97 -9.27 43.56 -24.87
C THR H 97 -8.39 44.77 -25.11
N PHE H 98 -8.39 45.25 -26.34
CA PHE H 98 -7.59 46.41 -26.75
C PHE H 98 -8.46 47.50 -27.35
N GLY H 99 -7.95 48.73 -27.35
CA GLY H 99 -8.70 49.87 -27.86
C GLY H 99 -8.62 49.96 -29.38
N GLN H 100 -9.28 50.98 -29.93
CA GLN H 100 -9.35 51.20 -31.37
C GLN H 100 -8.03 51.71 -31.93
N GLY H 101 -7.29 52.43 -31.09
CA GLY H 101 -6.04 53.06 -31.47
C GLY H 101 -6.24 54.53 -31.79
N THR H 102 -5.33 55.37 -31.31
CA THR H 102 -5.36 56.80 -31.59
C THR H 102 -4.13 57.24 -32.37
N ARG H 103 -4.33 57.74 -33.57
CA ARG H 103 -3.20 58.11 -34.42
C ARG H 103 -2.89 59.60 -34.40
N LEU H 104 -1.60 59.93 -34.29
CA LEU H 104 -1.17 61.32 -34.36
C LEU H 104 -0.65 61.66 -35.75
N GLU H 105 -1.18 62.73 -36.31
CA GLU H 105 -0.84 63.21 -37.65
C GLU H 105 -0.61 64.70 -37.63
N ILE H 106 -0.19 65.27 -38.76
CA ILE H 106 -0.04 66.71 -38.86
C ILE H 106 -1.01 67.28 -39.89
N GLY I 18 27.71 -46.50 58.02
CA GLY I 18 27.81 -47.86 57.48
C GLY I 18 26.91 -48.03 56.26
N ASP I 19 25.82 -47.28 56.23
CA ASP I 19 24.86 -47.32 55.14
C ASP I 19 24.54 -45.90 54.68
N LYS I 20 24.22 -45.73 53.41
CA LYS I 20 23.93 -44.39 52.89
C LYS I 20 22.64 -44.29 52.10
N ILE I 21 22.03 -43.11 52.14
CA ILE I 21 20.92 -42.80 51.24
C ILE I 21 21.41 -41.77 50.24
N CYS I 22 21.62 -42.18 48.99
CA CYS I 22 22.21 -41.26 48.02
C CYS I 22 21.24 -40.97 46.87
N LEU I 23 20.84 -39.69 46.77
CA LEU I 23 19.86 -39.29 45.78
C LEU I 23 20.49 -39.23 44.40
N GLY I 24 20.00 -40.09 43.49
CA GLY I 24 20.57 -40.19 42.15
C GLY I 24 19.93 -39.20 41.18
N HIS I 25 20.62 -38.93 40.08
CA HIS I 25 20.15 -38.00 39.06
C HIS I 25 19.93 -38.67 37.70
N HIS I 26 19.82 -40.00 37.69
CA HIS I 26 19.60 -40.71 36.42
C HIS I 26 20.61 -40.27 35.37
N ALA I 27 21.88 -40.27 35.74
CA ALA I 27 22.92 -39.73 34.87
C ALA I 27 23.35 -40.72 33.82
N VAL I 28 22.67 -40.70 32.68
CA VAL I 28 22.98 -41.57 31.57
C VAL I 28 24.26 -41.15 30.85
N ALA I 29 24.77 -42.02 29.99
CA ALA I 29 25.94 -41.72 29.19
C ALA I 29 25.69 -40.44 28.41
N ASN I 30 26.76 -39.80 27.97
CA ASN I 30 26.66 -38.46 27.41
C ASN I 30 25.40 -38.28 26.57
N GLY I 31 24.66 -37.21 26.86
CA GLY I 31 23.37 -36.91 26.23
C GLY I 31 23.41 -35.64 25.41
N THR I 32 22.41 -34.78 25.59
CA THR I 32 22.29 -33.55 24.81
C THR I 32 22.28 -32.32 25.70
N LYS I 33 22.25 -31.14 25.07
CA LYS I 33 22.36 -29.88 25.80
C LYS I 33 21.20 -28.93 25.53
N VAL I 34 20.87 -28.10 26.52
CA VAL I 34 19.79 -27.13 26.38
C VAL I 34 20.21 -25.71 26.75
N ASN I 35 19.41 -24.74 26.32
CA ASN I 35 19.64 -23.35 26.68
C ASN I 35 18.71 -22.93 27.81
N THR I 36 19.27 -22.32 28.86
CA THR I 36 18.49 -21.90 30.00
C THR I 36 18.63 -20.40 30.27
N LEU I 37 18.01 -19.94 31.34
CA LEU I 37 18.07 -18.53 31.73
C LEU I 37 19.39 -18.17 32.40
N THR I 38 20.18 -19.19 32.78
CA THR I 38 21.41 -18.92 33.51
C THR I 38 22.63 -19.16 32.62
N GLU I 39 22.67 -20.33 31.98
CA GLU I 39 23.77 -20.69 31.10
C GLU I 39 23.23 -21.35 29.84
N ARG I 40 24.02 -21.32 28.78
CA ARG I 40 23.65 -21.99 27.54
C ARG I 40 24.49 -23.25 27.37
N GLY I 41 23.90 -24.29 26.81
CA GLY I 41 24.63 -25.51 26.52
C GLY I 41 24.73 -26.44 27.73
N ILE I 42 23.80 -26.32 28.66
CA ILE I 42 23.83 -27.18 29.83
C ILE I 42 23.40 -28.59 29.46
N GLU I 43 24.22 -29.58 29.78
CA GLU I 43 23.88 -30.95 29.42
C GLU I 43 22.76 -31.49 30.29
N VAL I 44 21.76 -32.10 29.67
CA VAL I 44 20.65 -32.68 30.41
C VAL I 44 20.45 -34.13 30.05
N VAL I 45 19.99 -34.91 31.03
CA VAL I 45 19.78 -36.32 30.85
C VAL I 45 18.70 -36.59 29.86
N ASN I 46 17.60 -35.89 30.06
CA ASN I 46 16.44 -36.20 29.26
C ASN I 46 15.66 -34.96 28.83
N ALA I 47 15.49 -34.86 27.50
CA ALA I 47 14.92 -33.70 26.81
C ALA I 47 14.23 -34.09 25.49
N THR I 48 13.42 -33.18 24.98
CA THR I 48 12.76 -33.36 23.69
C THR I 48 12.85 -32.09 22.87
N GLU I 49 12.89 -32.23 21.57
CA GLU I 49 12.91 -31.05 20.74
C GLU I 49 11.49 -30.54 20.50
N THR I 50 11.31 -29.24 20.63
CA THR I 50 9.99 -28.64 20.46
C THR I 50 9.83 -28.06 19.06
N VAL I 51 10.88 -28.16 18.27
CA VAL I 51 10.85 -27.68 16.89
C VAL I 51 11.04 -28.84 15.93
N GLU I 52 10.00 -29.24 15.23
CA GLU I 52 10.18 -30.35 14.32
C GLU I 52 10.58 -29.87 12.94
N THR I 53 11.51 -30.59 12.33
CA THR I 53 12.01 -30.26 11.00
C THR I 53 11.56 -31.28 9.97
N THR I 54 10.73 -32.22 10.41
CA THR I 54 10.25 -33.25 9.50
C THR I 54 9.21 -32.71 8.55
N ASN I 55 9.59 -32.61 7.29
CA ASN I 55 8.70 -32.11 6.24
C ASN I 55 8.13 -33.27 5.46
N ILE I 56 6.85 -33.52 5.63
CA ILE I 56 6.23 -34.61 4.92
C ILE I 56 5.87 -34.10 3.53
N LYS I 57 6.44 -34.73 2.51
CA LYS I 57 6.40 -34.17 1.16
C LYS I 57 5.13 -34.51 0.39
N LYS I 58 4.12 -35.02 1.08
CA LYS I 58 2.84 -35.31 0.46
C LYS I 58 1.69 -34.67 1.23
N ILE I 59 0.64 -34.28 0.52
CA ILE I 59 -0.51 -33.61 1.10
C ILE I 59 -1.51 -34.55 1.73
N CYS I 60 -1.84 -34.28 2.98
CA CYS I 60 -2.79 -35.07 3.73
C CYS I 60 -4.21 -34.85 3.21
N THR I 61 -4.96 -35.93 3.02
CA THR I 61 -6.32 -35.82 2.48
C THR I 61 -7.34 -36.59 3.31
N GLN I 62 -6.99 -36.96 4.54
CA GLN I 62 -7.95 -37.67 5.39
C GLN I 62 -9.02 -36.74 5.95
N GLY I 63 -10.01 -36.46 5.09
CA GLY I 63 -11.11 -35.54 5.35
C GLY I 63 -11.89 -35.39 4.05
N LYS I 64 -12.62 -34.30 3.87
CA LYS I 64 -13.28 -34.15 2.58
C LYS I 64 -12.20 -33.86 1.56
N ARG I 65 -12.04 -34.79 0.64
CA ARG I 65 -10.90 -34.76 -0.28
C ARG I 65 -10.86 -33.44 -1.04
N PRO I 66 -9.67 -32.90 -1.25
CA PRO I 66 -9.42 -31.59 -1.81
C PRO I 66 -9.78 -31.48 -3.27
N THR I 67 -10.02 -30.25 -3.68
CA THR I 67 -10.13 -29.96 -5.10
C THR I 67 -8.73 -29.68 -5.61
N ASP I 68 -8.15 -30.65 -6.31
CA ASP I 68 -6.80 -30.49 -6.81
C ASP I 68 -6.90 -29.85 -8.16
N LEU I 69 -6.75 -28.55 -8.17
CA LEU I 69 -7.07 -27.75 -9.32
C LEU I 69 -6.12 -28.02 -10.49
N GLY I 70 -4.88 -28.39 -10.19
CA GLY I 70 -3.93 -28.64 -11.27
C GLY I 70 -3.74 -27.38 -12.11
N GLN I 71 -4.00 -27.49 -13.40
CA GLN I 71 -3.85 -26.37 -14.34
C GLN I 71 -4.85 -25.26 -14.05
N CYS I 72 -5.91 -25.60 -13.31
CA CYS I 72 -6.92 -24.62 -12.92
C CYS I 72 -6.44 -23.79 -11.72
N GLY I 73 -6.68 -22.50 -11.75
CA GLY I 73 -6.43 -21.68 -10.56
C GLY I 73 -7.68 -21.61 -9.69
N LEU I 74 -7.56 -21.04 -8.48
CA LEU I 74 -8.73 -20.95 -7.60
C LEU I 74 -9.80 -20.00 -8.12
N LEU I 75 -9.40 -18.84 -8.60
CA LEU I 75 -10.36 -17.87 -9.11
C LEU I 75 -10.99 -18.40 -10.39
N GLY I 76 -10.26 -19.25 -11.09
CA GLY I 76 -10.77 -19.86 -12.31
C GLY I 76 -12.08 -20.61 -12.08
N THR I 77 -12.32 -21.06 -10.84
CA THR I 77 -13.51 -21.83 -10.53
C THR I 77 -14.77 -20.97 -10.56
N LEU I 78 -14.57 -19.65 -10.55
CA LEU I 78 -15.69 -18.72 -10.60
C LEU I 78 -15.92 -18.20 -12.02
N ILE I 79 -14.96 -18.48 -12.89
CA ILE I 79 -14.98 -17.94 -14.25
C ILE I 79 -15.23 -19.03 -15.28
N GLY I 80 -14.44 -20.10 -15.19
CA GLY I 80 -14.54 -21.23 -16.09
C GLY I 80 -13.67 -21.16 -17.34
N PRO I 81 -12.34 -21.12 -17.18
CA PRO I 81 -11.35 -21.59 -18.13
C PRO I 81 -11.64 -23.06 -18.38
N PRO I 82 -11.31 -23.58 -19.55
CA PRO I 82 -11.58 -24.93 -20.00
C PRO I 82 -10.94 -25.97 -19.07
N GLN I 83 -9.87 -25.59 -18.38
CA GLN I 83 -9.21 -26.51 -17.45
C GLN I 83 -9.93 -26.54 -16.11
N CYS I 84 -10.90 -25.63 -15.95
CA CYS I 84 -11.65 -25.50 -14.71
C CYS I 84 -13.08 -25.96 -14.86
N ASP I 85 -13.44 -26.42 -16.05
CA ASP I 85 -14.83 -26.75 -16.34
C ASP I 85 -15.41 -27.77 -15.36
N GLN I 86 -14.59 -28.72 -14.92
CA GLN I 86 -15.04 -29.76 -14.00
C GLN I 86 -15.03 -29.29 -12.54
N PHE I 87 -14.48 -28.11 -12.29
CA PHE I 87 -14.37 -27.60 -10.92
C PHE I 87 -15.25 -26.38 -10.67
N LEU I 88 -16.19 -26.14 -11.58
CA LEU I 88 -17.06 -24.97 -11.47
C LEU I 88 -17.98 -25.04 -10.25
N GLU I 89 -18.28 -26.25 -9.80
CA GLU I 89 -19.12 -26.42 -8.62
C GLU I 89 -18.53 -27.54 -7.77
N PHE I 90 -18.15 -27.21 -6.54
CA PHE I 90 -17.40 -28.17 -5.72
C PHE I 90 -17.52 -27.92 -4.22
N SER I 91 -17.13 -28.92 -3.43
CA SER I 91 -17.09 -28.79 -1.98
C SER I 91 -15.99 -29.65 -1.36
N SER I 92 -15.26 -29.07 -0.40
CA SER I 92 -14.20 -29.79 0.30
C SER I 92 -13.72 -29.02 1.53
N ASP I 93 -12.88 -29.66 2.34
CA ASP I 93 -12.28 -28.98 3.47
C ASP I 93 -10.87 -28.55 3.14
N LEU I 94 -10.49 -28.69 1.87
CA LEU I 94 -9.13 -28.40 1.45
C LEU I 94 -9.10 -28.05 -0.03
N ILE I 95 -8.40 -26.99 -0.38
CA ILE I 95 -8.25 -26.61 -1.79
C ILE I 95 -6.78 -26.49 -2.16
N ILE I 96 -6.39 -27.13 -3.26
CA ILE I 96 -4.97 -27.11 -3.63
C ILE I 96 -4.69 -26.36 -4.93
N GLU I 97 -3.83 -25.34 -4.85
CA GLU I 97 -3.35 -24.63 -6.03
C GLU I 97 -1.95 -25.08 -6.38
N ARG I 98 -1.61 -25.04 -7.68
CA ARG I 98 -0.29 -25.43 -8.14
C ARG I 98 0.34 -24.37 -9.04
N ARG I 99 1.67 -24.40 -9.18
CA ARG I 99 2.40 -23.39 -9.95
C ARG I 99 1.96 -23.26 -11.39
N GLU I 100 1.60 -24.38 -12.00
CA GLU I 100 1.19 -24.38 -13.39
C GLU I 100 -0.21 -23.82 -13.56
N GLY I 101 -0.90 -23.63 -12.44
CA GLY I 101 -2.30 -23.24 -12.50
C GLY I 101 -2.48 -21.81 -12.98
N THR I 102 -3.59 -21.57 -13.66
CA THR I 102 -3.96 -20.23 -14.09
C THR I 102 -5.46 -20.01 -13.98
N ASP I 103 -5.85 -18.75 -13.78
CA ASP I 103 -7.26 -18.42 -13.66
C ASP I 103 -7.86 -17.91 -14.96
N ILE I 104 -7.02 -17.79 -15.98
CA ILE I 104 -7.46 -17.26 -17.27
C ILE I 104 -6.96 -18.07 -18.46
N CYS I 105 -7.62 -17.83 -19.59
CA CYS I 105 -7.11 -18.29 -20.89
C CYS I 105 -6.84 -17.06 -21.73
N TYR I 106 -7.68 -16.05 -21.55
CA TYR I 106 -7.56 -14.76 -22.18
C TYR I 106 -7.11 -13.78 -21.11
N PRO I 107 -6.11 -12.92 -21.36
CA PRO I 107 -5.45 -12.12 -20.35
C PRO I 107 -6.45 -11.37 -19.49
N GLY I 108 -6.18 -11.32 -18.19
CA GLY I 108 -7.09 -10.65 -17.26
C GLY I 108 -6.56 -10.67 -15.83
N ARG I 109 -7.25 -9.96 -14.96
CA ARG I 109 -6.89 -9.87 -13.54
C ARG I 109 -8.10 -9.51 -12.72
N PHE I 110 -8.01 -9.66 -11.40
CA PHE I 110 -9.12 -9.30 -10.54
C PHE I 110 -8.76 -8.11 -9.66
N THR I 111 -9.75 -7.27 -9.39
CA THR I 111 -9.56 -6.15 -8.47
C THR I 111 -9.56 -6.68 -7.04
N ASN I 112 -8.58 -6.24 -6.24
CA ASN I 112 -8.44 -6.77 -4.88
C ASN I 112 -8.35 -8.29 -4.96
N GLU I 113 -7.56 -8.76 -5.91
CA GLU I 113 -7.45 -10.18 -6.23
C GLU I 113 -7.08 -11.03 -5.03
N GLU I 114 -6.18 -10.54 -4.19
CA GLU I 114 -5.74 -11.33 -3.04
C GLU I 114 -6.84 -11.48 -2.00
N SER I 115 -7.61 -10.41 -1.79
CA SER I 115 -8.70 -10.50 -0.82
C SER I 115 -9.73 -11.51 -1.30
N LEU I 116 -10.07 -11.43 -2.58
CA LEU I 116 -11.04 -12.35 -3.17
C LEU I 116 -10.55 -13.78 -3.11
N ARG I 117 -9.29 -13.97 -3.47
CA ARG I 117 -8.74 -15.30 -3.47
C ARG I 117 -8.83 -15.90 -2.06
N GLN I 118 -8.50 -15.08 -1.05
CA GLN I 118 -8.56 -15.54 0.35
C GLN I 118 -9.98 -15.90 0.75
N ILE I 119 -10.97 -15.16 0.26
CA ILE I 119 -12.35 -15.48 0.56
C ILE I 119 -12.69 -16.88 0.06
N LEU I 120 -12.24 -17.19 -1.15
CA LEU I 120 -12.47 -18.52 -1.69
C LEU I 120 -11.71 -19.58 -0.93
N ARG I 121 -10.49 -19.24 -0.47
CA ARG I 121 -9.65 -20.18 0.25
C ARG I 121 -10.34 -20.70 1.51
N ARG I 122 -11.24 -19.89 2.07
CA ARG I 122 -11.94 -20.26 3.29
C ARG I 122 -13.44 -20.50 3.06
N SER I 123 -13.85 -20.59 1.80
CA SER I 123 -15.28 -20.70 1.47
C SER I 123 -15.92 -22.05 1.77
N GLY I 124 -15.16 -23.13 1.71
CA GLY I 124 -15.77 -24.46 1.89
C GLY I 124 -16.21 -25.06 0.57
N GLY I 125 -16.13 -24.28 -0.49
CA GLY I 125 -16.59 -24.75 -1.78
C GLY I 125 -17.63 -23.80 -2.34
N ILE I 126 -17.86 -23.93 -3.64
CA ILE I 126 -18.77 -23.05 -4.33
C ILE I 126 -19.99 -23.74 -4.90
N GLY I 127 -21.17 -23.26 -4.54
CA GLY I 127 -22.41 -23.67 -5.18
C GLY I 127 -22.76 -22.64 -6.23
N LYS I 128 -23.38 -23.04 -7.32
CA LYS I 128 -23.75 -22.07 -8.34
C LYS I 128 -25.25 -21.94 -8.51
N GLU I 129 -25.70 -20.72 -8.81
CA GLU I 129 -27.13 -20.46 -9.03
C GLU I 129 -27.33 -19.39 -10.09
N SER I 130 -28.28 -19.64 -11.01
CA SER I 130 -28.48 -18.71 -12.11
C SER I 130 -28.95 -17.34 -11.68
N MET I 131 -28.47 -16.32 -12.39
CA MET I 131 -28.86 -14.94 -12.16
C MET I 131 -30.30 -14.70 -12.62
N GLY I 132 -30.78 -15.55 -13.52
CA GLY I 132 -32.13 -15.39 -14.05
C GLY I 132 -32.23 -14.27 -15.07
N PHE I 133 -31.09 -13.85 -15.61
CA PHE I 133 -31.06 -12.72 -16.53
C PHE I 133 -31.37 -13.11 -17.97
N THR I 134 -32.43 -12.51 -18.51
CA THR I 134 -32.81 -12.71 -19.91
C THR I 134 -32.22 -11.60 -20.75
N TYR I 135 -31.51 -11.96 -21.80
CA TYR I 135 -30.90 -10.97 -22.67
C TYR I 135 -31.44 -11.00 -24.08
N SER I 136 -32.62 -10.44 -24.28
CA SER I 136 -33.22 -10.45 -25.61
C SER I 136 -32.48 -9.47 -26.51
N GLY I 137 -32.17 -9.89 -27.72
CA GLY I 137 -31.55 -9.00 -28.70
C GLY I 137 -30.04 -8.82 -28.50
N ILE I 138 -29.45 -9.54 -27.55
CA ILE I 138 -28.02 -9.41 -27.25
C ILE I 138 -27.26 -10.68 -27.59
N ARG I 139 -26.12 -10.55 -28.27
CA ARG I 139 -25.35 -11.73 -28.65
C ARG I 139 -24.51 -12.25 -27.50
N THR I 140 -24.67 -13.54 -27.21
CA THR I 140 -23.97 -14.16 -26.11
C THR I 140 -23.21 -15.40 -26.57
N ASN I 141 -22.87 -15.43 -27.85
CA ASN I 141 -22.20 -16.59 -28.45
C ASN I 141 -20.72 -16.67 -28.08
N GLY I 142 -20.11 -17.85 -28.30
CA GLY I 142 -18.68 -18.03 -28.04
C GLY I 142 -17.87 -17.01 -28.83
N ALA I 143 -16.83 -16.47 -28.21
CA ALA I 143 -16.06 -15.44 -28.89
C ALA I 143 -14.56 -15.70 -29.00
N THR I 144 -13.89 -15.96 -27.87
CA THR I 144 -12.42 -16.01 -27.87
C THR I 144 -11.84 -17.37 -28.22
N SER I 145 -10.73 -17.35 -28.95
CA SER I 145 -9.98 -18.55 -29.30
C SER I 145 -9.04 -18.95 -28.17
N ALA I 146 -8.87 -18.06 -27.20
CA ALA I 146 -7.90 -18.27 -26.14
C ALA I 146 -8.21 -19.54 -25.34
N CYS I 147 -9.49 -19.90 -25.28
CA CYS I 147 -9.95 -21.06 -24.51
C CYS I 147 -10.17 -22.29 -25.39
N THR I 148 -9.48 -22.36 -26.52
CA THR I 148 -9.66 -23.44 -27.50
C THR I 148 -9.63 -24.85 -26.91
N ARG I 149 -9.02 -25.04 -25.75
CA ARG I 149 -8.94 -26.39 -25.17
C ARG I 149 -10.32 -27.07 -25.13
N SER I 150 -11.38 -26.31 -24.84
CA SER I 150 -12.74 -26.85 -24.85
C SER I 150 -13.47 -26.46 -26.14
N GLY I 151 -12.73 -25.83 -27.04
CA GLY I 151 -13.28 -25.29 -28.28
C GLY I 151 -13.25 -23.76 -28.24
N SER I 152 -13.47 -23.13 -29.38
CA SER I 152 -13.38 -21.68 -29.43
C SER I 152 -14.60 -21.02 -28.80
N SER I 153 -14.46 -20.66 -27.52
CA SER I 153 -15.55 -20.06 -26.77
C SER I 153 -15.05 -19.20 -25.61
N PHE I 154 -15.95 -18.42 -25.04
CA PHE I 154 -15.60 -17.62 -23.87
C PHE I 154 -15.77 -18.44 -22.61
N TYR I 155 -15.42 -17.85 -21.48
CA TYR I 155 -15.43 -18.55 -20.20
C TYR I 155 -16.78 -19.19 -19.94
N ALA I 156 -16.75 -20.38 -19.36
CA ALA I 156 -17.91 -21.25 -19.30
C ALA I 156 -19.16 -20.59 -18.72
N GLU I 157 -19.01 -19.73 -17.73
CA GLU I 157 -20.20 -19.19 -17.07
C GLU I 157 -20.38 -17.67 -17.14
N MET I 158 -19.71 -16.98 -18.05
CA MET I 158 -19.87 -15.54 -18.14
C MET I 158 -19.98 -15.02 -19.57
N LYS I 159 -21.14 -14.52 -19.93
CA LYS I 159 -21.42 -14.11 -21.30
C LYS I 159 -20.83 -12.75 -21.66
N TRP I 160 -20.22 -12.64 -22.83
CA TRP I 160 -19.61 -11.39 -23.27
C TRP I 160 -20.62 -10.29 -23.57
N LEU I 161 -21.85 -10.65 -23.91
CA LEU I 161 -22.89 -9.66 -24.22
C LEU I 161 -22.42 -8.69 -25.30
N LEU I 162 -22.10 -9.22 -26.47
CA LEU I 162 -21.68 -8.42 -27.60
C LEU I 162 -22.90 -7.90 -28.33
N SER I 163 -22.72 -6.86 -29.13
CA SER I 163 -23.84 -6.36 -29.90
C SER I 163 -24.37 -7.49 -30.79
N ASN I 164 -25.66 -7.43 -31.12
CA ASN I 164 -26.27 -8.49 -31.94
C ASN I 164 -25.53 -8.69 -33.25
N SER I 165 -24.97 -7.62 -33.77
CA SER I 165 -24.15 -7.70 -34.97
C SER I 165 -22.98 -6.74 -34.88
N ASP I 166 -21.93 -6.98 -35.64
CA ASP I 166 -20.76 -6.14 -35.56
C ASP I 166 -21.08 -4.68 -35.88
N ASN I 167 -20.47 -3.78 -35.11
CA ASN I 167 -20.63 -2.33 -35.20
C ASN I 167 -21.99 -1.83 -34.71
N ALA I 168 -22.91 -2.74 -34.37
CA ALA I 168 -24.22 -2.32 -33.91
C ALA I 168 -24.14 -1.73 -32.51
N ALA I 169 -25.00 -0.76 -32.23
CA ALA I 169 -25.03 -0.13 -30.94
C ALA I 169 -25.39 -1.13 -29.85
N PHE I 170 -24.78 -1.00 -28.69
CA PHE I 170 -25.19 -1.79 -27.54
C PHE I 170 -26.38 -1.09 -26.86
N PRO I 171 -27.44 -1.83 -26.47
CA PRO I 171 -28.60 -1.33 -25.75
C PRO I 171 -28.23 -0.93 -24.34
N GLN I 172 -28.91 0.07 -23.80
CA GLN I 172 -28.67 0.43 -22.41
C GLN I 172 -29.51 -0.45 -21.51
N MET I 173 -28.86 -1.41 -20.86
CA MET I 173 -29.59 -2.40 -20.08
C MET I 173 -29.60 -2.07 -18.61
N THR I 174 -30.69 -2.44 -17.95
CA THR I 174 -30.74 -2.42 -16.51
C THR I 174 -31.10 -3.80 -16.01
N LYS I 175 -30.23 -4.39 -15.20
CA LYS I 175 -30.50 -5.70 -14.64
C LYS I 175 -30.46 -5.65 -13.14
N ALA I 176 -31.25 -6.50 -12.50
CA ALA I 176 -31.27 -6.52 -11.05
C ALA I 176 -31.43 -7.94 -10.53
N TYR I 177 -30.68 -8.26 -9.49
CA TYR I 177 -30.78 -9.57 -8.87
C TYR I 177 -30.95 -9.48 -7.38
N ARG I 178 -32.05 -10.03 -6.90
CA ARG I 178 -32.31 -10.06 -5.48
C ARG I 178 -31.74 -11.34 -4.89
N ASN I 179 -31.06 -11.24 -3.76
CA ASN I 179 -30.50 -12.45 -3.15
C ASN I 179 -31.58 -13.24 -2.38
N PRO I 180 -31.99 -14.41 -2.91
CA PRO I 180 -33.13 -15.22 -2.47
C PRO I 180 -32.87 -16.00 -1.19
N ARG I 181 -31.61 -16.03 -0.75
CA ARG I 181 -31.21 -16.92 0.34
C ARG I 181 -30.53 -16.19 1.48
N ASN I 182 -30.29 -16.89 2.58
CA ASN I 182 -29.71 -16.29 3.77
C ASN I 182 -28.18 -16.19 3.68
N LYS I 183 -27.60 -16.72 2.61
CA LYS I 183 -26.17 -16.61 2.41
C LYS I 183 -25.90 -15.41 1.50
N PRO I 184 -24.80 -14.69 1.71
CA PRO I 184 -24.35 -13.60 0.87
C PRO I 184 -23.95 -14.16 -0.48
N ALA I 185 -24.23 -13.43 -1.55
CA ALA I 185 -23.88 -13.92 -2.87
C ALA I 185 -22.60 -13.28 -3.37
N LEU I 186 -21.71 -14.11 -3.89
CA LEU I 186 -20.52 -13.57 -4.53
C LEU I 186 -20.83 -13.35 -5.99
N ILE I 187 -20.75 -12.09 -6.39
CA ILE I 187 -21.09 -11.74 -7.75
C ILE I 187 -19.90 -11.15 -8.47
N ILE I 188 -19.59 -11.72 -9.63
CA ILE I 188 -18.49 -11.25 -10.44
C ILE I 188 -18.94 -10.79 -11.80
N TRP I 189 -18.40 -9.66 -12.22
CA TRP I 189 -18.68 -9.15 -13.56
C TRP I 189 -17.38 -8.70 -14.17
N GLY I 190 -17.30 -8.74 -15.49
CA GLY I 190 -16.07 -8.31 -16.16
C GLY I 190 -16.25 -7.05 -16.98
N VAL I 191 -15.17 -6.32 -17.13
CA VAL I 191 -15.12 -5.19 -18.06
C VAL I 191 -14.08 -5.47 -19.12
N HIS I 192 -14.48 -5.39 -20.37
CA HIS I 192 -13.58 -5.78 -21.45
C HIS I 192 -12.78 -4.60 -21.98
N HIS I 193 -11.46 -4.69 -21.86
CA HIS I 193 -10.56 -3.69 -22.40
C HIS I 193 -10.07 -4.15 -23.76
N SER I 194 -10.43 -3.41 -24.79
CA SER I 194 -10.06 -3.77 -26.14
C SER I 194 -8.64 -3.36 -26.45
N GLU I 195 -8.06 -3.94 -27.49
CA GLU I 195 -6.71 -3.57 -27.93
C GLU I 195 -6.67 -2.15 -28.46
N SER I 196 -7.77 -1.74 -29.08
CA SER I 196 -7.86 -0.43 -29.70
C SER I 196 -9.30 0.01 -29.82
N VAL I 197 -9.51 1.28 -30.14
CA VAL I 197 -10.84 1.83 -30.26
C VAL I 197 -11.67 1.08 -31.31
N SER I 198 -11.02 0.72 -32.42
CA SER I 198 -11.73 0.04 -33.50
C SER I 198 -12.28 -1.31 -33.05
N GLU I 199 -11.51 -2.03 -32.25
CA GLU I 199 -11.97 -3.32 -31.76
C GLU I 199 -13.18 -3.15 -30.84
N GLN I 200 -13.12 -2.15 -29.97
CA GLN I 200 -14.23 -1.88 -29.07
C GLN I 200 -15.48 -1.51 -29.86
N THR I 201 -15.30 -0.71 -30.91
CA THR I 201 -16.41 -0.29 -31.74
C THR I 201 -17.06 -1.48 -32.42
N LYS I 202 -16.23 -2.38 -32.94
CA LYS I 202 -16.76 -3.57 -33.59
C LYS I 202 -17.61 -4.39 -32.62
N LEU I 203 -17.08 -4.61 -31.43
CA LEU I 203 -17.72 -5.47 -30.44
C LEU I 203 -18.95 -4.86 -29.76
N TYR I 204 -18.87 -3.60 -29.38
CA TYR I 204 -19.92 -2.98 -28.57
C TYR I 204 -20.55 -1.74 -29.21
N GLY I 205 -20.12 -1.38 -30.42
CA GLY I 205 -20.65 -0.23 -31.12
C GLY I 205 -19.98 1.05 -30.64
N SER I 206 -20.24 2.15 -31.32
CA SER I 206 -19.67 3.44 -30.94
C SER I 206 -20.31 3.97 -29.66
N GLY I 207 -19.54 4.74 -28.88
CA GLY I 207 -20.11 5.40 -27.71
C GLY I 207 -19.21 5.37 -26.48
N ASN I 208 -19.59 6.17 -25.49
CA ASN I 208 -18.85 6.25 -24.23
C ASN I 208 -19.28 5.13 -23.32
N LYS I 209 -18.47 4.10 -23.23
CA LYS I 209 -18.89 2.92 -22.48
C LYS I 209 -18.77 3.17 -21.00
N LEU I 210 -19.88 2.97 -20.30
CA LEU I 210 -19.94 3.16 -18.87
C LEU I 210 -20.71 2.05 -18.20
N ILE I 211 -20.13 1.50 -17.15
CA ILE I 211 -20.77 0.45 -16.39
C ILE I 211 -20.97 0.89 -14.96
N THR I 212 -22.17 0.75 -14.45
CA THR I 212 -22.42 1.12 -13.06
C THR I 212 -22.95 -0.06 -12.29
N VAL I 213 -22.40 -0.28 -11.11
CA VAL I 213 -22.85 -1.35 -10.23
C VAL I 213 -23.24 -0.78 -8.88
N ARG I 214 -24.45 -1.12 -8.43
CA ARG I 214 -24.95 -0.57 -7.18
C ARG I 214 -25.65 -1.60 -6.29
N SER I 215 -25.48 -1.44 -4.99
CA SER I 215 -26.20 -2.21 -3.98
C SER I 215 -26.51 -1.29 -2.82
N SER I 216 -27.19 -1.80 -1.79
CA SER I 216 -27.54 -0.96 -0.66
C SER I 216 -26.32 -0.37 0.05
N LYS I 217 -25.14 -0.97 -0.16
CA LYS I 217 -23.93 -0.48 0.49
C LYS I 217 -22.75 -0.36 -0.47
N TYR I 218 -23.05 -0.29 -1.76
CA TYR I 218 -21.99 -0.22 -2.77
C TYR I 218 -22.40 0.60 -3.98
N GLN I 219 -21.46 1.39 -4.48
CA GLN I 219 -21.66 2.05 -5.76
C GLN I 219 -20.32 2.32 -6.44
N GLN I 220 -20.19 1.87 -7.68
CA GLN I 220 -18.97 2.11 -8.43
C GLN I 220 -19.23 2.20 -9.92
N SER I 221 -18.56 3.12 -10.58
CA SER I 221 -18.65 3.22 -12.03
C SER I 221 -17.36 2.73 -12.67
N PHE I 222 -17.48 2.18 -13.87
CA PHE I 222 -16.33 1.68 -14.61
C PHE I 222 -16.36 2.12 -16.06
N THR I 223 -15.19 2.26 -16.66
CA THR I 223 -15.10 2.41 -18.09
C THR I 223 -13.88 1.63 -18.57
N PRO I 224 -13.95 0.97 -19.72
CA PRO I 224 -12.84 0.29 -20.37
C PRO I 224 -11.85 1.30 -20.92
N ASN I 225 -10.58 0.91 -20.92
CA ASN I 225 -9.53 1.73 -21.50
C ASN I 225 -8.81 0.98 -22.63
N PRO I 226 -9.05 1.34 -23.90
CA PRO I 226 -8.53 0.67 -25.07
C PRO I 226 -7.02 0.85 -25.13
N GLY I 227 -6.32 -0.11 -25.72
CA GLY I 227 -4.87 -0.02 -25.85
C GLY I 227 -4.20 -1.31 -25.37
N ALA I 228 -4.99 -2.23 -24.85
CA ALA I 228 -4.48 -3.52 -24.41
C ALA I 228 -5.60 -4.53 -24.21
N ARG I 229 -5.46 -5.72 -24.79
CA ARG I 229 -6.47 -6.75 -24.57
C ARG I 229 -6.42 -7.29 -23.16
N ARG I 230 -7.54 -7.16 -22.44
CA ARG I 230 -7.60 -7.66 -21.08
C ARG I 230 -9.04 -7.69 -20.55
N ILE I 231 -9.33 -8.69 -19.74
CA ILE I 231 -10.59 -8.67 -19.00
C ILE I 231 -10.37 -8.38 -17.53
N ASP I 232 -10.98 -7.30 -17.05
CA ASP I 232 -10.89 -6.97 -15.64
C ASP I 232 -12.10 -7.46 -14.88
N PHE I 233 -11.88 -8.35 -13.94
CA PHE I 233 -12.97 -8.87 -13.16
C PHE I 233 -13.13 -8.11 -11.87
N HIS I 234 -14.35 -7.72 -11.56
CA HIS I 234 -14.66 -7.00 -10.34
C HIS I 234 -15.68 -7.80 -9.57
N TRP I 235 -15.67 -7.68 -8.25
CA TRP I 235 -16.54 -8.52 -7.45
C TRP I 235 -17.23 -7.79 -6.31
N LEU I 236 -18.37 -8.35 -5.90
CA LEU I 236 -19.16 -7.80 -4.81
C LEU I 236 -19.80 -8.91 -3.97
N LEU I 237 -19.82 -8.71 -2.66
CA LEU I 237 -20.56 -9.62 -1.80
C LEU I 237 -21.94 -9.02 -1.49
N LEU I 238 -22.99 -9.62 -2.05
CA LEU I 238 -24.33 -9.07 -1.94
C LEU I 238 -25.08 -9.63 -0.75
N ASP I 239 -25.52 -8.74 0.13
CA ASP I 239 -26.25 -9.15 1.33
C ASP I 239 -27.63 -9.73 1.00
N PRO I 240 -28.14 -10.65 1.82
CA PRO I 240 -29.47 -11.22 1.74
C PRO I 240 -30.53 -10.13 1.71
N ASN I 241 -31.58 -10.35 0.92
CA ASN I 241 -32.68 -9.40 0.78
C ASN I 241 -32.28 -8.12 0.04
N ASP I 242 -31.01 -8.03 -0.37
CA ASP I 242 -30.63 -6.86 -1.14
C ASP I 242 -30.73 -7.13 -2.61
N THR I 243 -30.70 -6.05 -3.38
CA THR I 243 -30.72 -6.15 -4.82
C THR I 243 -29.50 -5.52 -5.45
N VAL I 244 -28.76 -6.30 -6.22
CA VAL I 244 -27.64 -5.72 -6.95
C VAL I 244 -28.15 -5.19 -8.26
N THR I 245 -27.90 -3.92 -8.52
CA THR I 245 -28.35 -3.32 -9.76
C THR I 245 -27.17 -3.09 -10.69
N PHE I 246 -27.33 -3.52 -11.94
CA PHE I 246 -26.31 -3.32 -12.94
C PHE I 246 -26.81 -2.45 -14.07
N THR I 247 -25.95 -1.57 -14.54
CA THR I 247 -26.26 -0.73 -15.68
C THR I 247 -25.24 -0.99 -16.78
N PHE I 248 -25.71 -1.42 -17.95
CA PHE I 248 -24.80 -1.79 -19.04
C PHE I 248 -24.84 -0.81 -20.20
N ASN I 249 -23.69 -0.34 -20.63
CA ASN I 249 -23.60 0.45 -21.85
C ASN I 249 -22.63 -0.20 -22.81
N GLY I 250 -22.36 -1.47 -22.58
CA GLY I 250 -21.44 -2.22 -23.41
C GLY I 250 -20.16 -2.54 -22.65
N ALA I 251 -19.33 -3.40 -23.23
CA ALA I 251 -18.08 -3.87 -22.63
C ALA I 251 -18.33 -4.51 -21.28
N PHE I 252 -19.48 -5.15 -21.14
CA PHE I 252 -19.83 -5.80 -19.88
C PHE I 252 -19.96 -7.31 -20.05
N ILE I 253 -19.11 -8.05 -19.37
CA ILE I 253 -19.19 -9.49 -19.43
C ILE I 253 -20.03 -9.97 -18.26
N ALA I 254 -21.26 -10.37 -18.54
CA ALA I 254 -22.21 -10.64 -17.48
C ALA I 254 -22.08 -12.06 -16.97
N PRO I 255 -22.29 -12.29 -15.68
CA PRO I 255 -22.37 -13.59 -15.06
C PRO I 255 -23.67 -14.26 -15.42
N ASP I 256 -23.63 -15.57 -15.62
CA ASP I 256 -24.85 -16.33 -15.78
C ASP I 256 -25.29 -16.90 -14.46
N ARG I 257 -24.31 -17.06 -13.57
CA ARG I 257 -24.54 -17.66 -12.27
C ARG I 257 -23.78 -16.91 -11.18
N THR I 258 -24.27 -16.99 -9.95
CA THR I 258 -23.57 -16.43 -8.80
C THR I 258 -23.09 -17.54 -7.89
N SER I 259 -22.35 -17.19 -6.85
CA SER I 259 -21.76 -18.19 -5.98
C SER I 259 -22.16 -18.08 -4.51
N PHE I 260 -22.34 -19.25 -3.87
CA PHE I 260 -22.57 -19.32 -2.43
C PHE I 260 -21.53 -20.21 -1.76
N PHE I 261 -21.16 -19.88 -0.53
CA PHE I 261 -20.09 -20.59 0.18
C PHE I 261 -20.61 -21.69 1.09
N ARG I 262 -19.90 -22.83 1.13
CA ARG I 262 -20.37 -23.97 1.92
C ARG I 262 -19.31 -24.73 2.74
N GLY I 263 -18.97 -24.23 3.93
CA GLY I 263 -18.28 -25.05 4.94
C GLY I 263 -16.77 -24.89 5.18
N GLU I 264 -16.25 -23.66 5.17
CA GLU I 264 -14.90 -23.39 5.72
C GLU I 264 -13.71 -24.26 5.21
N SER I 265 -13.32 -24.08 3.94
CA SER I 265 -12.19 -24.80 3.33
C SER I 265 -10.84 -24.24 3.75
N LEU I 266 -9.77 -24.95 3.39
CA LEU I 266 -8.42 -24.44 3.58
C LEU I 266 -7.67 -24.34 2.25
N GLY I 267 -7.55 -23.14 1.72
CA GLY I 267 -6.90 -22.92 0.42
C GLY I 267 -5.38 -22.92 0.48
N VAL I 268 -4.80 -24.09 0.33
CA VAL I 268 -3.36 -24.31 0.34
C VAL I 268 -2.72 -24.18 -1.03
N GLN I 269 -1.63 -23.43 -1.12
CA GLN I 269 -0.89 -23.32 -2.35
C GLN I 269 0.38 -24.18 -2.24
N SER I 270 0.46 -25.26 -3.03
CA SER I 270 1.56 -26.23 -2.87
C SER I 270 1.91 -27.05 -4.10
N ASP I 271 3.17 -27.50 -4.15
CA ASP I 271 3.63 -28.36 -5.24
C ASP I 271 3.61 -29.85 -4.92
N ALA I 272 3.24 -30.20 -3.70
CA ALA I 272 3.29 -31.60 -3.27
C ALA I 272 2.15 -32.42 -3.89
N PRO I 273 2.35 -33.72 -4.12
CA PRO I 273 1.35 -34.73 -4.51
C PRO I 273 0.39 -35.05 -3.38
N LEU I 274 -0.80 -35.55 -3.72
CA LEU I 274 -1.79 -35.96 -2.72
C LEU I 274 -1.55 -37.37 -2.18
N ASP I 275 -1.98 -37.60 -0.94
CA ASP I 275 -1.91 -38.92 -0.33
C ASP I 275 -3.15 -39.26 0.50
N SER I 276 -3.77 -40.38 0.15
CA SER I 276 -5.04 -40.78 0.75
C SER I 276 -4.92 -41.40 2.15
N SER I 277 -3.70 -41.62 2.63
CA SER I 277 -3.53 -42.19 3.97
C SER I 277 -3.05 -41.13 4.97
N CYS I 278 -2.47 -40.06 4.45
CA CYS I 278 -1.90 -39.00 5.27
C CYS I 278 -2.98 -38.12 5.91
N ARG I 279 -2.82 -37.85 7.21
CA ARG I 279 -3.71 -36.97 7.97
C ARG I 279 -2.92 -35.87 8.68
N GLY I 280 -3.42 -34.63 8.61
CA GLY I 280 -2.75 -33.50 9.26
C GLY I 280 -3.49 -32.19 9.03
N ASP I 281 -3.16 -31.19 9.87
CA ASP I 281 -3.80 -29.88 9.78
C ASP I 281 -2.95 -28.85 9.08
N CYS I 282 -1.64 -28.99 9.15
CA CYS I 282 -0.76 -28.00 8.62
C CYS I 282 -0.34 -28.23 7.20
N PHE I 283 -0.57 -27.31 6.32
CA PHE I 283 -0.10 -27.45 4.97
C PHE I 283 0.76 -26.27 4.56
N HIS I 284 1.76 -26.53 3.75
CA HIS I 284 2.65 -25.48 3.28
C HIS I 284 3.14 -25.84 1.89
N SER I 285 3.80 -24.93 1.21
CA SER I 285 4.07 -25.17 -0.20
C SER I 285 4.91 -26.43 -0.46
N GLY I 286 5.69 -26.86 0.52
CA GLY I 286 6.56 -28.01 0.30
C GLY I 286 5.98 -29.32 0.83
N GLY I 287 4.77 -29.27 1.39
CA GLY I 287 4.22 -30.47 2.00
C GLY I 287 3.36 -30.18 3.24
N THR I 288 3.38 -31.11 4.20
CA THR I 288 2.62 -30.97 5.43
C THR I 288 3.47 -31.10 6.68
N ILE I 289 2.95 -30.55 7.78
CA ILE I 289 3.62 -30.67 9.07
C ILE I 289 2.73 -31.42 10.04
N VAL I 290 3.12 -32.64 10.37
CA VAL I 290 2.35 -33.43 11.30
C VAL I 290 3.14 -33.66 12.56
N SER I 291 2.69 -33.06 13.65
CA SER I 291 3.44 -33.15 14.90
C SER I 291 2.58 -32.84 16.10
N SER I 292 3.15 -33.07 17.27
CA SER I 292 2.53 -32.72 18.52
C SER I 292 3.37 -31.64 19.20
N LEU I 293 4.14 -30.90 18.40
CA LEU I 293 5.03 -29.89 18.96
C LEU I 293 4.54 -28.46 18.65
N PRO I 294 4.78 -27.51 19.57
CA PRO I 294 4.40 -26.09 19.52
C PRO I 294 5.15 -25.25 18.49
N PHE I 295 6.32 -25.71 18.04
CA PHE I 295 7.11 -24.92 17.11
C PHE I 295 7.58 -25.73 15.91
N GLN I 296 7.85 -25.03 14.80
CA GLN I 296 8.40 -25.66 13.60
C GLN I 296 9.41 -24.76 12.90
N ASN I 297 10.39 -25.37 12.24
CA ASN I 297 11.39 -24.63 11.46
C ASN I 297 11.21 -24.84 9.96
N ILE I 298 10.11 -25.46 9.57
CA ILE I 298 9.96 -25.88 8.17
C ILE I 298 9.60 -24.74 7.23
N ASN I 299 8.62 -23.92 7.61
CA ASN I 299 8.18 -22.83 6.72
C ASN I 299 7.48 -21.72 7.47
N SER I 300 7.74 -20.48 7.06
CA SER I 300 7.12 -19.32 7.70
C SER I 300 5.69 -19.08 7.23
N ARG I 301 5.30 -19.75 6.15
CA ARG I 301 3.95 -19.57 5.61
C ARG I 301 3.17 -20.88 5.66
N THR I 302 2.24 -20.95 6.60
CA THR I 302 1.47 -22.18 6.80
C THR I 302 -0.02 -21.91 6.75
N VAL I 303 -0.79 -22.95 6.46
CA VAL I 303 -2.25 -22.84 6.41
C VAL I 303 -2.90 -23.83 7.36
N GLY I 304 -3.88 -23.35 8.12
CA GLY I 304 -4.57 -24.22 9.07
C GLY I 304 -4.03 -23.98 10.46
N LYS I 305 -4.47 -24.80 11.43
CA LYS I 305 -4.03 -24.62 12.81
C LYS I 305 -2.65 -25.22 12.98
N CYS I 306 -1.69 -24.38 13.37
CA CYS I 306 -0.30 -24.82 13.35
C CYS I 306 0.55 -24.29 14.50
N PRO I 307 1.72 -24.92 14.72
CA PRO I 307 2.84 -24.48 15.54
C PRO I 307 3.50 -23.25 14.91
N ARG I 308 4.14 -22.43 15.74
CA ARG I 308 4.71 -21.18 15.27
C ARG I 308 6.06 -21.35 14.61
N TYR I 309 6.34 -20.52 13.61
CA TYR I 309 7.63 -20.50 12.95
C TYR I 309 8.65 -19.71 13.75
N VAL I 310 9.82 -20.30 13.93
CA VAL I 310 10.92 -19.62 14.62
C VAL I 310 12.21 -19.70 13.82
N LYS I 311 13.16 -18.81 14.12
CA LYS I 311 14.48 -18.89 13.49
C LYS I 311 15.37 -19.85 14.25
N GLN I 312 14.89 -20.28 15.40
CA GLN I 312 15.65 -21.20 16.23
C GLN I 312 15.42 -22.63 15.77
N LYS I 313 16.35 -23.14 14.98
CA LYS I 313 16.22 -24.45 14.36
C LYS I 313 16.18 -25.58 15.38
N SER I 314 16.67 -25.33 16.59
CA SER I 314 16.65 -26.35 17.61
C SER I 314 16.39 -25.79 19.01
N LEU I 315 15.14 -25.88 19.43
CA LEU I 315 14.77 -25.49 20.79
C LEU I 315 14.52 -26.72 21.62
N LEU I 316 15.57 -27.21 22.26
CA LEU I 316 15.43 -28.40 23.07
C LEU I 316 14.84 -28.06 24.43
N LEU I 317 13.77 -28.75 24.77
CA LEU I 317 13.08 -28.54 26.04
C LEU I 317 13.41 -29.68 26.98
N ALA I 318 14.00 -29.36 28.11
CA ALA I 318 14.35 -30.41 29.05
C ALA I 318 13.10 -31.09 29.55
N THR I 319 13.16 -32.41 29.69
CA THR I 319 12.06 -33.20 30.20
C THR I 319 12.49 -33.96 31.45
N GLY I 320 13.60 -33.53 32.03
CA GLY I 320 14.17 -34.17 33.20
C GLY I 320 15.31 -33.36 33.80
N MET I 321 16.02 -33.97 34.75
CA MET I 321 17.08 -33.29 35.49
C MET I 321 18.34 -33.15 34.64
N ARG I 322 19.18 -32.19 35.01
CA ARG I 322 20.44 -31.96 34.30
C ARG I 322 21.38 -33.15 34.46
N ASN I 323 22.25 -33.36 33.48
CA ASN I 323 23.13 -34.52 33.53
C ASN I 323 24.39 -34.24 34.29
N VAL I 324 24.29 -34.36 35.60
CA VAL I 324 25.48 -34.27 36.41
C VAL I 324 26.28 -35.52 36.06
N PRO I 325 27.48 -35.37 35.52
CA PRO I 325 28.16 -36.34 34.66
C PRO I 325 28.28 -37.69 35.31
N GLU I 326 28.05 -38.74 34.51
CA GLU I 326 28.08 -40.11 34.99
C GLU I 326 29.44 -40.52 35.57
N LYS I 327 30.50 -39.85 35.13
CA LYS I 327 31.83 -40.20 35.58
C LYS I 327 32.51 -38.99 36.25
N PRO I 328 33.03 -39.16 37.47
CA PRO I 328 33.86 -38.23 38.20
C PRO I 328 35.33 -38.45 37.88
N ALA J 10 35.47 -51.23 46.66
CA ALA J 10 35.27 -50.23 47.71
C ALA J 10 35.02 -48.86 47.11
N GLY J 11 33.84 -48.68 46.54
CA GLY J 11 33.49 -47.39 45.97
C GLY J 11 33.22 -46.39 47.07
N PHE J 12 33.47 -45.11 46.79
CA PHE J 12 33.13 -44.03 47.67
C PHE J 12 31.77 -43.53 47.26
N ILE J 13 30.74 -44.21 47.72
CA ILE J 13 29.42 -43.96 47.17
C ILE J 13 28.99 -42.53 47.43
N GLU J 14 28.62 -41.90 46.34
CA GLU J 14 28.26 -40.50 46.25
C GLU J 14 26.95 -40.38 45.50
N ASN J 15 26.63 -39.18 45.05
CA ASN J 15 25.39 -38.99 44.33
C ASN J 15 25.20 -40.18 43.39
N GLY J 16 24.06 -40.86 43.51
CA GLY J 16 23.82 -42.09 42.76
C GLY J 16 23.58 -41.85 41.26
N TRP J 17 24.60 -41.35 40.58
CA TRP J 17 24.53 -41.16 39.14
C TRP J 17 24.22 -42.51 38.48
N GLU J 18 25.07 -43.48 38.83
CA GLU J 18 24.92 -44.93 38.57
C GLU J 18 24.60 -45.37 37.14
N GLY J 19 24.31 -44.43 36.24
CA GLY J 19 23.81 -44.83 34.92
C GLY J 19 22.43 -45.43 35.14
N LEU J 20 21.77 -44.96 36.19
CA LEU J 20 20.49 -45.48 36.66
C LEU J 20 19.41 -45.53 35.59
N ILE J 21 18.69 -46.65 35.56
CA ILE J 21 17.58 -46.85 34.64
C ILE J 21 16.24 -46.96 35.37
N ASN J 22 16.29 -47.17 36.67
CA ASN J 22 15.06 -47.41 37.44
C ASN J 22 14.42 -46.12 37.97
N GLY J 23 13.86 -45.32 37.06
CA GLY J 23 13.15 -44.08 37.41
C GLY J 23 14.08 -42.88 37.36
N TRP J 24 13.50 -41.71 37.12
CA TRP J 24 14.27 -40.47 37.02
C TRP J 24 14.88 -40.05 38.35
N TYR J 25 14.14 -40.25 39.44
CA TYR J 25 14.60 -39.79 40.75
C TYR J 25 14.89 -40.95 41.68
N GLY J 26 15.33 -42.06 41.12
CA GLY J 26 15.67 -43.21 41.93
C GLY J 26 16.86 -42.87 42.81
N PHE J 27 16.84 -43.35 44.05
CA PHE J 27 17.88 -43.06 45.00
C PHE J 27 18.62 -44.33 45.33
N ARG J 28 19.92 -44.25 45.43
CA ARG J 28 20.68 -45.42 45.78
C ARG J 28 20.65 -45.67 47.26
N HIS J 29 20.33 -46.88 47.66
CA HIS J 29 20.48 -47.26 49.04
C HIS J 29 21.72 -48.09 49.20
N GLN J 30 22.73 -47.52 49.83
CA GLN J 30 23.97 -48.24 49.95
C GLN J 30 23.94 -49.15 51.16
N ASN J 31 23.27 -50.28 50.99
CA ASN J 31 23.22 -51.30 52.01
C ASN J 31 24.57 -51.97 52.09
N ALA J 32 25.12 -52.07 53.30
CA ALA J 32 26.42 -52.70 53.52
C ALA J 32 26.45 -54.12 52.95
N GLN J 33 25.27 -54.72 52.77
CA GLN J 33 25.14 -56.07 52.25
C GLN J 33 25.26 -56.13 50.72
N GLY J 34 25.40 -54.96 50.08
CA GLY J 34 25.61 -54.90 48.63
C GLY J 34 24.36 -54.65 47.79
N GLU J 35 23.49 -53.74 48.23
CA GLU J 35 22.29 -53.40 47.45
C GLU J 35 22.37 -52.05 46.77
N GLY J 36 21.54 -51.87 45.72
CA GLY J 36 21.46 -50.61 44.99
C GLY J 36 20.03 -50.27 44.55
N THR J 37 19.05 -50.66 45.36
CA THR J 37 17.64 -50.46 45.01
C THR J 37 17.25 -48.99 44.86
N ALA J 38 16.35 -48.73 43.89
CA ALA J 38 15.86 -47.39 43.56
C ALA J 38 14.78 -46.91 44.55
N ALA J 39 14.51 -45.60 44.50
CA ALA J 39 13.57 -44.87 45.37
C ALA J 39 12.11 -45.13 45.10
N ASP J 40 11.29 -44.68 46.04
CA ASP J 40 9.85 -44.72 45.90
C ASP J 40 9.44 -44.01 44.61
N TYR J 41 8.72 -44.71 43.75
CA TYR J 41 8.32 -44.18 42.46
C TYR J 41 7.51 -42.89 42.57
N LYS J 42 6.86 -42.66 43.72
CA LYS J 42 6.04 -41.47 43.87
C LYS J 42 6.83 -40.18 43.69
N SER J 43 8.12 -40.18 44.02
CA SER J 43 8.92 -38.97 43.83
C SER J 43 9.07 -38.72 42.34
N THR J 44 9.38 -39.79 41.62
CA THR J 44 9.53 -39.72 40.17
C THR J 44 8.20 -39.36 39.53
N GLN J 45 7.13 -39.96 40.04
CA GLN J 45 5.80 -39.73 39.50
C GLN J 45 5.40 -38.28 39.66
N SER J 46 5.77 -37.66 40.77
CA SER J 46 5.44 -36.26 40.98
C SER J 46 6.11 -35.39 39.92
N ALA J 47 7.33 -35.75 39.54
CA ALA J 47 8.03 -35.03 38.47
C ALA J 47 7.34 -35.28 37.13
N ILE J 48 6.96 -36.54 36.88
CA ILE J 48 6.30 -36.92 35.64
C ILE J 48 4.99 -36.18 35.46
N ASP J 49 4.24 -36.07 36.55
CA ASP J 49 2.92 -35.42 36.53
C ASP J 49 2.98 -33.96 36.07
N GLN J 50 4.14 -33.32 36.23
CA GLN J 50 4.27 -31.90 35.90
C GLN J 50 5.05 -31.68 34.61
N ILE J 51 6.13 -32.44 34.44
CA ILE J 51 7.01 -32.27 33.29
C ILE J 51 6.39 -32.74 31.99
N THR J 52 5.67 -33.84 32.00
CA THR J 52 5.09 -34.37 30.76
C THR J 52 4.02 -33.44 30.20
N GLY J 53 3.43 -32.62 31.08
CA GLY J 53 2.40 -31.69 30.67
C GLY J 53 2.97 -30.38 30.14
N LYS J 54 4.29 -30.22 30.21
CA LYS J 54 4.91 -28.98 29.77
C LYS J 54 4.73 -28.79 28.28
N LEU J 55 4.76 -29.88 27.53
CA LEU J 55 4.59 -29.79 26.10
C LEU J 55 3.20 -29.26 25.77
N ASN J 56 2.19 -29.78 26.47
CA ASN J 56 0.81 -29.37 26.22
C ASN J 56 0.59 -27.91 26.56
N ARG J 57 1.25 -27.43 27.61
CA ARG J 57 1.14 -26.03 27.97
C ARG J 57 1.68 -25.14 26.85
N LEU J 58 2.76 -25.59 26.21
CA LEU J 58 3.34 -24.82 25.12
C LEU J 58 2.43 -24.86 23.89
N ILE J 59 1.84 -26.03 23.63
CA ILE J 59 0.99 -26.20 22.45
C ILE J 59 -0.19 -25.24 22.46
N GLY J 60 -0.82 -25.09 23.62
CA GLY J 60 -1.98 -24.23 23.77
C GLY J 60 -1.66 -22.76 23.49
N LYS J 61 -0.39 -22.40 23.50
CA LYS J 61 0.01 -21.02 23.28
C LYS J 61 0.42 -20.77 21.83
N THR J 62 0.48 -21.84 21.03
CA THR J 62 0.97 -21.71 19.67
C THR J 62 -0.03 -22.17 18.60
N ASN J 63 -0.95 -23.04 18.98
CA ASN J 63 -1.83 -23.67 18.00
C ASN J 63 -2.93 -22.73 17.54
N GLN J 64 -2.62 -21.91 16.54
CA GLN J 64 -3.53 -20.90 16.03
C GLN J 64 -3.82 -21.05 14.55
N GLN J 65 -4.98 -20.54 14.13
CA GLN J 65 -5.37 -20.59 12.73
C GLN J 65 -4.59 -19.60 11.87
N PHE J 66 -3.99 -20.09 10.79
CA PHE J 66 -3.26 -19.23 9.87
C PHE J 66 -3.80 -19.31 8.45
N GLU J 67 -3.65 -18.21 7.73
CA GLU J 67 -4.07 -18.12 6.33
C GLU J 67 -2.96 -17.50 5.48
N LEU J 68 -2.96 -17.78 4.18
CA LEU J 68 -1.97 -17.18 3.30
C LEU J 68 -2.22 -15.70 3.08
N ILE J 69 -1.19 -14.91 3.28
CA ILE J 69 -1.22 -13.48 3.00
C ILE J 69 -0.49 -13.23 1.69
N ASP J 70 0.65 -13.89 1.55
CA ASP J 70 1.50 -13.80 0.37
C ASP J 70 1.14 -14.86 -0.67
N ASN J 71 0.99 -14.44 -1.91
CA ASN J 71 0.76 -15.39 -2.99
C ASN J 71 2.09 -15.91 -3.51
N GLU J 72 2.53 -17.04 -2.94
CA GLU J 72 3.88 -17.55 -3.16
C GLU J 72 4.21 -17.83 -4.62
N PHE J 73 3.21 -18.25 -5.39
CA PHE J 73 3.47 -18.62 -6.80
C PHE J 73 3.33 -17.44 -7.74
N ASN J 74 3.03 -16.27 -7.19
CA ASN J 74 2.86 -15.07 -8.00
C ASN J 74 3.60 -13.90 -7.38
N GLU J 75 3.16 -12.68 -7.67
CA GLU J 75 3.82 -11.50 -7.14
C GLU J 75 2.83 -10.49 -6.58
N ILE J 76 3.19 -9.89 -5.46
CA ILE J 76 2.43 -8.82 -4.83
C ILE J 76 3.24 -7.54 -4.93
N GLU J 77 2.57 -6.40 -4.91
CA GLU J 77 3.30 -5.16 -5.06
C GLU J 77 4.48 -5.19 -4.11
N GLN J 78 5.67 -4.90 -4.63
CA GLN J 78 6.87 -5.06 -3.84
C GLN J 78 6.92 -4.16 -2.61
N GLN J 79 6.34 -2.97 -2.70
CA GLN J 79 6.39 -2.09 -1.54
C GLN J 79 5.63 -2.69 -0.38
N ILE J 80 4.48 -3.27 -0.66
CA ILE J 80 3.70 -3.93 0.37
C ILE J 80 4.37 -5.21 0.79
N GLY J 81 4.90 -5.95 -0.19
CA GLY J 81 5.58 -7.19 0.10
C GLY J 81 6.78 -6.96 1.01
N ASN J 82 7.47 -5.83 0.85
CA ASN J 82 8.59 -5.50 1.71
C ASN J 82 8.10 -5.23 3.13
N VAL J 83 6.95 -4.60 3.25
CA VAL J 83 6.36 -4.36 4.57
C VAL J 83 5.96 -5.67 5.22
N ILE J 84 5.35 -6.55 4.44
CA ILE J 84 4.92 -7.84 4.95
C ILE J 84 6.10 -8.71 5.35
N ASN J 85 7.13 -8.74 4.50
CA ASN J 85 8.32 -9.52 4.80
C ASN J 85 9.02 -8.98 6.04
N TRP J 86 9.13 -7.66 6.11
CA TRP J 86 9.72 -7.02 7.28
C TRP J 86 8.89 -7.34 8.52
N THR J 87 7.57 -7.21 8.40
CA THR J 87 6.70 -7.45 9.52
C THR J 87 6.81 -8.90 9.99
N ARG J 88 6.73 -9.83 9.05
CA ARG J 88 6.83 -11.25 9.39
C ARG J 88 8.17 -11.56 10.01
N ASP J 89 9.25 -11.02 9.44
CA ASP J 89 10.57 -11.26 9.96
C ASP J 89 10.72 -10.68 11.36
N ALA J 90 10.22 -9.47 11.55
CA ALA J 90 10.28 -8.86 12.86
C ALA J 90 9.48 -9.69 13.85
N MET J 91 8.31 -10.16 13.42
CA MET J 91 7.48 -10.98 14.26
C MET J 91 8.11 -12.33 14.49
N THR J 92 8.86 -12.82 13.50
CA THR J 92 9.55 -14.07 13.68
C THR J 92 10.57 -13.93 14.80
N GLU J 93 11.30 -12.81 14.79
CA GLU J 93 12.28 -12.54 15.85
C GLU J 93 11.59 -12.36 17.20
N ILE J 94 10.41 -11.72 17.19
CA ILE J 94 9.66 -11.56 18.42
C ILE J 94 9.22 -12.91 18.97
N TRP J 95 8.69 -13.76 18.09
CA TRP J 95 8.25 -15.09 18.49
C TRP J 95 9.42 -16.00 18.79
N SER J 96 10.55 -15.80 18.09
CA SER J 96 11.74 -16.59 18.34
C SER J 96 12.29 -16.23 19.70
N TYR J 97 12.27 -14.93 20.01
CA TYR J 97 12.66 -14.44 21.31
C TYR J 97 11.74 -15.02 22.37
N ASN J 98 10.43 -14.92 22.12
CA ASN J 98 9.45 -15.45 23.05
C ASN J 98 9.62 -16.94 23.22
N ALA J 99 9.92 -17.63 22.12
CA ALA J 99 10.10 -19.07 22.16
C ALA J 99 11.35 -19.43 22.94
N GLU J 100 12.45 -18.76 22.67
CA GLU J 100 13.69 -19.04 23.38
C GLU J 100 13.54 -18.71 24.84
N LEU J 101 12.92 -17.57 25.13
CA LEU J 101 12.73 -17.15 26.50
C LEU J 101 11.80 -18.12 27.21
N LEU J 102 10.69 -18.45 26.58
CA LEU J 102 9.72 -19.35 27.19
C LEU J 102 10.34 -20.71 27.44
N VAL J 103 11.02 -21.25 26.43
CA VAL J 103 11.67 -22.55 26.60
C VAL J 103 12.73 -22.47 27.68
N ALA J 104 13.50 -21.39 27.70
CA ALA J 104 14.52 -21.19 28.72
C ALA J 104 13.86 -21.12 30.09
N MET J 105 12.71 -20.45 30.18
CA MET J 105 12.00 -20.38 31.46
C MET J 105 11.55 -21.75 31.87
N GLU J 106 11.03 -22.52 30.92
CA GLU J 106 10.56 -23.86 31.22
C GLU J 106 11.73 -24.76 31.61
N ASN J 107 12.87 -24.57 30.96
CA ASN J 107 14.06 -25.35 31.28
C ASN J 107 14.58 -24.99 32.67
N GLN J 108 14.63 -23.69 32.97
CA GLN J 108 15.10 -23.27 34.27
C GLN J 108 14.15 -23.76 35.34
N HIS J 109 12.85 -23.70 35.05
CA HIS J 109 11.84 -24.14 36.00
C HIS J 109 11.91 -25.64 36.20
N THR J 110 12.21 -26.37 35.14
CA THR J 110 12.35 -27.82 35.22
C THR J 110 13.53 -28.17 36.11
N ILE J 111 14.64 -27.46 35.93
CA ILE J 111 15.80 -27.67 36.78
C ILE J 111 15.47 -27.31 38.22
N ASP J 112 14.80 -26.17 38.39
CA ASP J 112 14.42 -25.73 39.73
C ASP J 112 13.50 -26.75 40.38
N LEU J 113 12.61 -27.33 39.57
CA LEU J 113 11.70 -28.35 40.05
C LEU J 113 12.46 -29.57 40.50
N ALA J 114 13.42 -30.00 39.69
CA ALA J 114 14.22 -31.17 40.03
C ALA J 114 14.99 -30.94 41.32
N ASP J 115 15.54 -29.75 41.48
CA ASP J 115 16.26 -29.42 42.70
C ASP J 115 15.30 -29.33 43.87
N SER J 116 14.11 -28.78 43.62
CA SER J 116 13.11 -28.62 44.66
C SER J 116 12.59 -29.97 45.13
N GLU J 117 12.35 -30.88 44.19
CA GLU J 117 11.87 -32.20 44.57
C GLU J 117 12.94 -32.93 45.35
N MET J 118 14.17 -32.88 44.87
CA MET J 118 15.19 -33.56 45.62
C MET J 118 15.31 -32.94 47.01
N SER J 119 15.22 -31.61 47.07
CA SER J 119 15.26 -30.91 48.36
C SER J 119 14.20 -31.45 49.31
N LYS J 120 13.00 -31.71 48.77
CA LYS J 120 11.93 -32.28 49.57
C LYS J 120 12.27 -33.67 50.07
N LEU J 121 13.02 -34.41 49.26
CA LEU J 121 13.40 -35.76 49.65
C LEU J 121 14.48 -35.70 50.72
N TYR J 122 15.35 -34.68 50.67
CA TYR J 122 16.30 -34.52 51.75
C TYR J 122 15.51 -34.25 53.03
N GLU J 123 14.48 -33.40 52.92
CA GLU J 123 13.64 -33.05 54.06
C GLU J 123 12.91 -34.26 54.61
N ARG J 124 12.46 -35.15 53.73
CA ARG J 124 11.74 -36.34 54.17
C ARG J 124 12.61 -37.17 55.10
N VAL J 125 13.88 -37.31 54.74
CA VAL J 125 14.83 -38.06 55.56
C VAL J 125 15.14 -37.33 56.86
N LYS J 126 15.38 -36.02 56.76
CA LYS J 126 15.78 -35.21 57.91
C LYS J 126 14.68 -35.12 58.97
N LYS J 127 13.45 -34.88 58.54
CA LYS J 127 12.33 -34.69 59.47
C LYS J 127 11.97 -35.99 60.17
N GLN J 128 12.25 -37.10 59.53
CA GLN J 128 11.88 -38.40 60.09
C GLN J 128 12.96 -38.99 61.00
N LEU J 129 14.23 -38.69 60.71
CA LEU J 129 15.34 -39.25 61.48
C LEU J 129 15.91 -38.26 62.48
N ARG J 130 15.79 -36.97 62.18
CA ARG J 130 16.15 -35.84 63.05
C ARG J 130 17.64 -35.66 63.38
N GLU J 131 18.36 -36.73 63.74
CA GLU J 131 19.76 -36.57 64.12
C GLU J 131 20.76 -37.44 63.35
N ASN J 132 20.30 -38.55 62.81
CA ASN J 132 21.23 -39.53 62.24
C ASN J 132 21.32 -39.47 60.72
N ALA J 133 20.84 -38.36 60.15
CA ALA J 133 20.92 -38.15 58.71
C ALA J 133 21.89 -37.02 58.36
N GLU J 134 23.15 -37.34 58.15
CA GLU J 134 24.13 -36.29 57.86
C GLU J 134 24.32 -36.09 56.37
N GLU J 135 23.96 -34.90 55.88
CA GLU J 135 24.01 -34.60 54.46
C GLU J 135 25.42 -34.30 53.97
N ASP J 136 25.84 -34.96 52.88
CA ASP J 136 27.16 -34.76 52.30
C ASP J 136 27.17 -33.67 51.22
N GLY J 137 25.99 -33.17 50.88
CA GLY J 137 25.85 -32.10 49.88
C GLY J 137 25.82 -32.66 48.45
N THR J 138 25.95 -33.97 48.33
CA THR J 138 25.95 -34.64 47.03
C THR J 138 24.83 -35.64 46.95
N GLY J 139 23.78 -35.40 47.70
CA GLY J 139 22.63 -36.29 47.66
C GLY J 139 22.75 -37.41 48.69
N CYS J 140 23.89 -37.49 49.36
CA CYS J 140 24.08 -38.59 50.30
C CYS J 140 23.83 -38.25 51.75
N PHE J 141 23.16 -39.15 52.43
CA PHE J 141 23.01 -39.07 53.87
C PHE J 141 23.77 -40.19 54.53
N GLU J 142 24.64 -39.84 55.46
CA GLU J 142 25.31 -40.89 56.21
C GLU J 142 24.38 -41.31 57.33
N ILE J 143 24.07 -42.59 57.38
CA ILE J 143 23.16 -43.11 58.39
C ILE J 143 23.92 -43.83 59.50
N PHE J 144 23.62 -43.45 60.73
CA PHE J 144 24.39 -43.93 61.90
C PHE J 144 23.76 -45.15 62.60
N HIS J 145 23.00 -45.93 61.86
CA HIS J 145 22.40 -47.15 62.41
C HIS J 145 22.37 -48.25 61.37
N LYS J 146 22.01 -49.46 61.78
CA LYS J 146 21.99 -50.62 60.89
C LYS J 146 20.84 -50.53 59.90
N CYS J 147 21.05 -49.72 58.88
CA CYS J 147 20.00 -49.38 57.92
C CYS J 147 20.01 -50.34 56.72
N ASP J 148 19.45 -51.55 56.97
CA ASP J 148 19.40 -52.59 55.94
C ASP J 148 18.17 -52.36 55.08
N ASP J 149 17.85 -53.31 54.22
CA ASP J 149 16.76 -53.10 53.26
C ASP J 149 15.46 -52.69 53.94
N GLN J 150 15.28 -53.09 55.19
CA GLN J 150 14.05 -52.80 55.91
C GLN J 150 13.92 -51.30 56.14
N CYS J 151 15.05 -50.60 56.30
CA CYS J 151 14.97 -49.17 56.51
C CYS J 151 14.60 -48.50 55.21
N MET J 152 14.99 -49.11 54.10
CA MET J 152 14.64 -48.54 52.81
C MET J 152 13.16 -48.70 52.59
N GLU J 153 12.62 -49.84 53.02
CA GLU J 153 11.19 -50.05 52.96
C GLU J 153 10.48 -49.06 53.87
N SER J 154 11.08 -48.80 55.04
CA SER J 154 10.52 -47.87 56.00
C SER J 154 10.45 -46.46 55.42
N ILE J 155 11.49 -46.08 54.68
CA ILE J 155 11.52 -44.76 54.06
C ILE J 155 10.44 -44.66 53.00
N ARG J 156 10.37 -45.66 52.15
CA ARG J 156 9.40 -45.68 51.06
C ARG J 156 7.96 -45.79 51.58
N ASN J 157 7.79 -46.45 52.72
CA ASN J 157 6.47 -46.59 53.32
C ASN J 157 6.17 -45.52 54.35
N ASN J 158 7.10 -44.57 54.52
CA ASN J 158 6.95 -43.49 55.50
C ASN J 158 6.69 -44.01 56.91
N THR J 159 7.36 -45.09 57.27
CA THR J 159 7.30 -45.61 58.64
C THR J 159 8.63 -45.32 59.30
N TYR J 160 9.50 -44.65 58.56
CA TYR J 160 10.80 -44.26 59.07
C TYR J 160 10.56 -43.23 60.14
N ASP J 161 11.02 -43.51 61.35
CA ASP J 161 10.71 -42.66 62.49
C ASP J 161 11.77 -42.75 63.58
N HIS J 162 12.32 -41.58 63.93
CA HIS J 162 13.36 -41.48 64.93
C HIS J 162 12.92 -42.00 66.29
N THR J 163 11.61 -42.12 66.51
CA THR J 163 11.10 -42.63 67.78
C THR J 163 11.75 -43.97 68.11
N GLN J 164 11.95 -44.80 67.09
CA GLN J 164 12.58 -46.09 67.28
C GLN J 164 13.98 -46.11 66.68
N TYR J 165 14.15 -45.45 65.53
CA TYR J 165 15.43 -45.50 64.84
C TYR J 165 16.52 -44.72 65.58
N ARG J 166 16.14 -43.66 66.29
CA ARG J 166 17.15 -42.93 67.03
C ARG J 166 17.75 -43.84 68.09
N THR J 167 16.89 -44.59 68.77
CA THR J 167 17.36 -45.50 69.81
C THR J 167 18.29 -46.54 69.22
N GLU J 168 17.95 -47.05 68.05
CA GLU J 168 18.80 -48.02 67.37
C GLU J 168 20.17 -47.41 67.09
N SER J 169 20.19 -46.11 66.79
CA SER J 169 21.46 -45.42 66.54
C SER J 169 22.17 -45.10 67.84
N LEU J 170 21.42 -44.93 68.94
CA LEU J 170 22.05 -44.59 70.20
C LEU J 170 22.97 -45.73 70.61
N GLN J 171 22.56 -46.94 70.26
CA GLN J 171 23.37 -48.13 70.54
C GLN J 171 24.71 -48.05 69.80
N ASN J 172 24.75 -47.26 68.72
CA ASN J 172 25.93 -47.14 67.89
C ASN J 172 26.60 -45.76 67.97
N ARG J 173 25.90 -44.77 68.54
CA ARG J 173 26.37 -43.38 68.48
C ARG J 173 26.43 -42.62 69.80
N ILE J 174 25.68 -43.04 70.80
CA ILE J 174 25.48 -42.22 71.99
C ILE J 174 26.75 -41.91 72.75
N GLN J 175 26.87 -40.66 73.19
CA GLN J 175 27.94 -40.21 74.07
C GLN J 175 27.34 -39.49 75.27
N ILE J 176 27.67 -39.97 76.47
CA ILE J 176 27.13 -39.36 77.68
C ILE J 176 28.22 -38.67 78.48
N ASP J 177 28.05 -37.37 78.71
CA ASP J 177 29.04 -36.58 79.43
C ASP J 177 28.42 -35.32 80.00
N VAL K 1 -42.63 17.53 -16.68
CA VAL K 1 -43.86 17.93 -17.35
C VAL K 1 -43.62 18.24 -18.82
N GLN K 2 -42.53 18.96 -19.12
CA GLN K 2 -42.27 19.38 -20.50
C GLN K 2 -40.84 19.16 -20.96
N LEU K 3 -40.70 18.94 -22.25
CA LEU K 3 -39.41 19.01 -22.94
C LEU K 3 -39.52 20.09 -24.01
N VAL K 4 -38.61 21.06 -23.96
CA VAL K 4 -38.64 22.14 -24.94
C VAL K 4 -37.32 22.21 -25.66
N GLN K 5 -37.33 22.69 -26.90
CA GLN K 5 -36.10 22.63 -27.70
C GLN K 5 -35.68 23.97 -28.28
N SER K 6 -34.38 24.08 -28.56
CA SER K 6 -33.81 25.27 -29.17
C SER K 6 -34.35 25.50 -30.58
N GLY K 7 -34.21 26.73 -31.07
CA GLY K 7 -34.77 27.09 -32.37
C GLY K 7 -34.08 26.41 -33.53
N ALA K 8 -34.72 26.45 -34.69
CA ALA K 8 -34.19 25.84 -35.91
C ALA K 8 -32.88 26.50 -36.29
N GLU K 9 -31.98 25.72 -36.88
CA GLU K 9 -30.67 26.23 -37.26
C GLU K 9 -30.29 25.92 -38.70
N VAL K 10 -29.44 26.77 -39.27
CA VAL K 10 -28.89 26.55 -40.60
C VAL K 10 -27.38 26.44 -40.53
N LYS K 11 -26.82 25.36 -41.07
CA LYS K 11 -25.38 25.14 -41.02
C LYS K 11 -24.80 24.83 -42.39
N LYS K 12 -23.52 25.15 -42.57
CA LYS K 12 -22.83 24.75 -43.79
C LYS K 12 -22.29 23.33 -43.63
N PRO K 13 -22.15 22.56 -44.71
CA PRO K 13 -21.58 21.23 -44.73
C PRO K 13 -20.19 21.23 -44.11
N GLY K 14 -19.89 20.18 -43.33
CA GLY K 14 -18.60 20.03 -42.68
C GLY K 14 -18.57 20.70 -41.31
N ALA K 15 -19.59 21.51 -41.04
CA ALA K 15 -19.70 22.22 -39.77
C ALA K 15 -20.31 21.32 -38.72
N SER K 16 -20.33 21.78 -37.48
CA SER K 16 -21.01 21.04 -36.42
C SER K 16 -22.32 21.71 -36.03
N VAL K 17 -23.23 20.95 -35.44
CA VAL K 17 -24.48 21.50 -34.92
C VAL K 17 -24.71 21.05 -33.50
N LYS K 18 -25.23 21.95 -32.68
CA LYS K 18 -25.61 21.57 -31.34
C LYS K 18 -27.09 21.83 -31.14
N VAL K 19 -27.81 20.80 -30.75
CA VAL K 19 -29.24 20.93 -30.54
C VAL K 19 -29.54 20.76 -29.08
N SER K 20 -30.26 21.72 -28.49
CA SER K 20 -30.54 21.66 -27.07
C SER K 20 -31.99 21.37 -26.73
N CYS K 21 -32.21 20.58 -25.68
CA CYS K 21 -33.53 20.39 -25.10
C CYS K 21 -33.48 20.60 -23.59
N LYS K 22 -34.49 21.27 -23.06
CA LYS K 22 -34.54 21.52 -21.63
C LYS K 22 -35.69 20.75 -21.00
N ALA K 23 -35.46 20.19 -19.84
CA ALA K 23 -36.49 19.46 -19.14
C ALA K 23 -36.99 20.22 -17.92
N SER K 24 -38.31 20.32 -17.81
CA SER K 24 -38.94 20.98 -16.68
C SER K 24 -39.77 20.00 -15.88
N GLY K 25 -39.82 20.19 -14.55
CA GLY K 25 -40.55 19.29 -13.68
C GLY K 25 -39.66 18.20 -13.09
N TYR K 26 -39.80 16.98 -13.61
CA TYR K 26 -39.13 15.81 -13.07
C TYR K 26 -37.61 15.85 -13.20
N THR K 27 -36.95 15.13 -12.30
CA THR K 27 -35.50 15.02 -12.35
C THR K 27 -35.08 14.20 -13.56
N LEU K 28 -33.83 14.35 -13.98
CA LEU K 28 -33.33 13.64 -15.16
C LEU K 28 -32.82 12.23 -14.86
N THR K 29 -32.48 11.97 -13.61
CA THR K 29 -31.83 10.71 -13.25
C THR K 29 -32.76 9.50 -13.33
N ARG K 30 -34.06 9.75 -13.38
CA ARG K 30 -35.05 8.69 -13.41
C ARG K 30 -35.34 8.18 -14.82
N TYR K 31 -34.85 8.90 -15.83
CA TYR K 31 -35.17 8.55 -17.21
C TYR K 31 -33.95 8.51 -18.11
N TYR K 32 -34.06 7.78 -19.21
CA TYR K 32 -33.04 7.79 -20.23
C TYR K 32 -33.52 8.65 -21.38
N PHE K 33 -32.61 9.32 -22.05
CA PHE K 33 -33.04 10.17 -23.14
C PHE K 33 -32.45 9.72 -24.46
N HIS K 34 -33.28 9.80 -25.48
CA HIS K 34 -32.89 9.37 -26.81
C HIS K 34 -33.00 10.49 -27.82
N TRP K 35 -32.15 10.41 -28.82
CA TRP K 35 -32.29 11.29 -29.95
C TRP K 35 -32.76 10.52 -31.16
N VAL K 36 -33.84 11.00 -31.73
CA VAL K 36 -34.42 10.38 -32.91
C VAL K 36 -34.62 11.40 -34.01
N ARG K 37 -34.16 11.05 -35.19
CA ARG K 37 -34.33 11.91 -36.35
C ARG K 37 -35.66 11.69 -37.03
N GLN K 38 -36.34 12.77 -37.34
CA GLN K 38 -37.50 12.74 -38.20
C GLN K 38 -37.11 13.29 -39.57
N ALA K 39 -36.73 12.39 -40.45
CA ALA K 39 -36.28 12.77 -41.76
C ALA K 39 -37.43 13.47 -42.49
N PRO K 40 -37.16 14.46 -43.34
CA PRO K 40 -38.13 15.34 -43.98
C PRO K 40 -39.08 14.59 -44.91
N GLY K 41 -40.05 13.88 -44.32
CA GLY K 41 -41.03 13.11 -45.09
C GLY K 41 -40.65 11.63 -45.17
N GLN K 42 -39.63 11.25 -44.41
CA GLN K 42 -39.18 9.86 -44.36
C GLN K 42 -39.29 9.32 -42.93
N GLY K 43 -39.02 8.03 -42.74
CA GLY K 43 -39.25 7.39 -41.46
C GLY K 43 -38.27 7.86 -40.39
N PHE K 44 -38.50 7.42 -39.16
CA PHE K 44 -37.67 7.80 -38.02
C PHE K 44 -36.36 7.05 -38.01
N GLU K 45 -35.29 7.73 -37.58
CA GLU K 45 -33.99 7.07 -37.42
C GLU K 45 -33.43 7.29 -36.02
N TRP K 46 -33.11 6.20 -35.35
CA TRP K 46 -32.52 6.29 -34.01
C TRP K 46 -31.08 6.78 -34.11
N MET K 47 -30.73 7.80 -33.34
CA MET K 47 -29.34 8.28 -33.35
C MET K 47 -28.55 7.69 -32.18
N GLY K 48 -29.14 7.74 -31.00
CA GLY K 48 -28.44 7.24 -29.83
C GLY K 48 -29.16 7.52 -28.52
N ILE K 49 -28.55 7.05 -27.44
CA ILE K 49 -29.08 7.17 -26.08
C ILE K 49 -28.05 7.74 -25.12
N ILE K 50 -28.51 8.57 -24.20
CA ILE K 50 -27.65 9.06 -23.13
C ILE K 50 -28.24 8.78 -21.76
N ASN K 51 -27.39 8.30 -20.85
CA ASN K 51 -27.80 8.05 -19.47
C ASN K 51 -27.21 9.12 -18.54
N PRO K 52 -28.01 10.09 -18.10
CA PRO K 52 -27.60 11.28 -17.38
C PRO K 52 -27.00 10.94 -16.01
N ASN K 53 -27.21 9.71 -15.56
CA ASN K 53 -26.67 9.28 -14.28
C ASN K 53 -25.15 9.24 -14.29
N GLY K 54 -24.58 9.09 -15.49
CA GLY K 54 -23.13 9.06 -15.60
C GLY K 54 -22.65 9.47 -16.98
N GLY K 55 -23.57 9.94 -17.81
CA GLY K 55 -23.21 10.50 -19.11
C GLY K 55 -22.85 9.43 -20.14
N GLY K 56 -23.15 8.17 -19.83
CA GLY K 56 -22.82 7.10 -20.76
C GLY K 56 -23.63 7.25 -22.04
N THR K 57 -23.03 6.92 -23.17
CA THR K 57 -23.75 7.03 -24.44
C THR K 57 -23.57 5.82 -25.34
N SER K 58 -24.53 5.62 -26.24
CA SER K 58 -24.43 4.59 -27.26
C SER K 58 -25.03 5.11 -28.57
N TYR K 59 -24.34 4.87 -29.68
CA TYR K 59 -24.79 5.39 -30.96
C TYR K 59 -24.95 4.33 -32.02
N ALA K 60 -25.93 4.52 -32.88
CA ALA K 60 -26.13 3.66 -34.03
C ALA K 60 -24.97 3.82 -35.00
N GLN K 61 -24.58 2.74 -35.67
CA GLN K 61 -23.47 2.78 -36.61
C GLN K 61 -23.72 3.71 -37.79
N LYS K 62 -24.97 4.02 -38.05
CA LYS K 62 -25.32 4.92 -39.14
C LYS K 62 -24.73 6.30 -38.90
N PHE K 63 -24.54 6.64 -37.63
CA PHE K 63 -23.98 7.92 -37.24
C PHE K 63 -22.58 7.71 -36.68
N GLY K 64 -22.37 6.57 -36.03
CA GLY K 64 -21.04 6.17 -35.58
C GLY K 64 -20.36 7.21 -34.71
N ASP K 65 -19.18 7.63 -35.16
CA ASP K 65 -18.33 8.55 -34.42
C ASP K 65 -18.67 10.03 -34.67
N ARG K 66 -19.68 10.27 -35.48
CA ARG K 66 -20.07 11.64 -35.82
C ARG K 66 -20.82 12.33 -34.70
N VAL K 67 -21.35 11.55 -33.76
CA VAL K 67 -22.21 12.11 -32.73
C VAL K 67 -21.64 12.05 -31.32
N ILE K 68 -21.69 13.19 -30.64
CA ILE K 68 -21.31 13.25 -29.24
C ILE K 68 -22.45 13.85 -28.41
N MET K 69 -23.02 13.02 -27.54
CA MET K 69 -24.06 13.49 -26.63
C MET K 69 -23.51 13.76 -25.25
N THR K 70 -24.01 14.80 -24.59
CA THR K 70 -23.65 15.08 -23.21
C THR K 70 -24.80 15.74 -22.47
N SER K 71 -24.78 15.69 -21.15
CA SER K 71 -25.86 16.28 -20.38
C SER K 71 -25.35 17.27 -19.35
N ASP K 72 -26.22 18.21 -18.97
CA ASP K 72 -25.92 19.17 -17.92
C ASP K 72 -26.98 19.16 -16.82
N MET K 73 -26.64 18.52 -15.70
CA MET K 73 -27.57 18.36 -14.60
C MET K 73 -27.93 19.67 -13.91
N SER K 74 -27.04 20.65 -13.97
CA SER K 74 -27.27 21.90 -13.25
C SER K 74 -28.27 22.80 -13.97
N THR K 75 -28.42 22.61 -15.28
CA THR K 75 -29.35 23.42 -16.06
C THR K 75 -30.49 22.58 -16.63
N SER K 76 -30.43 21.27 -16.42
CA SER K 76 -31.41 20.35 -16.97
C SER K 76 -31.40 20.40 -18.50
N THR K 77 -30.21 20.28 -19.08
CA THR K 77 -30.10 20.36 -20.54
C THR K 77 -29.45 19.10 -21.10
N ILE K 78 -29.99 18.62 -22.22
CA ILE K 78 -29.52 17.38 -22.85
C ILE K 78 -28.78 17.57 -24.16
N TYR K 79 -28.19 18.73 -24.38
CA TYR K 79 -27.69 19.07 -25.72
C TYR K 79 -26.81 18.00 -26.37
N MET K 80 -26.99 17.84 -27.68
CA MET K 80 -26.24 16.92 -28.53
C MET K 80 -25.40 17.65 -29.55
N GLU K 81 -24.18 17.15 -29.78
CA GLU K 81 -23.32 17.70 -30.82
C GLU K 81 -23.12 16.71 -31.97
N LEU K 82 -23.45 17.14 -33.19
CA LEU K 82 -23.22 16.33 -34.38
C LEU K 82 -22.14 16.97 -35.26
N SER K 83 -21.13 16.19 -35.60
CA SER K 83 -20.00 16.67 -36.38
C SER K 83 -20.04 16.22 -37.84
N SER K 84 -19.29 16.91 -38.69
CA SER K 84 -19.17 16.56 -40.10
C SER K 84 -20.53 16.54 -40.78
N LEU K 85 -21.27 17.64 -40.67
CA LEU K 85 -22.60 17.73 -41.23
C LEU K 85 -22.63 17.55 -42.74
N ARG K 86 -23.65 16.84 -43.21
CA ARG K 86 -23.86 16.59 -44.63
C ARG K 86 -25.26 17.05 -45.04
N SER K 87 -25.48 17.20 -46.33
CA SER K 87 -26.80 17.64 -46.82
C SER K 87 -27.90 16.65 -46.43
N GLU K 88 -27.50 15.40 -46.16
CA GLU K 88 -28.44 14.35 -45.79
C GLU K 88 -28.90 14.47 -44.35
N ASP K 89 -28.29 15.39 -43.60
CA ASP K 89 -28.63 15.55 -42.19
C ASP K 89 -29.77 16.52 -41.98
N THR K 90 -30.30 17.10 -43.06
CA THR K 90 -31.43 18.00 -42.89
C THR K 90 -32.62 17.21 -42.39
N ALA K 91 -33.11 17.57 -41.20
CA ALA K 91 -34.19 16.83 -40.57
C ALA K 91 -34.68 17.52 -39.29
N VAL K 92 -35.77 17.02 -38.74
CA VAL K 92 -36.21 17.48 -37.43
C VAL K 92 -35.69 16.54 -36.34
N TYR K 93 -34.97 17.09 -35.38
CA TYR K 93 -34.36 16.27 -34.34
C TYR K 93 -35.16 16.32 -33.05
N TYR K 94 -35.51 15.15 -32.53
CA TYR K 94 -36.31 15.09 -31.32
C TYR K 94 -35.56 14.57 -30.12
N CYS K 95 -35.83 15.18 -28.98
CA CYS K 95 -35.43 14.59 -27.71
C CYS K 95 -36.57 13.78 -27.15
N ALA K 96 -36.29 12.55 -26.74
CA ALA K 96 -37.35 11.75 -26.16
C ALA K 96 -36.98 11.26 -24.78
N ARG K 97 -37.92 11.38 -23.85
CA ARG K 97 -37.74 10.84 -22.51
C ARG K 97 -38.31 9.45 -22.45
N ASP K 98 -37.43 8.47 -22.33
CA ASP K 98 -37.87 7.10 -22.41
C ASP K 98 -37.89 6.41 -21.06
N MET K 99 -39.05 5.89 -20.70
CA MET K 99 -39.20 5.16 -19.46
C MET K 99 -38.58 3.78 -19.62
N PRO K 100 -37.76 3.34 -18.68
CA PRO K 100 -37.10 2.04 -18.67
C PRO K 100 -38.06 0.92 -18.32
N TYR K 101 -38.96 0.62 -19.26
CA TYR K 101 -39.96 -0.43 -19.11
C TYR K 101 -39.50 -1.79 -19.64
N TYR K 102 -38.90 -1.81 -20.83
CA TYR K 102 -38.54 -3.08 -21.46
C TYR K 102 -37.21 -3.62 -20.95
N HIS K 103 -37.24 -4.18 -19.74
CA HIS K 103 -36.05 -4.66 -19.06
C HIS K 103 -35.45 -5.88 -19.74
N ASP K 104 -36.20 -6.47 -20.67
CA ASP K 104 -35.79 -7.67 -21.37
C ASP K 104 -34.80 -7.38 -22.49
N SER K 105 -34.89 -6.19 -23.08
CA SER K 105 -34.03 -5.82 -24.19
C SER K 105 -33.37 -4.46 -23.98
N GLY K 106 -33.74 -3.76 -22.92
CA GLY K 106 -33.23 -2.41 -22.68
C GLY K 106 -33.94 -1.47 -23.62
N GLY K 107 -35.08 -1.93 -24.10
CA GLY K 107 -35.80 -1.19 -25.11
C GLY K 107 -36.41 0.08 -24.52
N PRO K 108 -36.48 1.14 -25.30
CA PRO K 108 -37.07 2.42 -24.95
C PRO K 108 -38.58 2.39 -24.96
N LEU K 109 -39.18 3.18 -24.08
CA LEU K 109 -40.61 3.45 -24.14
C LEU K 109 -40.79 4.96 -24.18
N PHE K 110 -41.15 5.51 -25.33
CA PHE K 110 -41.08 6.96 -25.48
C PHE K 110 -42.24 7.66 -24.78
N ASP K 111 -42.02 7.96 -23.51
CA ASP K 111 -43.03 8.52 -22.64
C ASP K 111 -43.36 9.98 -22.98
N LEU K 112 -42.32 10.76 -23.25
CA LEU K 112 -42.49 12.18 -23.55
C LEU K 112 -41.56 12.66 -24.66
N TRP K 113 -42.13 13.33 -25.64
CA TRP K 113 -41.35 13.86 -26.77
C TRP K 113 -41.13 15.35 -26.67
N GLY K 114 -39.99 15.80 -27.18
CA GLY K 114 -39.67 17.21 -27.25
C GLY K 114 -40.34 17.87 -28.43
N GLN K 115 -40.17 19.19 -28.55
CA GLN K 115 -40.81 19.98 -29.60
C GLN K 115 -40.31 19.63 -31.00
N GLY K 116 -39.04 19.27 -31.09
CA GLY K 116 -38.40 18.99 -32.36
C GLY K 116 -37.67 20.22 -32.88
N THR K 117 -36.42 20.02 -33.30
CA THR K 117 -35.64 21.12 -33.85
C THR K 117 -35.28 20.86 -35.29
N LEU K 118 -35.64 21.79 -36.17
CA LEU K 118 -35.31 21.63 -37.57
C LEU K 118 -33.91 22.11 -37.85
N VAL K 119 -33.09 21.22 -38.38
CA VAL K 119 -31.73 21.56 -38.75
C VAL K 119 -31.57 21.46 -40.24
N THR K 120 -31.11 22.54 -40.86
CA THR K 120 -30.92 22.54 -42.30
C THR K 120 -29.45 22.67 -42.64
N VAL K 121 -28.94 21.76 -43.47
CA VAL K 121 -27.54 21.82 -43.86
C VAL K 121 -27.40 22.03 -45.36
N SER K 122 -26.73 23.12 -45.72
CA SER K 122 -26.58 23.52 -47.12
C SER K 122 -25.75 24.80 -47.25
N GLU L 1 -30.08 -5.29 -36.74
CA GLU L 1 -31.32 -4.53 -36.84
C GLU L 1 -32.47 -5.43 -37.24
N ILE L 2 -33.69 -4.90 -37.11
CA ILE L 2 -34.86 -5.61 -37.60
C ILE L 2 -35.76 -4.69 -38.41
N VAL L 3 -36.13 -5.14 -39.60
CA VAL L 3 -37.00 -4.39 -40.49
C VAL L 3 -38.42 -4.94 -40.45
N MET L 4 -39.41 -4.04 -40.40
CA MET L 4 -40.80 -4.44 -40.35
C MET L 4 -41.64 -3.60 -41.27
N THR L 5 -42.85 -4.07 -41.56
CA THR L 5 -43.77 -3.27 -42.35
C THR L 5 -45.14 -3.15 -41.72
N GLN L 6 -45.77 -1.98 -41.91
CA GLN L 6 -47.14 -1.76 -41.49
C GLN L 6 -48.13 -2.09 -42.58
N SER L 7 -49.34 -2.46 -42.17
CA SER L 7 -50.41 -2.68 -43.12
C SER L 7 -51.75 -2.19 -42.58
N PRO L 8 -52.50 -1.46 -43.40
CA PRO L 8 -52.17 -0.81 -44.68
C PRO L 8 -51.34 0.45 -44.43
N SER L 9 -50.72 0.99 -45.47
CA SER L 9 -49.99 2.25 -45.36
C SER L 9 -50.92 3.46 -45.18
N SER L 10 -52.16 3.33 -45.64
CA SER L 10 -53.15 4.39 -45.49
C SER L 10 -54.57 3.87 -45.62
N LEU L 11 -55.51 4.57 -44.97
CA LEU L 11 -56.92 4.20 -45.05
C LEU L 11 -57.84 5.38 -45.34
N SER L 12 -58.94 5.10 -46.02
CA SER L 12 -60.04 6.04 -46.12
C SER L 12 -61.16 5.52 -45.22
N ALA L 13 -61.59 6.34 -44.28
CA ALA L 13 -62.56 5.90 -43.28
C ALA L 13 -63.42 7.05 -42.78
N SER L 14 -64.56 6.74 -42.18
CA SER L 14 -65.46 7.75 -41.67
C SER L 14 -65.69 7.57 -40.17
N VAL L 15 -66.29 8.57 -39.55
CA VAL L 15 -66.53 8.48 -38.11
C VAL L 15 -67.47 7.33 -37.80
N GLY L 16 -67.21 6.66 -36.68
CA GLY L 16 -68.00 5.52 -36.25
C GLY L 16 -67.44 4.19 -36.78
N ASP L 17 -66.51 4.27 -37.72
CA ASP L 17 -65.91 3.08 -38.31
C ASP L 17 -64.91 2.41 -37.37
N ARG L 18 -64.68 1.11 -37.57
CA ARG L 18 -63.63 0.40 -36.84
C ARG L 18 -62.41 0.20 -37.73
N VAL L 19 -61.22 0.50 -37.20
CA VAL L 19 -59.98 0.39 -37.97
C VAL L 19 -58.97 -0.53 -37.33
N THR L 20 -58.38 -1.42 -38.13
CA THR L 20 -57.31 -2.28 -37.64
C THR L 20 -56.02 -2.08 -38.43
N ILE L 21 -54.94 -1.88 -37.70
CA ILE L 21 -53.61 -1.66 -38.27
C ILE L 21 -52.65 -2.72 -37.75
N THR L 22 -51.86 -3.31 -38.64
CA THR L 22 -50.96 -4.36 -38.20
C THR L 22 -49.49 -4.12 -38.56
N CYS L 23 -48.60 -4.87 -37.88
CA CYS L 23 -47.16 -4.84 -38.19
C CYS L 23 -46.58 -6.24 -38.34
N ARG L 24 -45.74 -6.39 -39.36
CA ARG L 24 -45.11 -7.65 -39.69
C ARG L 24 -43.56 -7.57 -39.72
N PRO L 25 -42.89 -7.91 -38.61
CA PRO L 25 -41.46 -7.88 -38.40
C PRO L 25 -40.75 -9.01 -39.14
N SER L 26 -39.49 -8.79 -39.51
CA SER L 26 -38.68 -9.82 -40.16
C SER L 26 -38.40 -11.02 -39.25
N GLN L 27 -38.42 -10.78 -37.94
CA GLN L 27 -38.21 -11.86 -36.97
C GLN L 27 -39.02 -11.57 -35.71
N SER L 28 -39.19 -12.59 -34.88
CA SER L 28 -40.02 -12.42 -33.69
C SER L 28 -39.53 -11.28 -32.81
N ILE L 29 -40.46 -10.46 -32.36
CA ILE L 29 -40.21 -9.39 -31.40
C ILE L 29 -41.19 -9.64 -30.29
N SER L 30 -41.07 -10.80 -29.68
CA SER L 30 -42.16 -11.46 -28.97
C SER L 30 -43.31 -10.53 -28.61
N THR L 31 -43.08 -9.56 -27.72
CA THR L 31 -44.15 -8.63 -27.33
C THR L 31 -43.67 -7.18 -27.40
N PHE L 32 -42.50 -6.96 -27.97
CA PHE L 32 -41.86 -5.67 -27.84
C PHE L 32 -42.24 -4.69 -28.94
N LEU L 33 -43.51 -4.30 -28.96
CA LEU L 33 -44.01 -3.34 -29.93
C LEU L 33 -44.81 -2.20 -29.31
N ASN L 34 -44.39 -0.97 -29.61
CA ASN L 34 -45.12 0.22 -29.18
C ASN L 34 -45.82 0.84 -30.37
N TRP L 35 -46.94 1.51 -30.09
CA TRP L 35 -47.62 2.25 -31.13
C TRP L 35 -47.74 3.72 -30.75
N TYR L 36 -47.49 4.59 -31.72
CA TYR L 36 -47.54 6.03 -31.48
C TYR L 36 -48.47 6.76 -32.44
N GLU L 37 -49.03 7.87 -31.96
CA GLU L 37 -49.88 8.74 -32.77
C GLU L 37 -49.16 10.02 -33.16
N GLN L 38 -49.05 10.31 -34.46
CA GLN L 38 -48.42 11.56 -34.86
C GLN L 38 -49.37 12.47 -35.61
N LYS L 39 -49.39 13.73 -35.20
CA LYS L 39 -50.18 14.73 -35.88
C LYS L 39 -49.19 15.60 -36.65
N PRO L 40 -49.57 16.11 -37.82
CA PRO L 40 -48.67 16.79 -38.74
C PRO L 40 -48.06 18.02 -38.08
N GLY L 41 -46.74 18.14 -38.21
CA GLY L 41 -46.02 19.29 -37.66
C GLY L 41 -45.75 19.14 -36.15
N LYS L 42 -46.18 18.03 -35.58
CA LYS L 42 -46.05 17.81 -34.13
C LYS L 42 -45.36 16.51 -33.75
N ALA L 43 -44.88 16.47 -32.52
CA ALA L 43 -44.28 15.26 -31.99
C ALA L 43 -45.36 14.18 -31.81
N PRO L 44 -45.01 12.91 -32.00
CA PRO L 44 -45.84 11.75 -31.76
C PRO L 44 -46.10 11.50 -30.28
N LYS L 45 -47.20 10.81 -29.99
CA LYS L 45 -47.58 10.46 -28.61
C LYS L 45 -47.81 8.95 -28.46
N LEU L 46 -47.36 8.39 -27.33
CA LEU L 46 -47.55 6.97 -27.07
C LEU L 46 -49.01 6.61 -26.80
N LEU L 47 -49.51 5.59 -27.51
CA LEU L 47 -50.87 5.12 -27.31
C LEU L 47 -50.91 3.83 -26.52
N ILE L 48 -50.18 2.84 -27.01
CA ILE L 48 -50.17 1.52 -26.41
C ILE L 48 -48.78 0.91 -26.44
N TYR L 49 -48.44 0.17 -25.39
CA TYR L 49 -47.12 -0.43 -25.27
C TYR L 49 -47.18 -1.89 -24.85
N ASP L 50 -46.08 -2.61 -25.09
CA ASP L 50 -46.03 -4.03 -24.81
C ASP L 50 -47.12 -4.75 -25.59
N ALA L 51 -47.47 -4.19 -26.75
CA ALA L 51 -48.50 -4.70 -27.65
C ALA L 51 -49.86 -4.97 -26.99
N SER L 52 -50.07 -4.54 -25.74
CA SER L 52 -51.36 -4.83 -25.09
C SER L 52 -51.72 -3.90 -23.92
N SER L 53 -50.81 -3.02 -23.52
CA SER L 53 -51.07 -2.18 -22.35
C SER L 53 -51.19 -0.71 -22.73
N LEU L 54 -52.35 -0.12 -22.44
CA LEU L 54 -52.59 1.26 -22.83
C LEU L 54 -51.82 2.25 -21.96
N GLN L 55 -51.37 3.33 -22.58
CA GLN L 55 -50.75 4.42 -21.84
C GLN L 55 -51.81 5.20 -21.10
N SER L 56 -51.46 5.72 -19.93
CA SER L 56 -52.42 6.48 -19.15
C SER L 56 -52.94 7.67 -19.94
N GLY L 57 -54.24 7.93 -19.85
CA GLY L 57 -54.87 9.05 -20.54
C GLY L 57 -55.39 8.66 -21.93
N VAL L 58 -55.08 7.45 -22.38
CA VAL L 58 -55.55 6.98 -23.68
C VAL L 58 -56.99 6.45 -23.58
N PRO L 59 -57.91 6.92 -24.42
CA PRO L 59 -59.31 6.56 -24.44
C PRO L 59 -59.54 5.10 -24.81
N SER L 60 -60.67 4.55 -24.36
CA SER L 60 -61.03 3.15 -24.53
C SER L 60 -61.16 2.71 -25.99
N ARG L 61 -61.22 3.67 -26.90
CA ARG L 61 -61.33 3.35 -28.33
C ARG L 61 -60.14 2.55 -28.81
N PHE L 62 -59.00 2.71 -28.15
CA PHE L 62 -57.77 2.05 -28.56
C PHE L 62 -57.49 0.78 -27.79
N SER L 63 -57.09 -0.27 -28.53
CA SER L 63 -56.66 -1.54 -27.94
C SER L 63 -55.78 -2.29 -28.90
N GLY L 64 -55.11 -3.33 -28.44
CA GLY L 64 -54.25 -4.09 -29.33
C GLY L 64 -53.87 -5.45 -28.77
N SER L 65 -53.27 -6.27 -29.62
CA SER L 65 -52.88 -7.63 -29.27
C SER L 65 -51.90 -8.18 -30.28
N GLY L 66 -51.33 -9.34 -29.97
CA GLY L 66 -50.44 -9.99 -30.92
C GLY L 66 -49.15 -10.45 -30.27
N SER L 67 -48.39 -11.26 -31.01
CA SER L 67 -47.14 -11.80 -30.52
C SER L 67 -46.29 -12.35 -31.65
N GLY L 68 -45.04 -12.64 -31.37
CA GLY L 68 -44.19 -13.28 -32.37
C GLY L 68 -43.99 -12.37 -33.57
N THR L 69 -44.54 -12.76 -34.71
CA THR L 69 -44.37 -11.99 -35.94
C THR L 69 -45.68 -11.40 -36.46
N GLU L 70 -46.70 -11.35 -35.62
CA GLU L 70 -47.95 -10.70 -36.02
C GLU L 70 -48.54 -9.85 -34.91
N PHE L 71 -48.60 -8.53 -35.16
CA PHE L 71 -49.14 -7.61 -34.17
C PHE L 71 -50.26 -6.76 -34.72
N THR L 72 -51.23 -6.45 -33.86
CA THR L 72 -52.39 -5.69 -34.28
C THR L 72 -52.70 -4.51 -33.36
N LEU L 73 -53.28 -3.47 -33.96
CA LEU L 73 -53.81 -2.30 -33.27
C LEU L 73 -55.20 -1.99 -33.79
N THR L 74 -56.17 -1.83 -32.90
CA THR L 74 -57.53 -1.55 -33.34
C THR L 74 -58.11 -0.30 -32.68
N ILE L 75 -58.82 0.48 -33.50
CA ILE L 75 -59.54 1.65 -33.02
C ILE L 75 -61.03 1.48 -33.28
N SER L 76 -61.84 1.57 -32.23
CA SER L 76 -63.29 1.45 -32.40
C SER L 76 -63.99 2.80 -32.46
N SER L 77 -65.00 2.90 -33.32
CA SER L 77 -65.85 4.10 -33.40
C SER L 77 -65.05 5.39 -33.60
N LEU L 78 -64.44 5.54 -34.78
CA LEU L 78 -63.57 6.69 -35.06
C LEU L 78 -64.21 8.04 -34.79
N GLN L 79 -63.44 8.92 -34.13
CA GLN L 79 -63.81 10.31 -33.91
C GLN L 79 -62.84 11.20 -34.71
N PRO L 80 -63.17 12.48 -34.94
CA PRO L 80 -62.31 13.47 -35.59
C PRO L 80 -60.93 13.50 -34.96
N GLU L 81 -60.87 13.20 -33.67
CA GLU L 81 -59.64 13.21 -32.89
C GLU L 81 -58.64 12.16 -33.37
N ASP L 82 -59.16 11.10 -34.01
CA ASP L 82 -58.37 9.94 -34.34
C ASP L 82 -57.73 9.97 -35.73
N PHE L 83 -57.93 11.03 -36.48
CA PHE L 83 -57.34 11.06 -37.82
C PHE L 83 -55.90 11.55 -37.75
N ALA L 84 -54.99 10.58 -37.67
CA ALA L 84 -53.56 10.82 -37.48
C ALA L 84 -52.74 9.73 -38.12
N THR L 85 -51.41 9.87 -38.09
CA THR L 85 -50.53 8.84 -38.62
C THR L 85 -50.02 7.97 -37.48
N TYR L 86 -50.19 6.66 -37.59
CA TYR L 86 -49.80 5.76 -36.52
C TYR L 86 -48.52 5.02 -36.83
N TYR L 87 -47.61 4.95 -35.86
CA TYR L 87 -46.31 4.32 -36.07
C TYR L 87 -46.03 3.16 -35.13
N CYS L 88 -45.34 2.15 -35.66
CA CYS L 88 -44.82 1.05 -34.87
C CYS L 88 -43.40 1.32 -34.39
N GLN L 89 -43.03 0.71 -33.28
CA GLN L 89 -41.63 0.74 -32.81
C GLN L 89 -41.16 -0.63 -32.33
N GLN L 90 -40.04 -1.10 -32.87
CA GLN L 90 -39.46 -2.36 -32.42
C GLN L 90 -38.39 -2.14 -31.37
N SER L 91 -38.68 -2.59 -30.16
CA SER L 91 -37.78 -2.41 -29.03
C SER L 91 -36.93 -3.65 -28.81
N PHE L 92 -37.09 -4.62 -29.71
CA PHE L 92 -36.46 -5.93 -29.60
C PHE L 92 -34.93 -5.91 -29.55
N SER L 93 -34.31 -5.20 -30.47
CA SER L 93 -32.86 -5.21 -30.56
C SER L 93 -32.33 -3.93 -31.20
N THR L 94 -31.03 -3.71 -31.06
CA THR L 94 -30.41 -2.52 -31.64
C THR L 94 -30.05 -2.69 -33.11
N PRO L 95 -30.04 -1.57 -33.85
CA PRO L 95 -30.62 -0.28 -33.54
C PRO L 95 -32.12 -0.40 -33.51
N TYR L 96 -32.77 0.43 -32.71
CA TYR L 96 -34.22 0.38 -32.60
C TYR L 96 -34.83 0.90 -33.88
N THR L 97 -35.94 0.31 -34.31
CA THR L 97 -36.53 0.71 -35.58
C THR L 97 -38.00 1.09 -35.49
N PHE L 98 -38.46 1.87 -36.46
CA PHE L 98 -39.84 2.34 -36.53
C PHE L 98 -40.50 1.95 -37.84
N GLY L 99 -41.82 1.93 -37.84
CA GLY L 99 -42.58 1.53 -39.02
C GLY L 99 -42.72 2.67 -40.02
N GLN L 100 -43.39 2.40 -41.14
CA GLN L 100 -43.59 3.38 -42.21
C GLN L 100 -44.59 4.45 -41.83
N GLY L 101 -45.53 4.09 -40.98
CA GLY L 101 -46.60 4.96 -40.56
C GLY L 101 -47.89 4.67 -41.34
N THR L 102 -49.01 4.64 -40.63
CA THR L 102 -50.31 4.44 -41.25
C THR L 102 -51.21 5.65 -41.06
N ARG L 103 -51.62 6.27 -42.16
CA ARG L 103 -52.40 7.50 -42.07
C ARG L 103 -53.89 7.26 -42.27
N LEU L 104 -54.70 7.88 -41.42
CA LEU L 104 -56.15 7.82 -41.57
C LEU L 104 -56.70 9.08 -42.24
N GLU L 105 -57.47 8.87 -43.29
CA GLU L 105 -58.06 9.93 -44.08
C GLU L 105 -59.52 9.64 -44.36
N ILE L 106 -60.21 10.57 -45.00
CA ILE L 106 -61.61 10.35 -45.37
C ILE L 106 -61.75 10.37 -46.89
#